data_7MZJ
#
_entry.id   7MZJ
#
_cell.length_a   39.038
_cell.length_b   104.719
_cell.length_c   127.272
_cell.angle_alpha   88.720
_cell.angle_beta   83.680
_cell.angle_gamma   82.800
#
_symmetry.space_group_name_H-M   'P 1'
#
loop_
_entity.id
_entity.type
_entity.pdbx_description
1 polymer 'WCSL 129 light chain'
2 polymer 'WCSL 129 heavy chain'
3 polymer 'Spike protein S1'
4 polymer 'PDI 93 light chain'
5 polymer 'PDI 93 heavy chain'
6 branched beta-D-mannopyranose-(1-4)-2-acetamido-2-deoxy-beta-D-glucopyranose-(1-4)-2-acetamido-2-deoxy-beta-D-glucopyranose
7 non-polymer GLYCEROL
8 water water
#
loop_
_entity_poly.entity_id
_entity_poly.type
_entity_poly.pdbx_seq_one_letter_code
_entity_poly.pdbx_strand_id
1 'polypeptide(L)'
;QSVLTQPPSASGTPGQSVSISCSGTYSNIGSNPVNWYQQVPGTAPKLLIYANDQRPSGVPDRFSGSKSATSAFLAIGGLQ
SEDDADYYCSTWDDSLPGPLFGGGTKLTVLGQPKANPTVTLFPPSSEELQANKATLVCLISDFYPGAVTVAWKADGSPVK
AGVETTKPSKQSNNKYAASSYLSLTPEQWKSHRSYSCQVTHEGSTVEKTVAPTECS
;
D,E
2 'polypeptide(L)'
;EVQLLESGGGLVQPGGSLRLSCAASGFTFSRFAMTWVRQAPGKGLEWVSAISGSGGSTYYADSVKGRFTISRDNSKNTLY
LQMNSLRAEDTAVYYCAKVGWGAFDIWGQGTMVTVSSASTKGPSVFPLAPSSKSTSGGTAALGCLVKDYFPEPVTVSWNS
GALTSGVHTFPAVLQSSGLYSLSSVVTVPSSSLGTQTYICNVNHKPSNTKVDKKVEPKSCDKTH
;
C,F
3 'polypeptide(L)'
;NITNLCPFGEVFNATRFASVYAWNRKRISNCVADYSVLYNSASFSTFKCYGVSPTKLNDLCFTNVYADSFVIRGDEVRQI
APGQTGKIADYNYKLPDDFTGCVIAWNSNNLDSKVGGNYNYLYRLFRKSNLKPFERDISTEIYQAGSTPCNGVEGFNCYF
PLQSYGFQPTNGVGYQPYRVVVLSFELLHAPATVCGPGSHHHHHH
;
B,A
4 'polypeptide(L)'
;DIQMTQSPSSLSASVGDRVTVTCRASQSIRSYLNWYQQKPGKAPKLLIYAASSLQSGVPSRFSGSGSGTDFTLTISSLQP
EDFATYYCQQSYTTPAITFGQGTRVQIKRTVAAPSVFIFPPSDEQLKSGTASVVCLLNNFYPREAKVQWKVDNALQSGNS
QESVTEQDSKDSTYSLSSTLTLSKADYEKHKVYACEVTHQGLSSPVTKSFNRGEC
;
L,M
5 'polypeptide(L)'
;VVQLVESGGGLVKPGGSLRLSCAASGFTFSYAWMSWVRQAPGKGLEWVGRIKRKSDGGTTDYAAPVKGRFTISRDDSKNT
LYLQMSSLKTEDTAVYYCTTDLCRSTSCEHDAFDIWGQGTMVTVSSASTKGPSVFPLAPSSKSTSGGTAALGCLVKDYFP
EPVTVSWNSGALTSGVHTFPAVLQSSGLYSLSSVVTVPSSSLGTQTYICNVNHKPSNTKVDKKVEPKSCDKTH
;
H,N
#
# COMPACT_ATOMS: atom_id res chain seq x y z
N SER A 2 0.05 -10.59 21.50
CA SER A 2 1.02 -10.30 22.55
C SER A 2 2.20 -9.49 22.01
N VAL A 3 2.06 -8.98 20.79
CA VAL A 3 3.11 -8.17 20.16
C VAL A 3 2.45 -7.09 19.33
N LEU A 4 3.00 -5.88 19.41
CA LEU A 4 2.52 -4.75 18.62
C LEU A 4 3.37 -4.58 17.38
N THR A 5 2.71 -4.37 16.24
CA THR A 5 3.37 -4.32 14.94
C THR A 5 3.19 -2.93 14.32
N GLN A 6 4.31 -2.32 13.93
CA GLN A 6 4.30 -1.03 13.26
C GLN A 6 5.00 -1.12 11.91
N PRO A 7 4.56 -0.34 10.92
CA PRO A 7 5.34 -0.20 9.69
C PRO A 7 6.72 0.35 9.99
N PRO A 8 7.76 -0.25 9.41
CA PRO A 8 9.13 0.10 9.84
C PRO A 8 9.59 1.49 9.45
N SER A 9 8.96 2.12 8.46
CA SER A 9 9.45 3.40 7.97
C SER A 9 8.27 4.26 7.52
N ALA A 10 8.58 5.53 7.27
CA ALA A 10 7.60 6.50 6.80
C ALA A 10 8.35 7.70 6.26
N SER A 11 7.76 8.35 5.26
CA SER A 11 8.42 9.47 4.60
C SER A 11 7.40 10.55 4.30
N GLY A 12 7.87 11.79 4.28
CA GLY A 12 7.03 12.92 3.96
C GLY A 12 7.81 14.21 3.79
N THR A 13 7.34 15.09 2.90
CA THR A 13 7.89 16.42 2.71
C THR A 13 7.44 17.34 3.83
N PRO A 14 8.26 18.34 4.17
CA PRO A 14 7.88 19.27 5.24
C PRO A 14 6.59 20.01 4.92
N GLY A 15 5.69 20.06 5.91
CA GLY A 15 4.38 20.66 5.72
C GLY A 15 3.29 19.62 5.55
N GLN A 16 3.61 18.54 4.84
CA GLN A 16 2.69 17.42 4.67
C GLN A 16 2.27 16.87 6.03
N SER A 17 1.26 16.00 5.99
CA SER A 17 0.83 15.25 7.15
C SER A 17 1.01 13.75 6.87
N VAL A 18 1.22 12.99 7.95
CA VAL A 18 1.40 11.55 7.86
C VAL A 18 0.63 10.87 8.99
N SER A 19 0.51 9.55 8.89
CA SER A 19 -0.17 8.77 9.91
C SER A 19 0.64 7.51 10.17
N ILE A 20 1.01 7.29 11.43
CA ILE A 20 1.81 6.15 11.86
C ILE A 20 0.87 5.13 12.48
N SER A 21 0.91 3.90 11.98
CA SER A 21 -0.03 2.86 12.38
C SER A 21 0.61 1.87 13.36
N CYS A 22 -0.26 1.14 14.05
CA CYS A 22 0.18 0.23 15.12
C CYS A 22 -0.97 -0.74 15.35
N SER A 23 -0.77 -2.00 15.01
CA SER A 23 -1.81 -3.02 15.06
C SER A 23 -1.53 -4.02 16.18
N GLY A 24 -2.62 -4.63 16.67
CA GLY A 24 -2.53 -5.63 17.72
C GLY A 24 -3.80 -6.43 17.88
N THR A 25 -4.17 -6.72 19.13
CA THR A 25 -5.33 -7.53 19.46
C THR A 25 -6.35 -6.68 20.22
N TYR A 26 -7.50 -7.29 20.53
CA TYR A 26 -8.44 -6.65 21.44
C TYR A 26 -7.93 -6.68 22.87
N SER A 27 -7.05 -7.62 23.21
CA SER A 27 -6.51 -7.70 24.56
C SER A 27 -5.47 -6.62 24.85
N ASN A 28 -4.92 -5.99 23.81
CA ASN A 28 -3.97 -4.91 24.05
C ASN A 28 -4.57 -3.57 23.68
N ILE A 29 -4.58 -3.24 22.38
CA ILE A 29 -5.06 -1.94 21.95
C ILE A 29 -6.56 -1.79 22.19
N GLY A 30 -7.30 -2.89 22.10
CA GLY A 30 -8.75 -2.84 22.24
C GLY A 30 -9.23 -2.65 23.66
N SER A 31 -8.53 -3.27 24.62
CA SER A 31 -8.96 -3.27 26.02
C SER A 31 -7.99 -2.54 26.94
N ASN A 32 -7.13 -1.70 26.39
CA ASN A 32 -6.16 -0.96 27.20
C ASN A 32 -5.78 0.33 26.49
N PRO A 33 -5.37 1.35 27.25
CA PRO A 33 -5.03 2.63 26.62
C PRO A 33 -3.70 2.56 25.89
N VAL A 34 -3.57 3.39 24.85
CA VAL A 34 -2.41 3.40 23.98
C VAL A 34 -1.60 4.67 24.24
N ASN A 35 -0.27 4.54 24.16
CA ASN A 35 0.62 5.68 24.28
C ASN A 35 1.47 5.78 23.02
N TRP A 36 2.08 6.95 22.83
CA TRP A 36 3.01 7.18 21.74
C TRP A 36 4.24 7.91 22.27
N TYR A 37 5.39 7.59 21.71
CA TYR A 37 6.66 8.18 22.13
C TYR A 37 7.48 8.57 20.93
N GLN A 38 8.08 9.75 20.99
CA GLN A 38 9.01 10.22 19.98
C GLN A 38 10.43 10.13 20.50
N GLN A 39 11.36 9.73 19.63
CA GLN A 39 12.75 9.56 20.01
C GLN A 39 13.63 9.94 18.84
N VAL A 40 14.28 11.10 18.95
CA VAL A 40 15.33 11.48 18.01
C VAL A 40 16.60 10.75 18.44
N PRO A 41 17.35 10.16 17.51
CA PRO A 41 18.51 9.34 17.91
C PRO A 41 19.45 10.09 18.83
N GLY A 42 19.95 9.39 19.84
CA GLY A 42 20.84 9.97 20.82
C GLY A 42 20.16 10.61 22.01
N THR A 43 18.84 10.46 22.15
CA THR A 43 18.12 11.08 23.26
C THR A 43 17.20 10.08 23.95
N ALA A 44 16.41 10.56 24.90
CA ALA A 44 15.41 9.74 25.54
C ALA A 44 14.06 9.91 24.85
N PRO A 45 13.23 8.87 24.86
CA PRO A 45 11.88 9.00 24.28
C PRO A 45 11.07 10.04 25.02
N LYS A 46 10.34 10.86 24.25
CA LYS A 46 9.47 11.88 24.79
C LYS A 46 8.02 11.45 24.59
N LEU A 47 7.20 11.63 25.63
CA LEU A 47 5.80 11.27 25.55
C LEU A 47 5.05 12.25 24.66
N LEU A 48 4.37 11.72 23.64
CA LEU A 48 3.56 12.53 22.74
C LEU A 48 2.07 12.38 22.97
N ILE A 49 1.59 11.15 23.18
CA ILE A 49 0.17 10.88 23.35
C ILE A 49 -0.01 9.88 24.48
N TYR A 50 -0.93 10.18 25.39
CA TYR A 50 -1.32 9.26 26.46
C TYR A 50 -2.83 9.07 26.43
N ALA A 51 -3.30 7.94 26.96
CA ALA A 51 -4.72 7.61 26.95
C ALA A 51 -5.30 7.72 25.54
N ASN A 52 -4.58 7.16 24.55
CA ASN A 52 -5.07 7.05 23.18
C ASN A 52 -4.96 8.35 22.38
N ASP A 53 -5.49 9.46 22.90
CA ASP A 53 -5.57 10.67 22.09
C ASP A 53 -5.41 11.94 22.93
N GLN A 54 -4.69 11.85 24.04
CA GLN A 54 -4.50 13.00 24.92
C GLN A 54 -3.05 13.46 24.83
N ARG A 55 -2.86 14.76 24.65
CA ARG A 55 -1.52 15.33 24.52
C ARG A 55 -1.04 15.83 25.87
N PRO A 56 0.11 15.39 26.36
CA PRO A 56 0.67 15.98 27.58
C PRO A 56 1.08 17.43 27.34
N SER A 57 1.36 18.12 28.45
CA SER A 57 1.75 19.52 28.39
C SER A 57 2.94 19.71 27.46
N GLY A 58 2.85 20.72 26.59
CA GLY A 58 3.96 21.10 25.75
C GLY A 58 3.98 20.47 24.37
N VAL A 59 3.11 19.50 24.10
CA VAL A 59 3.07 18.81 22.82
C VAL A 59 2.15 19.60 21.88
N PRO A 60 2.63 20.03 20.71
CA PRO A 60 1.79 20.84 19.82
C PRO A 60 0.57 20.05 19.34
N ASP A 61 -0.44 20.79 18.90
CA ASP A 61 -1.69 20.18 18.49
C ASP A 61 -1.60 19.49 17.14
N ARG A 62 -0.48 19.64 16.42
CA ARG A 62 -0.33 18.95 15.15
C ARG A 62 -0.09 17.47 15.33
N PHE A 63 0.25 17.04 16.54
CA PHE A 63 0.35 15.62 16.88
C PHE A 63 -1.02 15.14 17.37
N SER A 64 -1.59 14.18 16.65
CA SER A 64 -2.93 13.69 16.95
C SER A 64 -2.90 12.19 17.22
N GLY A 65 -3.84 11.74 18.03
CA GLY A 65 -3.96 10.33 18.37
C GLY A 65 -5.31 9.79 17.93
N SER A 66 -5.31 8.55 17.47
CA SER A 66 -6.54 7.89 17.05
C SER A 66 -6.42 6.41 17.36
N LYS A 67 -7.55 5.71 17.32
CA LYS A 67 -7.58 4.29 17.67
C LYS A 67 -8.80 3.65 17.06
N SER A 68 -8.62 2.47 16.46
CA SER A 68 -9.72 1.66 15.97
C SER A 68 -9.85 0.43 16.88
N ALA A 69 -10.47 -0.63 16.35
CA ALA A 69 -10.73 -1.81 17.16
C ALA A 69 -9.44 -2.44 17.66
N THR A 70 -8.52 -2.75 16.73
CA THR A 70 -7.29 -3.44 17.05
C THR A 70 -6.04 -2.65 16.66
N SER A 71 -6.19 -1.41 16.23
CA SER A 71 -5.07 -0.61 15.75
C SER A 71 -5.15 0.81 16.30
N ALA A 72 -3.98 1.42 16.48
CA ALA A 72 -3.86 2.81 16.90
C ALA A 72 -3.12 3.59 15.82
N PHE A 73 -3.27 4.91 15.87
CA PHE A 73 -2.71 5.76 14.82
C PHE A 73 -2.21 7.07 15.40
N LEU A 74 -1.03 7.48 14.95
CA LEU A 74 -0.44 8.75 15.32
C LEU A 74 -0.40 9.61 14.06
N ALA A 75 -1.07 10.76 14.10
CA ALA A 75 -1.10 11.68 12.99
C ALA A 75 -0.19 12.87 13.28
N ILE A 76 0.62 13.24 12.30
CA ILE A 76 1.54 14.36 12.44
C ILE A 76 1.25 15.33 11.30
N GLY A 77 0.46 16.37 11.59
CA GLY A 77 0.28 17.43 10.63
C GLY A 77 1.46 18.38 10.60
N GLY A 78 1.61 19.08 9.47
CA GLY A 78 2.69 20.02 9.32
C GLY A 78 4.05 19.46 9.68
N LEU A 79 4.49 18.45 8.93
CA LEU A 79 5.79 17.83 9.21
C LEU A 79 6.90 18.87 9.22
N GLN A 80 7.74 18.82 10.25
CA GLN A 80 8.85 19.74 10.41
C GLN A 80 10.16 18.96 10.50
N SER A 81 11.27 19.71 10.36
CA SER A 81 12.59 19.08 10.42
C SER A 81 12.79 18.35 11.73
N GLU A 82 12.37 18.94 12.84
CA GLU A 82 12.54 18.31 14.16
C GLU A 82 11.70 17.07 14.34
N ASP A 83 10.84 16.71 13.39
CA ASP A 83 10.03 15.51 13.51
C ASP A 83 10.70 14.28 12.92
N ASP A 84 11.88 14.43 12.31
CA ASP A 84 12.66 13.28 11.89
C ASP A 84 13.10 12.54 13.16
N ALA A 85 12.38 11.48 13.49
CA ALA A 85 12.68 10.68 14.67
C ALA A 85 12.00 9.33 14.49
N ASP A 86 12.07 8.51 15.53
CA ASP A 86 11.41 7.21 15.54
C ASP A 86 10.28 7.23 16.56
N TYR A 87 9.10 6.81 16.13
CA TYR A 87 7.88 6.90 16.93
C TYR A 87 7.45 5.50 17.34
N TYR A 88 7.28 5.32 18.65
CA TYR A 88 6.90 4.04 19.22
C TYR A 88 5.49 4.14 19.79
N CYS A 89 4.63 3.21 19.39
CA CYS A 89 3.36 3.00 20.08
C CYS A 89 3.58 2.06 21.27
N SER A 90 2.69 2.16 22.24
CA SER A 90 2.76 1.28 23.40
C SER A 90 1.39 1.23 24.05
N THR A 91 1.09 0.08 24.64
CA THR A 91 -0.18 -0.16 25.33
C THR A 91 0.03 -1.30 26.32
N TRP A 92 -1.05 -1.71 26.98
CA TRP A 92 -1.01 -2.81 27.92
C TRP A 92 -1.74 -4.02 27.34
N ASP A 93 -1.37 -5.20 27.82
CA ASP A 93 -2.04 -6.45 27.45
C ASP A 93 -2.65 -7.07 28.69
N ASP A 94 -3.89 -7.53 28.56
CA ASP A 94 -4.61 -8.08 29.71
C ASP A 94 -3.94 -9.31 30.30
N SER A 95 -2.93 -9.86 29.65
CA SER A 95 -2.22 -11.04 30.12
C SER A 95 -0.85 -10.72 30.71
N LEU A 96 -0.44 -9.46 30.68
CA LEU A 96 0.90 -9.09 31.13
C LEU A 96 0.82 -8.01 32.20
N PRO A 97 1.80 -7.96 33.09
CA PRO A 97 1.81 -6.93 34.14
C PRO A 97 2.40 -5.60 33.69
N GLY A 98 3.15 -5.57 32.60
CA GLY A 98 3.76 -4.36 32.12
C GLY A 98 3.37 -4.04 30.70
N PRO A 99 3.69 -2.83 30.25
CA PRO A 99 3.28 -2.41 28.90
C PRO A 99 4.17 -3.00 27.81
N LEU A 100 3.62 -3.04 26.60
CA LEU A 100 4.32 -3.51 25.42
C LEU A 100 4.67 -2.34 24.52
N PHE A 101 5.72 -2.53 23.72
CA PHE A 101 6.19 -1.54 22.77
C PHE A 101 6.20 -2.13 21.37
N GLY A 102 5.94 -1.28 20.38
CA GLY A 102 6.06 -1.68 18.99
C GLY A 102 7.49 -1.61 18.51
N GLY A 103 7.72 -2.19 17.33
CA GLY A 103 9.06 -2.20 16.77
C GLY A 103 9.61 -0.82 16.44
N GLY A 104 8.76 0.20 16.42
CA GLY A 104 9.16 1.54 16.02
C GLY A 104 8.82 1.84 14.58
N THR A 105 8.95 3.11 14.22
CA THR A 105 8.70 3.55 12.85
C THR A 105 9.57 4.78 12.58
N LYS A 106 10.54 4.64 11.68
CA LYS A 106 11.45 5.74 11.35
C LYS A 106 10.77 6.66 10.35
N LEU A 107 10.43 7.87 10.81
CA LEU A 107 9.86 8.89 9.94
C LEU A 107 10.97 9.79 9.44
N THR A 108 11.13 9.87 8.13
CA THR A 108 12.14 10.70 7.50
C THR A 108 11.47 11.94 6.91
N VAL A 109 11.87 13.11 7.38
CA VAL A 109 11.38 14.37 6.84
C VAL A 109 12.36 14.82 5.75
N LEU A 110 11.91 14.75 4.50
CA LEU A 110 12.73 15.09 3.34
C LEU A 110 12.91 16.60 3.26
N GLY A 111 13.83 17.10 4.11
CA GLY A 111 14.13 18.51 4.14
C GLY A 111 15.07 18.95 3.05
N GLN A 112 16.05 18.11 2.72
CA GLN A 112 17.05 18.40 1.70
C GLN A 112 16.79 17.58 0.43
N PRO A 113 17.23 18.07 -0.72
CA PRO A 113 17.08 17.29 -1.95
C PRO A 113 17.95 16.04 -1.91
N LYS A 114 17.55 15.05 -2.72
CA LYS A 114 18.24 13.77 -2.73
C LYS A 114 19.70 13.95 -3.14
N ALA A 115 20.59 13.19 -2.49
CA ALA A 115 22.01 13.22 -2.77
C ALA A 115 22.51 11.80 -2.98
N ASN A 116 23.12 11.54 -4.14
CA ASN A 116 23.65 10.22 -4.43
C ASN A 116 24.86 9.93 -3.56
N PRO A 117 25.09 8.65 -3.23
CA PRO A 117 26.19 8.31 -2.32
C PRO A 117 27.54 8.29 -3.02
N THR A 118 28.57 8.64 -2.25
CA THR A 118 29.95 8.56 -2.70
C THR A 118 30.56 7.25 -2.20
N VAL A 119 31.15 6.49 -3.10
CA VAL A 119 31.69 5.16 -2.79
C VAL A 119 33.20 5.19 -2.97
N THR A 120 33.92 4.65 -1.99
CA THR A 120 35.38 4.56 -2.02
C THR A 120 35.76 3.18 -1.52
N LEU A 121 36.21 2.31 -2.42
CA LEU A 121 36.58 0.95 -2.09
C LEU A 121 38.10 0.84 -2.01
N PHE A 122 38.59 0.28 -0.90
CA PHE A 122 40.01 0.09 -0.69
C PHE A 122 40.34 -1.39 -0.75
N PRO A 123 41.39 -1.79 -1.49
CA PRO A 123 41.83 -3.18 -1.44
C PRO A 123 42.49 -3.48 -0.12
N PRO A 124 42.77 -4.75 0.17
CA PRO A 124 43.53 -5.08 1.39
C PRO A 124 44.95 -4.55 1.29
N SER A 125 45.49 -4.17 2.44
CA SER A 125 46.87 -3.72 2.52
C SER A 125 47.82 -4.91 2.43
N SER A 126 49.03 -4.64 1.91
CA SER A 126 50.05 -5.69 1.85
C SER A 126 50.46 -6.14 3.24
N GLU A 127 50.54 -5.22 4.20
CA GLU A 127 50.88 -5.58 5.56
C GLU A 127 49.85 -6.55 6.14
N GLU A 128 48.56 -6.29 5.92
CA GLU A 128 47.54 -7.20 6.40
C GLU A 128 47.64 -8.56 5.71
N LEU A 129 47.90 -8.56 4.39
CA LEU A 129 48.10 -9.83 3.69
C LEU A 129 49.27 -10.60 4.27
N GLN A 130 50.40 -9.92 4.48
CA GLN A 130 51.55 -10.56 5.13
C GLN A 130 51.23 -11.00 6.55
N ALA A 131 50.16 -10.48 7.14
CA ALA A 131 49.64 -10.95 8.42
C ALA A 131 48.57 -12.03 8.25
N ASN A 132 48.42 -12.58 7.04
CA ASN A 132 47.49 -13.68 6.78
C ASN A 132 46.04 -13.26 6.96
N LYS A 133 45.72 -12.02 6.60
CA LYS A 133 44.37 -11.50 6.70
C LYS A 133 44.08 -10.63 5.49
N ALA A 134 42.79 -10.42 5.23
CA ALA A 134 42.38 -9.58 4.13
C ALA A 134 41.04 -8.94 4.47
N THR A 135 40.96 -7.63 4.30
CA THR A 135 39.75 -6.88 4.63
C THR A 135 39.52 -5.84 3.55
N LEU A 136 38.37 -5.93 2.87
CA LEU A 136 37.95 -4.91 1.91
C LEU A 136 37.08 -3.88 2.62
N VAL A 137 37.53 -2.64 2.62
CA VAL A 137 36.80 -1.55 3.26
C VAL A 137 36.20 -0.67 2.16
N CYS A 138 34.90 -0.41 2.28
CA CYS A 138 34.14 0.35 1.28
C CYS A 138 33.33 1.40 2.03
N LEU A 139 33.67 2.66 1.83
CA LEU A 139 33.09 3.76 2.61
C LEU A 139 32.06 4.52 1.77
N ILE A 140 30.89 4.73 2.35
CA ILE A 140 29.79 5.45 1.71
C ILE A 140 29.57 6.75 2.47
N SER A 141 29.55 7.87 1.74
CA SER A 141 29.49 9.18 2.37
C SER A 141 28.62 10.12 1.54
N ASP A 142 28.06 11.12 2.22
CA ASP A 142 27.37 12.25 1.58
C ASP A 142 26.18 11.77 0.74
N PHE A 143 25.25 11.08 1.40
CA PHE A 143 24.03 10.64 0.76
C PHE A 143 22.84 10.98 1.65
N TYR A 144 21.76 11.45 1.02
CA TYR A 144 20.51 11.77 1.70
C TYR A 144 19.39 11.37 0.75
N PRO A 145 18.34 10.69 1.25
CA PRO A 145 18.12 10.28 2.65
C PRO A 145 19.15 9.26 3.15
N GLY A 146 19.19 9.07 4.47
CA GLY A 146 20.15 8.20 5.10
C GLY A 146 19.76 6.74 5.19
N ALA A 147 19.69 6.06 4.05
CA ALA A 147 19.39 4.64 4.00
C ALA A 147 20.06 4.04 2.77
N VAL A 148 20.84 2.99 2.96
CA VAL A 148 21.60 2.37 1.89
C VAL A 148 21.60 0.85 2.07
N THR A 149 21.71 0.14 0.96
CA THR A 149 21.97 -1.30 0.96
C THR A 149 23.28 -1.54 0.24
N VAL A 150 24.18 -2.29 0.88
CA VAL A 150 25.49 -2.59 0.32
C VAL A 150 25.54 -4.08 -0.02
N ALA A 151 26.08 -4.39 -1.20
CA ALA A 151 26.18 -5.77 -1.66
C ALA A 151 27.59 -6.01 -2.22
N TRP A 152 28.27 -7.00 -1.65
CA TRP A 152 29.60 -7.40 -2.12
C TRP A 152 29.47 -8.54 -3.13
N LYS A 153 30.39 -8.56 -4.09
CA LYS A 153 30.37 -9.58 -5.13
C LYS A 153 31.80 -9.97 -5.49
N ALA A 154 32.03 -11.27 -5.65
CA ALA A 154 33.30 -11.81 -6.11
C ALA A 154 33.08 -12.38 -7.50
N ASP A 155 33.57 -11.67 -8.51
CA ASP A 155 33.39 -12.07 -9.91
C ASP A 155 31.91 -12.23 -10.24
N GLY A 156 31.11 -11.27 -9.80
CA GLY A 156 29.67 -11.24 -10.08
C GLY A 156 28.80 -12.03 -9.12
N SER A 157 29.29 -13.19 -8.69
CA SER A 157 28.51 -14.03 -7.78
C SER A 157 28.36 -13.33 -6.42
N PRO A 158 27.18 -13.38 -5.82
CA PRO A 158 26.97 -12.72 -4.53
C PRO A 158 27.81 -13.39 -3.44
N VAL A 159 28.47 -12.56 -2.63
CA VAL A 159 29.26 -13.06 -1.51
C VAL A 159 28.33 -13.70 -0.48
N LYS A 160 28.85 -14.66 0.27
CA LYS A 160 28.05 -15.40 1.23
C LYS A 160 28.56 -15.32 2.66
N ALA A 161 29.68 -14.64 2.91
CA ALA A 161 30.21 -14.54 4.26
C ALA A 161 31.23 -13.41 4.33
N GLY A 162 31.42 -12.91 5.55
CA GLY A 162 32.45 -11.93 5.81
C GLY A 162 32.02 -10.48 5.70
N VAL A 163 30.74 -10.22 5.48
CA VAL A 163 30.24 -8.86 5.28
C VAL A 163 29.73 -8.31 6.60
N GLU A 164 30.36 -7.24 7.09
CA GLU A 164 29.90 -6.52 8.26
C GLU A 164 29.72 -5.06 7.87
N THR A 165 28.53 -4.52 8.13
CA THR A 165 28.19 -3.17 7.69
C THR A 165 27.53 -2.42 8.83
N THR A 166 27.91 -1.14 8.99
CA THR A 166 27.32 -0.30 10.02
C THR A 166 25.96 0.23 9.57
N LYS A 167 25.27 0.87 10.49
CA LYS A 167 24.07 1.59 10.11
C LYS A 167 24.43 2.99 9.63
N PRO A 168 23.56 3.63 8.86
CA PRO A 168 23.83 5.01 8.44
C PRO A 168 23.96 5.91 9.66
N SER A 169 24.77 6.96 9.50
CA SER A 169 25.04 7.91 10.57
C SER A 169 25.17 9.30 10.00
N LYS A 170 24.55 10.28 10.65
CA LYS A 170 24.53 11.64 10.14
C LYS A 170 25.88 12.32 10.35
N GLN A 171 26.27 13.15 9.40
CA GLN A 171 27.55 13.85 9.42
C GLN A 171 27.34 15.33 9.71
N SER A 172 28.45 16.09 9.70
CA SER A 172 28.38 17.51 10.02
C SER A 172 27.54 18.27 9.01
N ASN A 173 27.52 17.85 7.76
CA ASN A 173 26.69 18.49 6.74
C ASN A 173 25.25 17.98 6.74
N ASN A 174 24.86 17.24 7.77
CA ASN A 174 23.55 16.62 7.90
C ASN A 174 23.27 15.60 6.79
N LYS A 175 24.25 15.33 5.93
CA LYS A 175 24.18 14.16 5.07
C LYS A 175 24.73 12.95 5.83
N TYR A 176 24.38 11.76 5.35
CA TYR A 176 24.65 10.53 6.09
C TYR A 176 25.81 9.76 5.46
N ALA A 177 26.40 8.89 6.28
CA ALA A 177 27.56 8.10 5.90
C ALA A 177 27.42 6.69 6.43
N ALA A 178 28.14 5.77 5.82
CA ALA A 178 28.14 4.37 6.23
C ALA A 178 29.40 3.71 5.72
N SER A 179 29.67 2.51 6.23
CA SER A 179 30.85 1.76 5.83
C SER A 179 30.52 0.27 5.85
N SER A 180 31.21 -0.47 4.97
CA SER A 180 31.04 -1.91 4.88
C SER A 180 32.40 -2.59 4.81
N TYR A 181 32.49 -3.81 5.35
CA TYR A 181 33.73 -4.55 5.41
C TYR A 181 33.53 -5.97 4.91
N LEU A 182 34.48 -6.47 4.14
CA LEU A 182 34.50 -7.86 3.68
C LEU A 182 35.77 -8.53 4.21
N SER A 183 35.60 -9.50 5.11
CA SER A 183 36.72 -10.22 5.69
C SER A 183 36.99 -11.47 4.86
N LEU A 184 38.14 -11.48 4.19
CA LEU A 184 38.52 -12.58 3.31
C LEU A 184 39.84 -13.19 3.77
N THR A 185 40.09 -14.43 3.30
CA THR A 185 41.43 -14.96 3.50
C THR A 185 42.33 -14.52 2.34
N PRO A 186 43.64 -14.38 2.59
CA PRO A 186 44.55 -14.03 1.49
C PRO A 186 44.40 -14.94 0.28
N GLU A 187 44.02 -16.20 0.49
CA GLU A 187 43.82 -17.12 -0.63
C GLU A 187 42.59 -16.73 -1.44
N GLN A 188 41.49 -16.38 -0.77
CA GLN A 188 40.27 -15.98 -1.47
C GLN A 188 40.44 -14.64 -2.18
N TRP A 189 41.20 -13.73 -1.59
CA TRP A 189 41.45 -12.45 -2.25
C TRP A 189 42.19 -12.65 -3.57
N LYS A 190 43.07 -13.64 -3.64
CA LYS A 190 43.86 -13.87 -4.84
C LYS A 190 43.22 -14.88 -5.79
N SER A 191 42.15 -15.57 -5.35
CA SER A 191 41.46 -16.58 -6.15
C SER A 191 40.37 -16.02 -7.03
N HIS A 192 40.18 -14.70 -7.05
CA HIS A 192 39.21 -14.06 -7.92
C HIS A 192 39.87 -12.94 -8.69
N ARG A 193 39.21 -12.52 -9.77
CA ARG A 193 39.72 -11.45 -10.62
C ARG A 193 39.34 -10.06 -10.14
N SER A 194 38.19 -9.93 -9.49
CA SER A 194 37.75 -8.62 -9.03
C SER A 194 36.71 -8.78 -7.94
N TYR A 195 36.69 -7.81 -7.03
CA TYR A 195 35.65 -7.68 -6.00
C TYR A 195 34.99 -6.32 -6.15
N SER A 196 33.67 -6.29 -6.06
CA SER A 196 32.91 -5.07 -6.29
C SER A 196 32.04 -4.74 -5.09
N CYS A 197 31.99 -3.45 -4.76
CA CYS A 197 31.14 -2.92 -3.68
C CYS A 197 30.01 -2.13 -4.33
N GLN A 198 28.79 -2.60 -4.16
CA GLN A 198 27.62 -2.01 -4.79
C GLN A 198 26.73 -1.38 -3.74
N VAL A 199 26.59 -0.05 -3.80
CA VAL A 199 25.86 0.73 -2.79
C VAL A 199 24.60 1.26 -3.43
N THR A 200 23.45 0.77 -2.99
CA THR A 200 22.16 1.20 -3.51
C THR A 200 21.60 2.35 -2.69
N HIS A 201 21.02 3.33 -3.37
CA HIS A 201 20.41 4.48 -2.72
C HIS A 201 19.23 4.94 -3.56
N GLU A 202 18.01 4.75 -3.05
CA GLU A 202 16.80 5.20 -3.72
C GLU A 202 16.63 4.54 -5.09
N GLY A 203 16.92 3.24 -5.17
CA GLY A 203 16.70 2.50 -6.39
C GLY A 203 17.94 2.35 -7.26
N SER A 204 18.67 3.44 -7.47
CA SER A 204 19.91 3.39 -8.24
C SER A 204 21.08 3.00 -7.36
N THR A 205 22.06 2.32 -7.96
CA THR A 205 23.19 1.78 -7.22
C THR A 205 24.49 2.11 -7.93
N VAL A 206 25.45 2.67 -7.20
CA VAL A 206 26.78 2.96 -7.71
C VAL A 206 27.72 1.84 -7.31
N GLU A 207 28.74 1.59 -8.12
CA GLU A 207 29.61 0.43 -7.94
C GLU A 207 31.07 0.82 -8.06
N LYS A 208 31.88 0.30 -7.15
CA LYS A 208 33.33 0.44 -7.18
C LYS A 208 33.95 -0.95 -7.06
N THR A 209 35.01 -1.19 -7.83
CA THR A 209 35.64 -2.49 -7.89
C THR A 209 37.14 -2.37 -7.69
N VAL A 210 37.74 -3.42 -7.13
CA VAL A 210 39.18 -3.51 -6.95
C VAL A 210 39.62 -4.91 -7.37
N ALA A 211 40.89 -5.02 -7.73
CA ALA A 211 41.47 -6.27 -8.19
C ALA A 211 42.84 -6.50 -7.56
N PRO A 212 43.24 -7.76 -7.40
CA PRO A 212 44.57 -8.04 -6.84
C PRO A 212 45.67 -7.56 -7.78
N THR A 213 46.76 -7.10 -7.17
CA THR A 213 47.91 -6.61 -7.92
C THR A 213 49.19 -7.34 -7.51
N GLU B 1 12.60 21.29 35.01
CA GLU B 1 12.27 21.18 36.42
C GLU B 1 12.47 19.74 36.92
N VAL B 2 11.60 18.85 36.46
CA VAL B 2 11.73 17.43 36.79
C VAL B 2 12.96 16.88 36.11
N GLN B 3 13.79 16.18 36.87
CA GLN B 3 15.06 15.67 36.36
C GLN B 3 15.30 14.26 36.87
N LEU B 4 15.79 13.39 35.99
CA LEU B 4 16.11 12.01 36.34
C LEU B 4 17.54 11.72 35.90
N LEU B 5 18.46 11.64 36.86
CA LEU B 5 19.87 11.43 36.59
C LEU B 5 20.22 9.97 36.84
N GLU B 6 20.67 9.29 35.80
CA GLU B 6 21.00 7.87 35.87
C GLU B 6 22.51 7.67 35.93
N SER B 7 22.92 6.57 36.54
CA SER B 7 24.34 6.25 36.70
C SER B 7 24.46 4.76 36.95
N GLY B 8 25.67 4.32 37.31
CA GLY B 8 25.89 2.92 37.63
C GLY B 8 25.96 1.99 36.45
N GLY B 9 26.28 2.51 35.27
CA GLY B 9 26.36 1.71 34.05
C GLY B 9 27.81 1.49 33.66
N GLY B 10 28.07 0.32 33.06
CA GLY B 10 29.40 0.00 32.61
C GLY B 10 29.42 -1.32 31.88
N LEU B 11 30.63 -1.85 31.69
CA LEU B 11 30.81 -3.13 31.03
C LEU B 11 30.88 -4.26 32.05
N VAL B 12 30.40 -5.43 31.64
CA VAL B 12 30.34 -6.60 32.52
C VAL B 12 30.30 -7.83 31.64
N GLN B 13 30.66 -8.98 32.22
CA GLN B 13 30.69 -10.25 31.50
C GLN B 13 29.47 -11.09 31.87
N PRO B 14 29.10 -12.03 31.01
CA PRO B 14 27.94 -12.90 31.32
C PRO B 14 28.09 -13.53 32.70
N GLY B 15 26.96 -13.58 33.43
CA GLY B 15 26.97 -14.02 34.81
C GLY B 15 27.26 -12.93 35.81
N GLY B 16 27.79 -11.79 35.37
CA GLY B 16 28.10 -10.70 36.26
C GLY B 16 26.84 -10.01 36.76
N SER B 17 27.07 -8.93 37.52
CA SER B 17 25.98 -8.19 38.13
C SER B 17 26.36 -6.72 38.14
N LEU B 18 25.34 -5.86 38.16
CA LEU B 18 25.53 -4.42 38.19
C LEU B 18 24.27 -3.77 38.73
N ARG B 19 24.45 -2.77 39.58
CA ARG B 19 23.33 -2.05 40.19
C ARG B 19 23.23 -0.67 39.57
N LEU B 20 22.10 -0.39 38.93
CA LEU B 20 21.84 0.91 38.32
C LEU B 20 21.19 1.85 39.32
N SER B 21 21.33 3.15 39.06
CA SER B 21 20.82 4.18 39.96
C SER B 21 20.23 5.33 39.16
N CYS B 22 19.18 5.93 39.72
CA CYS B 22 18.53 7.08 39.09
C CYS B 22 18.04 8.01 40.19
N ALA B 23 18.57 9.23 40.22
CA ALA B 23 18.19 10.21 41.23
C ALA B 23 17.11 11.13 40.68
N ALA B 24 16.04 11.29 41.45
CA ALA B 24 14.90 12.10 41.05
C ALA B 24 15.02 13.50 41.64
N SER B 25 14.46 14.48 40.91
CA SER B 25 14.51 15.87 41.33
C SER B 25 13.37 16.64 40.69
N GLY B 26 12.80 17.57 41.43
CA GLY B 26 11.76 18.44 40.93
C GLY B 26 10.34 17.97 41.12
N PHE B 27 10.11 16.88 41.85
CA PHE B 27 8.77 16.38 42.07
C PHE B 27 8.77 15.48 43.29
N THR B 28 7.58 15.29 43.86
CA THR B 28 7.41 14.44 45.02
C THR B 28 7.64 12.98 44.63
N PHE B 29 8.80 12.44 45.01
CA PHE B 29 9.19 11.12 44.55
C PHE B 29 8.32 10.02 45.14
N SER B 30 7.73 10.25 46.32
CA SER B 30 7.00 9.20 47.01
C SER B 30 5.62 8.94 46.41
N ARG B 31 5.06 9.90 45.68
CA ARG B 31 3.69 9.78 45.20
C ARG B 31 3.57 9.13 43.83
N PHE B 32 4.67 8.92 43.13
CA PHE B 32 4.64 8.46 41.75
C PHE B 32 5.36 7.12 41.62
N ALA B 33 4.75 6.19 40.89
CA ALA B 33 5.40 4.92 40.59
C ALA B 33 6.47 5.13 39.53
N MET B 34 7.56 4.39 39.65
CA MET B 34 8.70 4.48 38.73
C MET B 34 8.87 3.18 37.96
N THR B 35 9.57 3.27 36.84
CA THR B 35 9.74 2.13 35.95
C THR B 35 11.11 2.18 35.31
N TRP B 36 11.57 1.02 34.86
CA TRP B 36 12.80 0.87 34.09
C TRP B 36 12.45 0.39 32.69
N VAL B 37 13.05 1.02 31.68
CA VAL B 37 12.84 0.65 30.28
C VAL B 37 14.19 0.66 29.58
N ARG B 38 14.52 -0.44 28.91
CA ARG B 38 15.81 -0.58 28.26
C ARG B 38 15.64 -0.56 26.74
N GLN B 39 16.71 -0.14 26.06
CA GLN B 39 16.72 -0.03 24.61
C GLN B 39 18.00 -0.66 24.07
N ALA B 40 17.87 -1.83 23.45
CA ALA B 40 19.02 -2.50 22.87
C ALA B 40 19.60 -1.66 21.73
N PRO B 41 20.92 -1.71 21.53
CA PRO B 41 21.53 -0.92 20.46
C PRO B 41 20.88 -1.21 19.11
N GLY B 42 20.41 -0.14 18.46
CA GLY B 42 19.80 -0.25 17.15
C GLY B 42 18.43 -0.90 17.12
N LYS B 43 17.84 -1.17 18.28
CA LYS B 43 16.55 -1.83 18.38
C LYS B 43 15.57 -0.95 19.14
N GLY B 44 14.44 -1.53 19.50
CA GLY B 44 13.34 -0.80 20.09
C GLY B 44 13.43 -0.66 21.59
N LEU B 45 12.26 -0.50 22.21
CA LEU B 45 12.16 -0.31 23.65
C LEU B 45 11.47 -1.50 24.28
N GLU B 46 11.82 -1.77 25.54
CA GLU B 46 11.25 -2.89 26.27
C GLU B 46 11.13 -2.55 27.73
N TRP B 47 9.94 -2.73 28.29
CA TRP B 47 9.72 -2.47 29.70
C TRP B 47 10.43 -3.52 30.54
N VAL B 48 11.17 -3.07 31.55
CA VAL B 48 11.96 -3.98 32.37
C VAL B 48 11.23 -4.30 33.66
N SER B 49 11.05 -3.29 34.52
CA SER B 49 10.44 -3.50 35.82
C SER B 49 9.80 -2.20 36.31
N ALA B 50 8.90 -2.33 37.27
CA ALA B 50 8.20 -1.18 37.85
C ALA B 50 8.17 -1.32 39.37
N ILE B 51 7.98 -0.19 40.05
CA ILE B 51 7.95 -0.14 41.50
C ILE B 51 6.81 0.79 41.93
N SER B 52 6.22 0.47 43.08
CA SER B 52 5.21 1.33 43.66
C SER B 52 5.85 2.54 44.32
N GLY B 53 4.99 3.47 44.78
CA GLY B 53 5.51 4.67 45.40
C GLY B 53 6.32 4.41 46.65
N SER B 54 5.83 3.51 47.50
CA SER B 54 6.49 3.16 48.75
C SER B 54 7.30 1.88 48.66
N GLY B 55 7.25 1.18 47.53
CA GLY B 55 7.96 -0.06 47.38
C GLY B 55 7.17 -1.30 47.76
N GLY B 56 5.90 -1.16 48.13
CA GLY B 56 5.09 -2.30 48.48
C GLY B 56 4.69 -3.18 47.31
N SER B 57 4.84 -2.68 46.08
CA SER B 57 4.48 -3.43 44.89
C SER B 57 5.64 -3.39 43.90
N THR B 58 6.04 -4.57 43.43
CA THR B 58 7.07 -4.70 42.42
C THR B 58 6.50 -5.39 41.19
N TYR B 59 7.00 -5.00 40.02
CA TYR B 59 6.53 -5.57 38.75
C TYR B 59 7.74 -5.86 37.87
N TYR B 60 7.76 -7.05 37.29
CA TYR B 60 8.90 -7.48 36.49
C TYR B 60 8.42 -8.14 35.20
N ALA B 61 9.15 -7.91 34.12
CA ALA B 61 8.90 -8.63 32.89
C ALA B 61 9.46 -10.04 32.98
N ASP B 62 8.83 -10.97 32.25
CA ASP B 62 9.27 -12.35 32.30
C ASP B 62 10.70 -12.53 31.79
N SER B 63 11.17 -11.62 30.93
CA SER B 63 12.52 -11.76 30.39
C SER B 63 13.60 -11.47 31.42
N VAL B 64 13.25 -10.86 32.56
CA VAL B 64 14.22 -10.53 33.58
C VAL B 64 13.72 -11.00 34.93
N LYS B 65 12.62 -11.75 34.93
CA LYS B 65 12.03 -12.20 36.19
C LYS B 65 12.95 -13.19 36.90
N GLY B 66 13.02 -13.07 38.22
CA GLY B 66 13.86 -13.94 39.02
C GLY B 66 15.32 -13.56 39.06
N ARG B 67 15.74 -12.52 38.33
CA ARG B 67 17.14 -12.13 38.30
C ARG B 67 17.30 -10.67 38.68
N PHE B 68 16.57 -9.79 38.01
CA PHE B 68 16.63 -8.37 38.30
C PHE B 68 15.73 -8.02 39.47
N THR B 69 16.16 -7.04 40.26
CA THR B 69 15.42 -6.60 41.44
C THR B 69 15.34 -5.09 41.45
N ILE B 70 14.14 -4.55 41.35
CA ILE B 70 13.91 -3.11 41.40
C ILE B 70 13.66 -2.70 42.84
N SER B 71 14.02 -1.47 43.16
CA SER B 71 13.79 -0.93 44.50
C SER B 71 14.09 0.57 44.48
N ARG B 72 13.57 1.26 45.49
CA ARG B 72 13.72 2.70 45.60
C ARG B 72 14.05 3.06 47.04
N ASP B 73 14.54 4.28 47.22
CA ASP B 73 14.83 4.83 48.55
C ASP B 73 14.26 6.24 48.60
N ASN B 74 13.07 6.37 49.17
CA ASN B 74 12.41 7.68 49.23
C ASN B 74 13.15 8.65 50.13
N SER B 75 14.01 8.17 51.03
CA SER B 75 14.83 9.06 51.84
C SER B 75 15.95 9.73 51.06
N LYS B 76 16.04 9.48 49.75
CA LYS B 76 17.05 10.14 48.92
C LYS B 76 16.56 10.45 47.51
N ASN B 77 15.28 10.27 47.21
CA ASN B 77 14.74 10.56 45.88
C ASN B 77 15.50 9.80 44.81
N THR B 78 15.78 8.52 45.09
CA THR B 78 16.58 7.69 44.21
C THR B 78 15.87 6.35 43.99
N LEU B 79 15.94 5.86 42.76
CA LEU B 79 15.42 4.55 42.41
C LEU B 79 16.57 3.67 41.95
N TYR B 80 16.52 2.40 42.32
CA TYR B 80 17.61 1.47 42.08
C TYR B 80 17.15 0.27 41.25
N LEU B 81 18.08 -0.26 40.46
CA LEU B 81 17.86 -1.49 39.69
C LEU B 81 19.05 -2.41 39.95
N GLN B 82 18.77 -3.57 40.56
CA GLN B 82 19.79 -4.57 40.85
C GLN B 82 19.69 -5.68 39.81
N MET B 83 20.70 -5.79 38.95
CA MET B 83 20.72 -6.76 37.87
C MET B 83 21.68 -7.89 38.22
N ASN B 84 21.19 -9.13 38.17
CA ASN B 84 22.01 -10.30 38.46
C ASN B 84 21.89 -11.31 37.31
N SER B 85 22.91 -12.15 37.19
CA SER B 85 22.96 -13.17 36.14
C SER B 85 22.79 -12.55 34.76
N LEU B 86 23.61 -11.54 34.48
CA LEU B 86 23.46 -10.76 33.26
C LEU B 86 23.70 -11.61 32.02
N ARG B 87 22.85 -11.42 31.01
CA ARG B 87 22.97 -12.10 29.74
C ARG B 87 23.39 -11.11 28.67
N ALA B 88 23.96 -11.63 27.59
CA ALA B 88 24.36 -10.78 26.47
C ALA B 88 23.16 -10.02 25.91
N GLU B 89 21.97 -10.61 25.96
CA GLU B 89 20.77 -9.94 25.46
C GLU B 89 20.36 -8.78 26.37
N ASP B 90 20.77 -8.79 27.64
CA ASP B 90 20.49 -7.68 28.55
C ASP B 90 21.25 -6.42 28.19
N THR B 91 22.11 -6.46 27.17
CA THR B 91 22.82 -5.27 26.74
C THR B 91 21.83 -4.27 26.15
N ALA B 92 21.79 -3.07 26.72
CA ALA B 92 20.88 -2.04 26.26
C ALA B 92 21.13 -0.76 27.07
N VAL B 93 20.59 0.34 26.57
CA VAL B 93 20.56 1.60 27.31
C VAL B 93 19.32 1.56 28.20
N TYR B 94 19.53 1.52 29.52
CA TYR B 94 18.44 1.40 30.47
C TYR B 94 17.95 2.80 30.85
N TYR B 95 16.67 3.07 30.63
CA TYR B 95 16.09 4.37 30.87
C TYR B 95 15.31 4.39 32.19
N CYS B 96 15.28 5.57 32.80
CA CYS B 96 14.57 5.82 34.04
C CYS B 96 13.41 6.75 33.74
N ALA B 97 12.19 6.33 34.10
CA ALA B 97 11.01 7.09 33.74
C ALA B 97 10.01 7.10 34.88
N LYS B 98 9.19 8.15 34.92
CA LYS B 98 8.11 8.30 35.88
C LYS B 98 6.79 7.89 35.22
N VAL B 99 5.98 7.16 35.98
CA VAL B 99 4.70 6.65 35.48
C VAL B 99 3.61 7.68 35.73
N GLY B 100 2.83 7.99 34.70
CA GLY B 100 1.78 8.97 34.81
C GLY B 100 0.63 8.73 33.85
N TRP B 101 -0.55 8.43 34.38
CA TRP B 101 -1.75 8.22 33.58
C TRP B 101 -1.51 7.11 32.53
N GLY B 102 -0.95 5.99 33.00
CA GLY B 102 -0.71 4.86 32.14
C GLY B 102 0.42 5.01 31.16
N ALA B 103 1.17 6.11 31.22
CA ALA B 103 2.28 6.35 30.30
C ALA B 103 3.51 6.78 31.10
N PHE B 104 4.65 6.75 30.43
CA PHE B 104 5.92 7.20 31.01
C PHE B 104 6.15 8.62 30.50
N ASP B 105 5.83 9.61 31.34
CA ASP B 105 5.76 10.99 30.87
C ASP B 105 7.14 11.64 30.82
N ILE B 106 7.95 11.44 31.85
CA ILE B 106 9.28 12.04 31.93
C ILE B 106 10.30 10.91 31.97
N TRP B 107 11.31 11.00 31.10
CA TRP B 107 12.32 9.98 30.97
C TRP B 107 13.69 10.55 31.33
N GLY B 108 14.57 9.67 31.80
CA GLY B 108 15.97 10.02 31.98
C GLY B 108 16.76 9.78 30.71
N GLN B 109 17.93 10.41 30.63
CA GLN B 109 18.74 10.33 29.42
C GLN B 109 19.40 8.96 29.24
N GLY B 110 19.45 8.14 30.27
CA GLY B 110 19.84 6.76 30.10
C GLY B 110 21.30 6.48 30.42
N THR B 111 21.57 5.26 30.87
CA THR B 111 22.92 4.77 31.13
C THR B 111 23.12 3.47 30.37
N MET B 112 24.31 3.29 29.81
CA MET B 112 24.61 2.14 28.97
C MET B 112 25.22 1.02 29.79
N VAL B 113 24.62 -0.17 29.73
CA VAL B 113 25.14 -1.37 30.36
C VAL B 113 25.46 -2.38 29.26
N THR B 114 26.66 -2.95 29.32
CA THR B 114 27.18 -3.79 28.25
C THR B 114 27.51 -5.18 28.77
N VAL B 115 26.97 -6.19 28.12
CA VAL B 115 27.26 -7.60 28.39
C VAL B 115 27.99 -8.14 27.16
N SER B 116 29.28 -8.45 27.32
CA SER B 116 30.16 -8.69 26.18
C SER B 116 30.76 -10.08 26.17
N SER B 117 31.42 -10.49 27.26
CA SER B 117 32.19 -11.73 27.30
C SER B 117 33.45 -11.67 26.45
N ALA B 118 33.97 -10.49 26.16
CA ALA B 118 35.16 -10.33 25.34
C ALA B 118 36.27 -9.66 26.15
N SER B 119 37.51 -9.84 25.69
CA SER B 119 38.65 -9.33 26.43
C SER B 119 39.02 -7.94 25.94
N THR B 120 39.52 -7.11 26.88
CA THR B 120 40.11 -5.84 26.49
C THR B 120 41.31 -6.10 25.61
N LYS B 121 41.16 -5.86 24.32
CA LYS B 121 42.18 -6.22 23.34
C LYS B 121 42.59 -4.99 22.54
N GLY B 122 43.89 -4.84 22.34
CA GLY B 122 44.43 -3.76 21.54
C GLY B 122 44.17 -3.97 20.07
N PRO B 123 44.12 -2.87 19.31
CA PRO B 123 43.76 -2.97 17.89
C PRO B 123 44.95 -3.24 17.00
N SER B 124 44.63 -3.76 15.80
CA SER B 124 45.60 -3.93 14.74
C SER B 124 45.30 -2.91 13.65
N VAL B 125 46.24 -2.01 13.40
CA VAL B 125 46.05 -0.89 12.48
C VAL B 125 46.82 -1.17 11.20
N PHE B 126 46.11 -1.16 10.06
CA PHE B 126 46.68 -1.31 8.74
C PHE B 126 46.38 -0.08 7.90
N PRO B 127 47.28 0.32 7.01
CA PRO B 127 47.03 1.50 6.19
C PRO B 127 46.09 1.21 5.03
N LEU B 128 45.50 2.27 4.50
CA LEU B 128 44.63 2.21 3.32
C LEU B 128 45.26 3.11 2.27
N ALA B 129 46.00 2.52 1.34
CA ALA B 129 46.80 3.30 0.41
C ALA B 129 45.92 3.90 -0.68
N PRO B 130 46.21 5.14 -1.12
CA PRO B 130 45.42 5.74 -2.21
C PRO B 130 46.00 5.43 -3.58
N SER B 131 45.14 5.01 -4.51
CA SER B 131 45.55 4.79 -5.89
C SER B 131 46.70 3.79 -5.99
N GLY B 137 39.64 12.80 -9.63
CA GLY B 137 39.62 14.11 -10.26
C GLY B 137 40.41 15.16 -9.49
N GLY B 138 41.69 14.89 -9.27
CA GLY B 138 42.56 15.80 -8.56
C GLY B 138 42.51 15.72 -7.06
N THR B 139 41.72 14.80 -6.49
CA THR B 139 41.61 14.64 -5.04
C THR B 139 41.91 13.19 -4.68
N ALA B 140 42.92 12.99 -3.84
CA ALA B 140 43.31 11.66 -3.37
C ALA B 140 42.74 11.38 -2.00
N ALA B 141 42.43 10.11 -1.75
CA ALA B 141 41.84 9.68 -0.49
C ALA B 141 42.68 8.53 0.08
N LEU B 142 43.21 8.73 1.28
CA LEU B 142 43.96 7.70 1.98
C LEU B 142 43.49 7.64 3.43
N GLY B 143 43.87 6.56 4.09
CA GLY B 143 43.50 6.40 5.49
C GLY B 143 44.15 5.16 6.07
N CYS B 144 43.69 4.79 7.25
CA CYS B 144 44.19 3.59 7.90
C CYS B 144 43.06 2.89 8.62
N LEU B 145 43.06 1.56 8.55
CA LEU B 145 42.03 0.73 9.14
C LEU B 145 42.50 0.19 10.49
N VAL B 146 41.69 0.40 11.52
CA VAL B 146 41.95 -0.14 12.85
C VAL B 146 40.98 -1.29 13.07
N LYS B 147 41.51 -2.49 13.31
CA LYS B 147 40.75 -3.73 13.24
C LYS B 147 40.74 -4.45 14.58
N ASP B 148 39.62 -5.12 14.85
CA ASP B 148 39.51 -6.07 15.97
C ASP B 148 39.97 -5.44 17.29
N TYR B 149 39.28 -4.38 17.69
CA TYR B 149 39.56 -3.72 18.96
C TYR B 149 38.34 -3.83 19.86
N PHE B 150 38.59 -3.93 21.17
CA PHE B 150 37.52 -4.02 22.15
C PHE B 150 38.06 -3.60 23.51
N PRO B 151 37.31 -2.82 24.30
CA PRO B 151 36.01 -2.27 23.90
C PRO B 151 36.14 -0.86 23.33
N GLU B 152 35.03 -0.17 23.16
CA GLU B 152 35.07 1.23 22.76
C GLU B 152 35.63 2.08 23.90
N PRO B 153 36.16 3.27 23.59
CA PRO B 153 36.30 3.78 22.23
C PRO B 153 37.74 3.81 21.76
N VAL B 154 37.97 4.35 20.57
CA VAL B 154 39.31 4.66 20.08
C VAL B 154 39.36 6.15 19.76
N THR B 155 40.58 6.66 19.61
CA THR B 155 40.81 8.04 19.21
C THR B 155 41.86 8.02 18.12
N VAL B 156 41.48 8.42 16.91
CA VAL B 156 42.37 8.45 15.76
C VAL B 156 42.62 9.90 15.38
N SER B 157 43.89 10.26 15.23
CA SER B 157 44.28 11.58 14.75
C SER B 157 45.38 11.40 13.72
N TRP B 158 45.64 12.47 12.97
CA TRP B 158 46.58 12.44 11.86
C TRP B 158 47.71 13.42 12.13
N ASN B 159 48.93 12.90 12.22
CA ASN B 159 50.12 13.70 12.51
C ASN B 159 49.99 14.39 13.86
N SER B 160 49.44 13.67 14.84
CA SER B 160 49.29 14.16 16.21
C SER B 160 48.45 15.44 16.25
N GLY B 161 47.30 15.40 15.57
CA GLY B 161 46.40 16.53 15.54
C GLY B 161 46.82 17.66 14.63
N ALA B 162 47.89 17.49 13.85
CA ALA B 162 48.33 18.55 12.97
C ALA B 162 47.35 18.77 11.82
N LEU B 163 46.90 17.69 11.19
CA LEU B 163 45.99 17.76 10.06
C LEU B 163 44.56 17.52 10.56
N THR B 164 43.69 18.50 10.32
CA THR B 164 42.30 18.42 10.73
C THR B 164 41.31 18.41 9.58
N SER B 165 41.61 19.10 8.47
CA SER B 165 40.68 19.25 7.36
C SER B 165 40.73 18.04 6.44
N GLY B 166 39.56 17.52 6.09
CA GLY B 166 39.46 16.38 5.21
C GLY B 166 39.50 15.02 5.88
N VAL B 167 39.48 14.97 7.21
CA VAL B 167 39.55 13.71 7.95
C VAL B 167 38.14 13.30 8.33
N HIS B 168 37.74 12.10 7.88
CA HIS B 168 36.43 11.54 8.19
C HIS B 168 36.65 10.20 8.89
N THR B 169 36.30 10.14 10.17
CA THR B 169 36.38 8.92 10.95
C THR B 169 34.97 8.33 11.04
N PHE B 170 34.76 7.21 10.37
CA PHE B 170 33.47 6.53 10.34
C PHE B 170 33.21 5.79 11.65
N PRO B 171 31.94 5.70 12.04
CA PRO B 171 31.60 4.91 13.24
C PRO B 171 32.06 3.46 13.10
N ALA B 172 32.34 2.84 14.25
CA ALA B 172 32.85 1.49 14.26
C ALA B 172 31.74 0.47 14.00
N VAL B 173 32.13 -0.65 13.41
CA VAL B 173 31.23 -1.77 13.16
C VAL B 173 31.47 -2.82 14.24
N LEU B 174 30.39 -3.42 14.73
CA LEU B 174 30.47 -4.51 15.69
C LEU B 174 30.31 -5.82 14.93
N GLN B 175 31.39 -6.59 14.87
CA GLN B 175 31.41 -7.85 14.15
C GLN B 175 30.91 -8.99 15.03
N SER B 176 30.65 -10.13 14.39
CA SER B 176 30.38 -11.33 15.16
C SER B 176 31.56 -11.69 16.06
N SER B 177 32.75 -11.16 15.77
CA SER B 177 33.89 -11.34 16.65
C SER B 177 33.60 -10.92 18.07
N GLY B 178 32.58 -10.07 18.28
CA GLY B 178 32.50 -9.31 19.50
C GLY B 178 33.51 -8.20 19.59
N LEU B 179 34.29 -7.98 18.53
CA LEU B 179 35.32 -6.95 18.46
C LEU B 179 34.90 -5.87 17.48
N TYR B 180 35.36 -4.65 17.73
CA TYR B 180 34.99 -3.52 16.92
C TYR B 180 36.02 -3.27 15.82
N SER B 181 35.60 -2.51 14.81
CA SER B 181 36.47 -2.12 13.71
C SER B 181 35.92 -0.85 13.10
N LEU B 182 36.82 0.03 12.68
CA LEU B 182 36.42 1.27 12.03
C LEU B 182 37.55 1.71 11.11
N SER B 183 37.27 2.76 10.34
CA SER B 183 38.23 3.28 9.36
C SER B 183 38.20 4.80 9.38
N SER B 184 39.38 5.40 9.25
CA SER B 184 39.51 6.84 9.10
C SER B 184 40.21 7.12 7.77
N VAL B 185 39.70 8.11 7.04
CA VAL B 185 40.19 8.43 5.70
C VAL B 185 40.42 9.93 5.61
N VAL B 186 41.46 10.31 4.89
CA VAL B 186 41.79 11.70 4.63
C VAL B 186 41.68 11.96 3.14
N THR B 187 40.87 12.95 2.76
CA THR B 187 40.69 13.34 1.37
C THR B 187 41.46 14.64 1.14
N VAL B 188 42.61 14.52 0.50
CA VAL B 188 43.44 15.69 0.17
C VAL B 188 43.53 15.77 -1.34
N PRO B 189 43.81 16.96 -1.88
CA PRO B 189 44.05 17.08 -3.33
C PRO B 189 45.32 16.34 -3.72
N SER B 190 45.52 16.22 -5.03
CA SER B 190 46.69 15.50 -5.54
C SER B 190 47.99 16.21 -5.24
N SER B 191 47.96 17.40 -4.64
CA SER B 191 49.15 18.07 -4.13
C SER B 191 49.55 17.42 -2.81
N SER B 192 49.95 16.16 -2.89
CA SER B 192 50.15 15.33 -1.71
C SER B 192 51.61 15.25 -1.26
N LEU B 193 52.54 15.86 -1.98
CA LEU B 193 53.94 15.82 -1.60
C LEU B 193 54.25 16.69 -0.38
N GLY B 194 53.40 17.67 -0.07
CA GLY B 194 53.62 18.54 1.06
C GLY B 194 53.68 17.81 2.38
N THR B 195 52.53 17.39 2.91
CA THR B 195 52.51 16.53 4.08
C THR B 195 52.95 15.13 3.66
N GLN B 196 54.23 14.98 3.32
CA GLN B 196 54.71 13.75 2.72
C GLN B 196 54.41 12.53 3.59
N THR B 197 54.36 12.72 4.90
CA THR B 197 54.11 11.63 5.84
C THR B 197 52.71 11.81 6.43
N TYR B 198 51.75 11.04 5.90
CA TYR B 198 50.41 10.96 6.46
C TYR B 198 50.41 9.85 7.51
N ILE B 199 50.67 10.22 8.76
CA ILE B 199 50.73 9.28 9.87
C ILE B 199 49.39 9.29 10.58
N CYS B 200 48.86 8.11 10.86
CA CYS B 200 47.61 7.95 11.60
C CYS B 200 47.93 7.44 13.00
N ASN B 201 47.44 8.16 14.02
CA ASN B 201 47.73 7.88 15.41
C ASN B 201 46.46 7.38 16.08
N VAL B 202 46.44 6.10 16.44
CA VAL B 202 45.28 5.48 17.06
C VAL B 202 45.62 5.16 18.51
N ASN B 203 44.73 5.53 19.42
CA ASN B 203 44.91 5.35 20.86
C ASN B 203 43.74 4.56 21.42
N HIS B 204 44.04 3.46 22.10
CA HIS B 204 43.02 2.64 22.76
C HIS B 204 43.40 2.55 24.24
N LYS B 205 42.86 3.47 25.03
CA LYS B 205 43.27 3.65 26.42
C LYS B 205 42.86 2.47 27.30
N PRO B 206 41.62 1.98 27.21
CA PRO B 206 41.26 0.75 27.95
C PRO B 206 42.26 -0.37 27.73
N SER B 207 42.86 -0.42 26.54
CA SER B 207 43.98 -1.28 26.24
C SER B 207 45.32 -0.60 26.43
N ASN B 208 45.33 0.70 26.68
CA ASN B 208 46.55 1.50 26.63
C ASN B 208 47.44 1.05 25.47
N THR B 209 46.83 0.86 24.30
CA THR B 209 47.56 0.45 23.11
C THR B 209 47.68 1.67 22.20
N LYS B 210 48.89 2.20 22.08
CA LYS B 210 49.17 3.28 21.14
C LYS B 210 49.98 2.72 19.98
N VAL B 211 49.47 2.87 18.76
CA VAL B 211 50.12 2.37 17.57
C VAL B 211 50.03 3.43 16.49
N ASP B 212 51.18 3.83 15.94
CA ASP B 212 51.25 4.83 14.88
C ASP B 212 51.60 4.13 13.57
N LYS B 213 50.96 4.57 12.48
CA LYS B 213 51.18 3.96 11.17
C LYS B 213 51.16 5.04 10.10
N LYS B 214 52.19 5.06 9.26
CA LYS B 214 52.28 6.01 8.16
C LYS B 214 51.65 5.42 6.91
N VAL B 215 50.84 6.22 6.23
CA VAL B 215 50.14 5.77 5.02
C VAL B 215 50.79 6.41 3.81
N GLU B 216 51.72 5.70 3.18
CA GLU B 216 52.40 6.19 1.99
C GLU B 216 51.60 5.81 0.73
N PRO B 217 51.42 6.74 -0.19
CA PRO B 217 50.73 6.42 -1.44
C PRO B 217 51.46 5.30 -2.18
N LYS B 218 50.68 4.34 -2.68
CA LYS B 218 51.23 3.21 -3.43
C LYS B 218 51.60 3.64 -4.85
N ILE C 2 -52.89 31.79 22.45
CA ILE C 2 -51.94 31.63 23.54
C ILE C 2 -51.12 30.36 23.35
N THR C 3 -49.79 30.51 23.30
CA THR C 3 -48.87 29.41 23.05
C THR C 3 -47.97 29.21 24.26
N ASN C 4 -47.63 27.95 24.53
CA ASN C 4 -46.66 27.60 25.56
C ASN C 4 -45.29 27.48 24.91
N LEU C 5 -44.36 28.36 25.29
CA LEU C 5 -43.03 28.38 24.72
C LEU C 5 -42.10 27.47 25.52
N CYS C 6 -41.17 26.83 24.81
CA CYS C 6 -40.30 25.87 25.46
C CYS C 6 -39.31 26.58 26.38
N PRO C 7 -38.98 25.98 27.52
CA PRO C 7 -37.94 26.53 28.41
C PRO C 7 -36.52 26.24 27.92
N PHE C 8 -36.07 27.00 26.93
CA PHE C 8 -34.71 26.84 26.42
C PHE C 8 -33.69 27.63 27.23
N GLY C 9 -34.06 28.82 27.72
CA GLY C 9 -33.13 29.61 28.49
C GLY C 9 -32.60 28.91 29.71
N GLU C 10 -33.44 28.10 30.35
CA GLU C 10 -33.01 27.32 31.50
C GLU C 10 -31.89 26.35 31.15
N VAL C 11 -31.85 25.89 29.90
CA VAL C 11 -30.82 24.96 29.45
C VAL C 11 -29.60 25.70 28.90
N PHE C 12 -29.83 26.69 28.04
CA PHE C 12 -28.73 27.41 27.42
C PHE C 12 -28.04 28.35 28.41
N ASN C 13 -28.84 29.08 29.20
CA ASN C 13 -28.31 30.12 30.08
C ASN C 13 -28.30 29.63 31.53
N ALA C 14 -27.49 28.62 31.77
CA ALA C 14 -27.39 28.00 33.09
C ALA C 14 -26.10 28.40 33.76
N THR C 15 -26.16 28.62 35.07
CA THR C 15 -24.96 29.03 35.79
C THR C 15 -23.87 27.96 35.69
N ARG C 16 -24.25 26.69 35.84
CA ARG C 16 -23.31 25.58 35.77
C ARG C 16 -23.76 24.60 34.70
N PHE C 17 -22.81 24.13 33.90
CA PHE C 17 -23.06 23.03 32.98
C PHE C 17 -22.46 21.75 33.55
N ALA C 18 -23.08 20.63 33.21
CA ALA C 18 -22.59 19.35 33.71
C ALA C 18 -21.23 19.02 33.11
N SER C 19 -20.47 18.20 33.82
CA SER C 19 -19.29 17.59 33.23
C SER C 19 -19.72 16.55 32.20
N VAL C 20 -18.95 16.45 31.11
CA VAL C 20 -19.40 15.64 29.99
C VAL C 20 -19.59 14.19 30.39
N TYR C 21 -18.73 13.66 31.28
CA TYR C 21 -18.88 12.28 31.70
C TYR C 21 -20.22 12.05 32.39
N ALA C 22 -20.66 13.04 33.20
CA ALA C 22 -21.96 12.96 33.83
C ALA C 22 -22.93 13.91 33.14
N TRP C 23 -22.98 13.86 31.81
CA TRP C 23 -23.77 14.82 31.04
C TRP C 23 -25.21 14.85 31.52
N ASN C 24 -25.84 16.00 31.35
CA ASN C 24 -27.20 16.23 31.83
C ASN C 24 -28.19 16.14 30.68
N ARG C 25 -29.39 15.62 30.96
CA ARG C 25 -30.45 15.49 29.98
C ARG C 25 -31.75 16.01 30.56
N LYS C 26 -32.36 16.97 29.87
CA LYS C 26 -33.68 17.48 30.22
C LYS C 26 -34.65 17.14 29.11
N ARG C 27 -35.87 16.72 29.49
CA ARG C 27 -36.91 16.42 28.52
C ARG C 27 -37.69 17.68 28.20
N ILE C 28 -37.98 17.87 26.90
CA ILE C 28 -38.77 18.98 26.42
C ILE C 28 -40.05 18.41 25.84
N SER C 29 -41.19 18.87 26.35
CA SER C 29 -42.47 18.33 25.90
C SER C 29 -43.54 19.40 26.03
N ASN C 30 -44.53 19.32 25.15
CA ASN C 30 -45.74 20.16 25.21
C ASN C 30 -45.37 21.65 25.25
N CYS C 31 -44.69 22.10 24.19
CA CYS C 31 -44.34 23.51 24.08
C CYS C 31 -44.06 23.83 22.61
N VAL C 32 -43.85 25.11 22.35
CA VAL C 32 -43.55 25.62 21.01
C VAL C 32 -42.17 26.25 21.04
N ALA C 33 -41.31 25.81 20.13
CA ALA C 33 -39.91 26.24 20.09
C ALA C 33 -39.64 26.93 18.77
N ASP C 34 -39.11 28.15 18.84
CA ASP C 34 -38.66 28.88 17.65
C ASP C 34 -37.19 28.56 17.45
N TYR C 35 -36.89 27.57 16.61
CA TYR C 35 -35.52 27.12 16.44
C TYR C 35 -34.70 28.11 15.63
N SER C 36 -35.33 28.82 14.69
CA SER C 36 -34.57 29.80 13.91
C SER C 36 -33.95 30.87 14.79
N VAL C 37 -34.51 31.13 15.97
CA VAL C 37 -33.91 32.09 16.88
C VAL C 37 -32.50 31.64 17.26
N LEU C 38 -32.33 30.35 17.54
CA LEU C 38 -31.03 29.81 17.89
C LEU C 38 -30.10 29.76 16.69
N TYR C 39 -30.59 29.27 15.56
CA TYR C 39 -29.74 29.12 14.38
C TYR C 39 -29.19 30.47 13.92
N ASN C 40 -29.97 31.54 14.08
CA ASN C 40 -29.55 32.86 13.65
C ASN C 40 -29.05 33.73 14.80
N SER C 41 -28.61 33.10 15.89
CA SER C 41 -28.22 33.88 17.07
C SER C 41 -26.81 34.43 16.97
N ALA C 42 -25.93 33.75 16.23
CA ALA C 42 -24.56 34.22 16.03
C ALA C 42 -23.71 34.07 17.28
N SER C 43 -24.35 33.70 18.40
CA SER C 43 -23.60 33.42 19.62
C SER C 43 -23.03 32.00 19.63
N PHE C 44 -23.47 31.14 18.72
CA PHE C 44 -23.06 29.75 18.70
C PHE C 44 -21.97 29.54 17.65
N SER C 45 -20.81 29.03 18.08
CA SER C 45 -19.72 28.75 17.18
C SER C 45 -19.98 27.51 16.33
N THR C 46 -20.86 26.63 16.78
CA THR C 46 -21.22 25.42 16.05
C THR C 46 -22.73 25.28 16.08
N PHE C 47 -23.31 24.97 14.91
CA PHE C 47 -24.75 24.68 14.81
C PHE C 47 -24.90 23.72 13.63
N LYS C 48 -24.80 22.43 13.93
CA LYS C 48 -24.87 21.38 12.92
C LYS C 48 -26.07 20.50 13.24
N CYS C 49 -26.98 20.37 12.27
CA CYS C 49 -28.17 19.55 12.42
C CYS C 49 -28.04 18.35 11.52
N TYR C 50 -28.28 17.16 12.08
CA TYR C 50 -28.20 15.92 11.33
C TYR C 50 -29.58 15.27 11.30
N GLY C 51 -30.04 14.92 10.10
CA GLY C 51 -31.36 14.35 9.92
C GLY C 51 -32.47 15.35 9.67
N VAL C 52 -32.17 16.65 9.73
CA VAL C 52 -33.12 17.71 9.45
C VAL C 52 -32.33 18.96 9.07
N SER C 53 -33.05 19.99 8.62
CA SER C 53 -32.41 21.24 8.28
C SER C 53 -32.93 22.36 9.18
N PRO C 54 -32.04 23.23 9.67
CA PRO C 54 -32.51 24.34 10.53
C PRO C 54 -33.58 25.20 9.88
N THR C 55 -33.61 25.27 8.55
CA THR C 55 -34.61 26.08 7.88
C THR C 55 -36.02 25.51 8.08
N LYS C 56 -36.12 24.19 8.16
CA LYS C 56 -37.40 23.52 8.30
C LYS C 56 -37.74 23.18 9.75
N LEU C 57 -36.86 23.53 10.69
CA LEU C 57 -37.11 23.20 12.09
C LEU C 57 -38.38 23.86 12.60
N ASN C 58 -38.58 25.14 12.26
CA ASN C 58 -39.76 25.85 12.74
C ASN C 58 -41.05 25.31 12.15
N ASP C 59 -40.99 24.45 11.12
CA ASP C 59 -42.17 23.90 10.49
C ASP C 59 -42.42 22.44 10.84
N LEU C 60 -41.55 21.82 11.65
CA LEU C 60 -41.65 20.42 11.99
C LEU C 60 -42.13 20.24 13.43
N CYS C 61 -42.63 19.03 13.71
CA CYS C 61 -43.13 18.66 15.03
C CYS C 61 -42.55 17.30 15.43
N PHE C 62 -42.30 17.14 16.73
CA PHE C 62 -41.81 15.86 17.25
C PHE C 62 -42.56 15.52 18.53
N THR C 63 -42.66 14.22 18.80
CA THR C 63 -43.34 13.77 20.02
C THR C 63 -42.48 13.99 21.26
N ASN C 64 -41.16 14.02 21.12
CA ASN C 64 -40.29 14.21 22.26
C ASN C 64 -39.02 14.92 21.82
N VAL C 65 -38.55 15.85 22.63
CA VAL C 65 -37.31 16.58 22.40
C VAL C 65 -36.47 16.50 23.67
N TYR C 66 -35.20 16.12 23.50
CA TYR C 66 -34.27 16.03 24.62
C TYR C 66 -33.13 17.01 24.41
N ALA C 67 -32.75 17.70 25.48
CA ALA C 67 -31.65 18.64 25.46
C ALA C 67 -30.53 18.08 26.34
N ASP C 68 -29.43 17.69 25.70
CA ASP C 68 -28.25 17.22 26.42
C ASP C 68 -27.23 18.36 26.47
N SER C 69 -26.77 18.68 27.67
CA SER C 69 -25.81 19.76 27.87
C SER C 69 -24.59 19.23 28.62
N PHE C 70 -23.44 19.84 28.33
CA PHE C 70 -22.16 19.51 28.96
C PHE C 70 -21.10 20.45 28.41
N VAL C 71 -19.91 20.40 29.01
CA VAL C 71 -18.78 21.24 28.62
C VAL C 71 -17.63 20.36 28.19
N ILE C 72 -16.95 20.76 27.11
CA ILE C 72 -15.78 20.07 26.59
C ILE C 72 -14.85 21.12 25.97
N ARG C 73 -13.68 20.66 25.52
CA ARG C 73 -12.74 21.55 24.84
C ARG C 73 -13.27 21.96 23.48
N GLY C 74 -12.80 23.12 23.01
CA GLY C 74 -13.13 23.54 21.65
C GLY C 74 -12.71 22.52 20.60
N ASP C 75 -11.52 21.93 20.77
CA ASP C 75 -11.02 20.98 19.79
C ASP C 75 -11.65 19.60 19.93
N GLU C 76 -12.62 19.45 20.83
CA GLU C 76 -13.37 18.21 20.99
C GLU C 76 -14.79 18.32 20.48
N VAL C 77 -15.24 19.51 20.08
CA VAL C 77 -16.62 19.67 19.64
C VAL C 77 -16.90 18.81 18.42
N ARG C 78 -15.89 18.65 17.54
CA ARG C 78 -16.07 17.82 16.36
C ARG C 78 -16.48 16.39 16.71
N GLN C 79 -16.13 15.90 17.89
CA GLN C 79 -16.44 14.52 18.25
C GLN C 79 -17.92 14.32 18.56
N ILE C 80 -18.69 15.39 18.73
CA ILE C 80 -20.11 15.22 19.02
C ILE C 80 -20.88 14.72 17.80
N ALA C 81 -20.37 14.96 16.60
CA ALA C 81 -21.08 14.54 15.40
C ALA C 81 -21.22 13.02 15.36
N PRO C 82 -22.18 12.52 14.59
CA PRO C 82 -22.35 11.07 14.48
C PRO C 82 -21.21 10.44 13.68
N GLY C 83 -20.80 9.24 14.09
CA GLY C 83 -19.76 8.52 13.39
C GLY C 83 -18.36 9.03 13.61
N GLN C 84 -18.06 9.57 14.79
CA GLN C 84 -16.71 9.99 15.14
C GLN C 84 -16.20 9.16 16.32
N THR C 85 -14.90 9.30 16.60
CA THR C 85 -14.27 8.60 17.70
C THR C 85 -13.28 9.52 18.41
N GLY C 86 -12.75 9.05 19.53
CA GLY C 86 -11.89 9.84 20.40
C GLY C 86 -12.34 9.76 21.84
N LYS C 87 -11.63 10.50 22.70
CA LYS C 87 -11.89 10.41 24.13
C LYS C 87 -13.35 10.70 24.46
N ILE C 88 -13.92 11.75 23.86
CA ILE C 88 -15.28 12.16 24.21
C ILE C 88 -16.31 11.22 23.61
N ALA C 89 -16.21 10.96 22.30
CA ALA C 89 -17.19 10.11 21.63
C ALA C 89 -17.21 8.71 22.21
N ASP C 90 -16.03 8.17 22.53
CA ASP C 90 -15.92 6.78 22.96
C ASP C 90 -16.16 6.59 24.45
N TYR C 91 -15.67 7.50 25.30
CA TYR C 91 -15.70 7.30 26.74
C TYR C 91 -16.70 8.18 27.48
N ASN C 92 -17.18 9.27 26.88
CA ASN C 92 -17.98 10.24 27.63
C ASN C 92 -19.38 10.42 27.06
N TYR C 93 -19.51 10.82 25.80
CA TYR C 93 -20.82 11.07 25.20
C TYR C 93 -20.77 10.62 23.75
N LYS C 94 -21.70 9.74 23.37
CA LYS C 94 -21.70 9.11 22.05
C LYS C 94 -23.06 9.30 21.39
N LEU C 95 -23.08 10.06 20.29
CA LEU C 95 -24.28 10.21 19.48
C LEU C 95 -24.46 8.99 18.57
N PRO C 96 -25.69 8.57 18.33
CA PRO C 96 -25.92 7.45 17.41
C PRO C 96 -25.61 7.83 15.97
N ASP C 97 -25.42 6.79 15.14
CA ASP C 97 -25.09 7.04 13.74
C ASP C 97 -26.31 7.48 12.93
N ASP C 98 -27.51 7.10 13.35
CA ASP C 98 -28.75 7.59 12.77
C ASP C 98 -29.36 8.72 13.60
N PHE C 99 -28.51 9.65 14.04
CA PHE C 99 -28.96 10.71 14.94
C PHE C 99 -29.82 11.71 14.18
N THR C 100 -30.98 12.02 14.74
CA THR C 100 -31.86 13.06 14.23
C THR C 100 -31.90 14.17 15.27
N GLY C 101 -31.22 15.28 14.97
CA GLY C 101 -31.25 16.42 15.87
C GLY C 101 -30.18 17.42 15.47
N CYS C 102 -29.84 18.30 16.41
CA CYS C 102 -28.84 19.33 16.16
C CYS C 102 -27.82 19.32 17.29
N VAL C 103 -26.68 19.95 17.01
CA VAL C 103 -25.56 20.05 17.93
C VAL C 103 -25.16 21.52 17.99
N ILE C 104 -25.27 22.12 19.17
CA ILE C 104 -25.05 23.54 19.36
C ILE C 104 -23.96 23.73 20.42
N ALA C 105 -22.93 24.51 20.09
CA ALA C 105 -21.87 24.79 21.03
C ALA C 105 -21.48 26.26 20.94
N TRP C 106 -20.87 26.75 22.01
CA TRP C 106 -20.35 28.11 22.00
C TRP C 106 -19.23 28.22 23.01
N ASN C 107 -18.36 29.20 22.79
CA ASN C 107 -17.24 29.42 23.70
C ASN C 107 -17.74 29.93 25.03
N SER C 108 -17.18 29.38 26.11
CA SER C 108 -17.57 29.75 27.47
C SER C 108 -16.33 30.10 28.30
N ASN C 109 -15.27 30.59 27.65
CA ASN C 109 -14.05 30.91 28.37
C ASN C 109 -14.30 31.94 29.47
N ASN C 110 -15.25 32.84 29.26
CA ASN C 110 -15.58 33.89 30.22
C ASN C 110 -16.54 33.42 31.29
N LEU C 111 -16.96 32.15 31.26
CA LEU C 111 -17.86 31.59 32.26
C LEU C 111 -17.24 30.43 33.04
N ASP C 112 -16.62 29.47 32.35
CA ASP C 112 -16.21 28.23 32.98
C ASP C 112 -14.70 28.15 33.23
N SER C 113 -13.94 29.19 32.90
CA SER C 113 -12.51 29.21 33.19
C SER C 113 -12.25 29.82 34.56
N LYS C 114 -11.15 29.38 35.18
CA LYS C 114 -10.70 29.88 36.46
C LYS C 114 -9.24 30.25 36.38
N VAL C 115 -8.85 31.30 37.10
CA VAL C 115 -7.43 31.58 37.31
C VAL C 115 -6.84 30.42 38.09
N GLY C 116 -5.77 29.82 37.55
CA GLY C 116 -5.18 28.65 38.15
C GLY C 116 -5.90 27.35 37.86
N GLY C 117 -6.90 27.36 37.02
CA GLY C 117 -7.53 26.13 36.54
C GLY C 117 -8.89 25.89 37.18
N ASN C 118 -9.85 25.47 36.36
CA ASN C 118 -11.19 25.09 36.82
C ASN C 118 -11.28 23.57 36.77
N TYR C 119 -11.02 22.94 37.90
CA TYR C 119 -11.06 21.49 37.99
C TYR C 119 -12.46 20.93 38.23
N ASN C 120 -13.49 21.78 38.16
CA ASN C 120 -14.84 21.30 38.39
C ASN C 120 -15.35 20.50 37.19
N TYR C 121 -14.85 20.79 35.98
CA TYR C 121 -15.28 20.09 34.78
C TYR C 121 -14.35 18.91 34.53
N LEU C 122 -14.93 17.71 34.50
CA LEU C 122 -14.15 16.49 34.39
C LEU C 122 -14.58 15.70 33.17
N TYR C 123 -13.65 14.90 32.66
CA TYR C 123 -13.90 13.98 31.56
C TYR C 123 -13.36 12.60 31.93
N ARG C 124 -14.01 11.56 31.40
CA ARG C 124 -13.51 10.20 31.60
C ARG C 124 -12.33 9.95 30.67
N LEU C 125 -11.24 9.42 31.24
CA LEU C 125 -10.01 9.18 30.50
C LEU C 125 -9.76 7.71 30.17
N PHE C 126 -10.27 6.79 30.98
CA PHE C 126 -10.03 5.36 30.79
C PHE C 126 -11.34 4.59 30.81
N ARG C 127 -11.48 3.66 29.87
CA ARG C 127 -12.61 2.75 29.81
C ARG C 127 -12.26 1.61 28.86
N LYS C 128 -12.59 0.38 29.27
CA LYS C 128 -12.19 -0.77 28.47
C LYS C 128 -13.09 -0.97 27.25
N SER C 129 -14.37 -0.60 27.34
CA SER C 129 -15.29 -0.70 26.21
C SER C 129 -15.85 0.67 25.87
N ASN C 130 -16.05 0.92 24.58
CA ASN C 130 -16.56 2.21 24.16
C ASN C 130 -18.03 2.35 24.53
N LEU C 131 -18.47 3.60 24.69
CA LEU C 131 -19.84 3.88 25.08
C LEU C 131 -20.79 3.60 23.92
N LYS C 132 -21.97 3.09 24.24
CA LYS C 132 -23.03 2.98 23.26
C LYS C 132 -23.83 4.28 23.20
N PRO C 133 -24.56 4.51 22.12
CA PRO C 133 -25.24 5.80 21.94
C PRO C 133 -26.08 6.17 23.14
N PHE C 134 -25.91 7.42 23.61
CA PHE C 134 -26.70 8.00 24.69
C PHE C 134 -26.51 7.28 26.01
N GLU C 135 -25.41 6.53 26.14
CA GLU C 135 -25.08 5.88 27.39
C GLU C 135 -24.39 6.87 28.32
N ARG C 136 -24.54 6.61 29.62
CA ARG C 136 -24.00 7.49 30.66
C ARG C 136 -23.27 6.63 31.67
N ASP C 137 -21.97 6.87 31.83
CA ASP C 137 -21.14 6.14 32.78
C ASP C 137 -20.62 7.15 33.81
N ILE C 138 -21.13 7.06 35.03
CA ILE C 138 -20.74 7.95 36.11
C ILE C 138 -19.92 7.20 37.16
N SER C 139 -19.29 6.09 36.79
CA SER C 139 -18.52 5.30 37.74
C SER C 139 -17.21 6.01 38.09
N THR C 140 -16.69 5.69 39.28
CA THR C 140 -15.38 6.17 39.72
C THR C 140 -14.51 5.04 40.22
N GLU C 141 -14.68 3.84 39.66
N GLU C 141 -14.68 3.84 39.66
CA GLU C 141 -13.88 2.69 40.05
CA GLU C 141 -13.87 2.69 40.05
C GLU C 141 -12.47 2.78 39.49
C GLU C 141 -12.47 2.78 39.49
N ILE C 142 -11.50 2.27 40.25
CA ILE C 142 -10.11 2.31 39.82
C ILE C 142 -9.97 1.49 38.55
N TYR C 143 -9.48 2.14 37.50
CA TYR C 143 -9.28 1.45 36.22
C TYR C 143 -8.01 0.62 36.26
N GLN C 144 -8.09 -0.60 35.73
CA GLN C 144 -6.99 -1.54 35.71
C GLN C 144 -6.44 -1.66 34.30
N ALA C 145 -5.13 -1.45 34.15
CA ALA C 145 -4.45 -1.59 32.86
C ALA C 145 -3.47 -2.75 32.98
N GLY C 146 -3.69 -3.79 32.18
CA GLY C 146 -2.85 -4.97 32.25
C GLY C 146 -3.49 -6.14 32.98
N SER C 147 -2.68 -6.92 33.69
CA SER C 147 -3.15 -8.12 34.37
C SER C 147 -3.12 -8.03 35.89
N THR C 148 -2.28 -7.17 36.45
CA THR C 148 -2.15 -7.08 37.91
C THR C 148 -3.42 -6.54 38.53
N PRO C 149 -4.08 -7.27 39.43
CA PRO C 149 -5.25 -6.71 40.12
C PRO C 149 -4.90 -5.44 40.87
N CYS C 150 -5.93 -4.62 41.11
CA CYS C 150 -5.76 -3.30 41.69
C CYS C 150 -6.16 -3.20 43.15
N ASN C 151 -7.01 -4.10 43.64
CA ASN C 151 -7.42 -4.08 45.05
C ASN C 151 -8.05 -2.74 45.44
N GLY C 152 -8.40 -1.92 44.45
CA GLY C 152 -9.01 -0.63 44.74
C GLY C 152 -8.06 0.45 45.16
N VAL C 153 -6.78 0.36 44.79
CA VAL C 153 -5.79 1.38 45.11
C VAL C 153 -5.18 1.89 43.82
N GLU C 154 -4.81 3.18 43.83
CA GLU C 154 -4.07 3.76 42.72
C GLU C 154 -2.62 3.32 42.79
N GLY C 155 -2.04 3.03 41.64
CA GLY C 155 -0.66 2.57 41.59
C GLY C 155 -0.08 2.58 40.20
N PHE C 156 0.85 1.66 39.96
CA PHE C 156 1.62 1.68 38.71
C PHE C 156 0.73 1.39 37.50
N ASN C 157 -0.22 0.47 37.64
CA ASN C 157 -1.09 0.08 36.53
C ASN C 157 -2.56 0.34 36.85
N CYS C 158 -2.84 1.15 37.87
CA CYS C 158 -4.19 1.39 38.37
C CYS C 158 -4.41 2.89 38.51
N TYR C 159 -5.41 3.42 37.79
CA TYR C 159 -5.58 4.86 37.69
C TYR C 159 -7.03 5.26 37.92
N PHE C 160 -7.20 6.46 38.46
CA PHE C 160 -8.52 7.06 38.57
C PHE C 160 -9.11 7.26 37.17
N PRO C 161 -10.38 6.92 36.95
CA PRO C 161 -10.94 6.99 35.60
C PRO C 161 -11.20 8.40 35.09
N LEU C 162 -11.28 9.40 35.98
CA LEU C 162 -11.59 10.77 35.59
C LEU C 162 -10.35 11.65 35.65
N GLN C 163 -10.38 12.71 34.85
CA GLN C 163 -9.35 13.75 34.89
C GLN C 163 -10.01 15.10 34.64
N SER C 164 -9.52 16.12 35.35
CA SER C 164 -10.10 17.45 35.20
C SER C 164 -9.60 18.12 33.93
N TYR C 165 -10.38 19.09 33.45
CA TYR C 165 -9.94 19.92 32.34
C TYR C 165 -8.99 21.01 32.82
N GLY C 166 -9.27 21.61 33.98
CA GLY C 166 -8.47 22.70 34.50
C GLY C 166 -8.50 23.94 33.62
N PHE C 167 -9.68 24.31 33.12
CA PHE C 167 -9.80 25.43 32.20
C PHE C 167 -9.21 26.70 32.78
N GLN C 168 -8.30 27.32 32.04
CA GLN C 168 -7.72 28.60 32.40
C GLN C 168 -8.06 29.64 31.34
N PRO C 169 -8.31 30.89 31.73
CA PRO C 169 -8.66 31.91 30.71
C PRO C 169 -7.54 32.20 29.73
N THR C 170 -6.30 31.82 30.05
CA THR C 170 -5.16 32.03 29.18
C THR C 170 -4.93 30.88 28.21
N ASN C 171 -5.70 29.80 28.31
CA ASN C 171 -5.53 28.68 27.39
C ASN C 171 -5.87 29.10 25.96
N GLY C 172 -5.22 28.44 25.00
CA GLY C 172 -5.56 28.65 23.61
C GLY C 172 -6.98 28.22 23.30
N VAL C 173 -7.54 28.82 22.25
CA VAL C 173 -8.96 28.61 21.95
C VAL C 173 -9.28 27.13 21.80
N GLY C 174 -8.35 26.34 21.27
CA GLY C 174 -8.59 24.92 21.12
C GLY C 174 -8.79 24.21 22.44
N TYR C 175 -8.25 24.75 23.53
CA TYR C 175 -8.38 24.17 24.85
C TYR C 175 -9.40 24.87 25.73
N GLN C 176 -9.96 25.99 25.27
CA GLN C 176 -10.89 26.75 26.10
C GLN C 176 -12.19 25.97 26.29
N PRO C 177 -12.90 26.22 27.39
CA PRO C 177 -14.16 25.52 27.62
C PRO C 177 -15.22 25.97 26.63
N TYR C 178 -15.99 24.99 26.14
CA TYR C 178 -17.08 25.24 25.20
C TYR C 178 -18.32 24.54 25.73
N ARG C 179 -19.39 25.30 25.93
CA ARG C 179 -20.66 24.72 26.34
C ARG C 179 -21.36 24.13 25.12
N VAL C 180 -21.90 22.92 25.29
CA VAL C 180 -22.55 22.19 24.21
C VAL C 180 -23.96 21.86 24.62
N VAL C 181 -24.90 22.03 23.70
CA VAL C 181 -26.28 21.62 23.88
C VAL C 181 -26.66 20.76 22.69
N VAL C 182 -27.09 19.54 22.95
CA VAL C 182 -27.49 18.59 21.92
C VAL C 182 -29.00 18.43 21.99
N LEU C 183 -29.68 18.71 20.89
CA LEU C 183 -31.12 18.52 20.77
C LEU C 183 -31.38 17.28 19.93
N SER C 184 -32.06 16.30 20.52
CA SER C 184 -32.48 15.09 19.81
C SER C 184 -33.97 15.15 19.52
N PHE C 185 -34.36 14.76 18.31
CA PHE C 185 -35.75 14.80 17.87
C PHE C 185 -36.23 13.36 17.68
N GLU C 186 -36.88 12.84 18.72
CA GLU C 186 -37.46 11.50 18.66
C GLU C 186 -38.89 11.61 18.14
N LEU C 187 -39.23 10.74 17.19
CA LEU C 187 -40.57 10.76 16.61
C LEU C 187 -41.11 9.34 16.59
N LEU C 188 -42.17 9.11 17.35
CA LEU C 188 -42.85 7.83 17.42
C LEU C 188 -44.24 7.96 16.83
N HIS C 189 -44.94 6.84 16.79
CA HIS C 189 -46.35 6.81 16.37
C HIS C 189 -47.27 7.17 17.52
N ALA C 190 -46.95 8.29 18.15
CA ALA C 190 -47.71 8.88 19.23
C ALA C 190 -47.93 10.35 18.89
N PRO C 191 -48.84 11.02 19.60
CA PRO C 191 -49.07 12.44 19.31
C PRO C 191 -47.82 13.26 19.51
N ALA C 192 -47.54 14.15 18.56
CA ALA C 192 -46.40 15.06 18.65
C ALA C 192 -46.76 16.22 19.58
N THR C 193 -45.84 16.56 20.49
CA THR C 193 -46.08 17.59 21.48
C THR C 193 -45.13 18.77 21.41
N VAL C 194 -43.96 18.63 20.79
CA VAL C 194 -43.01 19.72 20.61
C VAL C 194 -43.04 20.13 19.15
N CYS C 195 -43.43 21.38 18.90
CA CYS C 195 -43.64 21.88 17.55
C CYS C 195 -42.88 23.19 17.34
N GLY C 196 -42.67 23.50 16.07
CA GLY C 196 -42.19 24.81 15.68
C GLY C 196 -43.33 25.78 15.51
N PRO C 197 -43.00 27.07 15.35
CA PRO C 197 -44.07 28.07 15.19
C PRO C 197 -44.89 27.91 13.94
N GLY C 198 -44.35 27.28 12.89
CA GLY C 198 -45.06 27.14 11.64
C GLY C 198 -45.78 25.80 11.48
N SER C 199 -46.82 25.59 12.28
CA SER C 199 -47.62 24.36 12.19
C SER C 199 -49.02 24.55 12.77
N SER D 2 -24.44 -8.61 -21.63
CA SER D 2 -23.62 -8.11 -22.72
C SER D 2 -22.49 -7.21 -22.22
N VAL D 3 -22.14 -7.35 -20.94
CA VAL D 3 -21.11 -6.53 -20.31
C VAL D 3 -20.11 -7.41 -19.60
N LEU D 4 -18.86 -6.94 -19.54
CA LEU D 4 -17.79 -7.62 -18.81
C LEU D 4 -17.50 -6.85 -17.54
N THR D 5 -17.51 -7.55 -16.40
CA THR D 5 -17.37 -6.91 -15.10
C THR D 5 -16.03 -7.30 -14.48
N GLN D 6 -15.20 -6.30 -14.19
CA GLN D 6 -13.94 -6.47 -13.50
C GLN D 6 -13.97 -5.73 -12.17
N PRO D 7 -13.33 -6.27 -11.13
CA PRO D 7 -13.15 -5.50 -9.90
C PRO D 7 -12.27 -4.28 -10.13
N PRO D 8 -12.58 -3.15 -9.50
CA PRO D 8 -11.83 -1.93 -9.81
C PRO D 8 -10.38 -1.97 -9.33
N SER D 9 -10.07 -2.72 -8.29
CA SER D 9 -8.74 -2.65 -7.70
C SER D 9 -8.27 -4.03 -7.26
N ALA D 10 -6.95 -4.20 -7.29
CA ALA D 10 -6.30 -5.38 -6.75
C ALA D 10 -4.90 -4.96 -6.31
N SER D 11 -4.38 -5.63 -5.28
CA SER D 11 -3.10 -5.26 -4.71
C SER D 11 -2.34 -6.51 -4.31
N GLY D 12 -1.02 -6.36 -4.24
CA GLY D 12 -0.15 -7.43 -3.80
C GLY D 12 1.27 -6.92 -3.59
N THR D 13 2.02 -7.58 -2.71
CA THR D 13 3.40 -7.18 -2.45
C THR D 13 4.35 -7.86 -3.42
N PRO D 14 5.50 -7.24 -3.70
CA PRO D 14 6.46 -7.84 -4.64
C PRO D 14 6.83 -9.26 -4.23
N GLY D 15 6.75 -10.19 -5.19
CA GLY D 15 7.03 -11.58 -4.96
C GLY D 15 5.78 -12.44 -4.79
N GLN D 16 4.69 -11.85 -4.31
CA GLN D 16 3.44 -12.58 -4.17
C GLN D 16 2.72 -12.65 -5.52
N SER D 17 1.62 -13.40 -5.55
CA SER D 17 0.87 -13.61 -6.77
C SER D 17 -0.56 -13.08 -6.61
N VAL D 18 -1.13 -12.63 -7.73
CA VAL D 18 -2.46 -12.05 -7.77
C VAL D 18 -3.23 -12.67 -8.93
N SER D 19 -4.55 -12.56 -8.86
CA SER D 19 -5.43 -13.05 -9.91
C SER D 19 -6.59 -12.08 -10.10
N ILE D 20 -6.75 -11.58 -11.32
CA ILE D 20 -7.76 -10.59 -11.65
C ILE D 20 -8.90 -11.28 -12.37
N SER D 21 -10.12 -10.96 -11.97
CA SER D 21 -11.31 -11.64 -12.46
C SER D 21 -11.95 -10.89 -13.61
N CYS D 22 -12.72 -11.63 -14.41
CA CYS D 22 -13.53 -11.04 -15.47
C CYS D 22 -14.82 -11.85 -15.55
N SER D 23 -15.93 -11.21 -15.16
CA SER D 23 -17.25 -11.83 -15.08
C SER D 23 -18.07 -11.54 -16.34
N GLY D 24 -18.68 -12.56 -16.89
CA GLY D 24 -19.55 -12.40 -18.06
C GLY D 24 -20.61 -13.46 -18.05
N THR D 25 -20.94 -13.97 -19.22
CA THR D 25 -21.98 -14.98 -19.35
C THR D 25 -21.60 -15.94 -20.47
N TYR D 26 -22.42 -16.96 -20.66
CA TYR D 26 -22.19 -17.93 -21.73
C TYR D 26 -22.23 -17.27 -23.10
N SER D 27 -22.90 -16.13 -23.24
CA SER D 27 -23.00 -15.49 -24.54
C SER D 27 -21.65 -14.97 -25.01
N ASN D 28 -20.78 -14.58 -24.08
CA ASN D 28 -19.48 -14.00 -24.43
C ASN D 28 -18.33 -14.86 -23.91
N ILE D 29 -18.03 -14.81 -22.61
CA ILE D 29 -16.84 -15.50 -22.09
C ILE D 29 -16.96 -17.01 -22.30
N GLY D 30 -18.18 -17.55 -22.11
CA GLY D 30 -18.35 -18.99 -22.20
C GLY D 30 -18.22 -19.56 -23.60
N SER D 31 -18.40 -18.73 -24.63
CA SER D 31 -18.46 -19.21 -26.01
C SER D 31 -17.45 -18.52 -26.93
N ASN D 32 -16.49 -17.77 -26.38
CA ASN D 32 -15.56 -17.03 -27.20
C ASN D 32 -14.21 -17.00 -26.50
N PRO D 33 -13.12 -16.80 -27.24
CA PRO D 33 -11.81 -16.72 -26.60
C PRO D 33 -11.65 -15.40 -25.86
N VAL D 34 -10.96 -15.47 -24.72
CA VAL D 34 -10.75 -14.32 -23.84
C VAL D 34 -9.34 -13.79 -24.04
N ASN D 35 -9.21 -12.47 -24.05
CA ASN D 35 -7.92 -11.80 -24.17
C ASN D 35 -7.69 -10.89 -22.97
N TRP D 36 -6.42 -10.75 -22.59
CA TRP D 36 -6.01 -9.90 -21.48
C TRP D 36 -5.00 -8.87 -21.95
N TYR D 37 -5.17 -7.63 -21.50
CA TYR D 37 -4.31 -6.53 -21.88
C TYR D 37 -3.82 -5.80 -20.65
N GLN D 38 -2.59 -5.28 -20.74
CA GLN D 38 -1.99 -4.49 -19.68
C GLN D 38 -1.73 -3.08 -20.21
N GLN D 39 -2.15 -2.09 -19.43
CA GLN D 39 -1.98 -0.68 -19.81
C GLN D 39 -1.41 0.09 -18.63
N VAL D 40 -0.17 0.57 -18.79
CA VAL D 40 0.38 1.53 -17.83
C VAL D 40 -0.19 2.91 -18.14
N PRO D 41 -0.73 3.62 -17.14
CA PRO D 41 -1.32 4.94 -17.41
C PRO D 41 -0.36 5.86 -18.15
N GLY D 42 -0.62 6.09 -19.43
CA GLY D 42 0.23 6.95 -20.24
C GLY D 42 0.71 6.30 -21.53
N THR D 43 0.54 4.98 -21.64
CA THR D 43 0.96 4.23 -22.82
C THR D 43 -0.21 3.39 -23.33
N ALA D 44 0.01 2.69 -24.44
CA ALA D 44 -1.02 1.89 -25.06
C ALA D 44 -1.12 0.52 -24.38
N PRO D 45 -2.29 -0.12 -24.46
CA PRO D 45 -2.42 -1.47 -23.89
C PRO D 45 -1.48 -2.45 -24.58
N LYS D 46 -1.01 -3.44 -23.81
CA LYS D 46 -0.13 -4.48 -24.31
C LYS D 46 -0.79 -5.84 -24.09
N LEU D 47 -0.72 -6.70 -25.10
CA LEU D 47 -1.36 -8.01 -25.04
C LEU D 47 -0.54 -8.96 -24.18
N LEU D 48 -1.18 -9.53 -23.15
CA LEU D 48 -0.56 -10.51 -22.29
C LEU D 48 -1.05 -11.93 -22.56
N ILE D 49 -2.36 -12.12 -22.70
CA ILE D 49 -2.94 -13.43 -22.90
C ILE D 49 -3.93 -13.34 -24.05
N TYR D 50 -3.80 -14.25 -25.01
CA TYR D 50 -4.77 -14.41 -26.08
C TYR D 50 -5.28 -15.85 -26.06
N ALA D 51 -6.47 -16.05 -26.62
CA ALA D 51 -7.10 -17.37 -26.66
C ALA D 51 -7.13 -18.02 -25.27
N ASN D 52 -7.54 -17.24 -24.27
CA ASN D 52 -7.80 -17.75 -22.94
C ASN D 52 -6.53 -17.96 -22.11
N ASP D 53 -5.50 -18.59 -22.70
CA ASP D 53 -4.35 -19.00 -21.88
C ASP D 53 -3.05 -19.08 -22.70
N GLN D 54 -2.92 -18.28 -23.74
CA GLN D 54 -1.74 -18.29 -24.58
C GLN D 54 -1.04 -16.93 -24.47
N ARG D 55 0.30 -16.97 -24.33
CA ARG D 55 1.12 -15.77 -24.27
C ARG D 55 1.84 -15.56 -25.59
N PRO D 56 1.81 -14.35 -26.15
CA PRO D 56 2.62 -14.07 -27.33
C PRO D 56 4.10 -14.00 -26.99
N SER D 57 4.92 -13.98 -28.04
CA SER D 57 6.37 -13.96 -27.86
C SER D 57 6.78 -12.66 -27.19
N GLY D 58 7.33 -12.78 -25.98
CA GLY D 58 7.78 -11.64 -25.20
C GLY D 58 7.12 -11.49 -23.85
N VAL D 59 6.01 -12.18 -23.61
CA VAL D 59 5.30 -12.12 -22.33
C VAL D 59 5.84 -13.20 -21.41
N PRO D 60 6.30 -12.86 -20.22
CA PRO D 60 6.95 -13.86 -19.35
C PRO D 60 5.95 -14.90 -18.86
N ASP D 61 6.52 -16.02 -18.39
CA ASP D 61 5.73 -17.11 -17.84
C ASP D 61 4.99 -16.71 -16.57
N ARG D 62 5.28 -15.54 -15.99
CA ARG D 62 4.60 -15.13 -14.78
C ARG D 62 3.13 -14.87 -15.00
N PHE D 63 2.76 -14.39 -16.20
CA PHE D 63 1.37 -14.12 -16.55
C PHE D 63 0.72 -15.39 -17.08
N SER D 64 -0.33 -15.86 -16.41
CA SER D 64 -1.08 -17.03 -16.83
C SER D 64 -2.54 -16.66 -17.04
N GLY D 65 -3.19 -17.38 -17.95
CA GLY D 65 -4.59 -17.17 -18.25
C GLY D 65 -5.41 -18.43 -17.99
N SER D 66 -6.63 -18.23 -17.50
CA SER D 66 -7.56 -19.33 -17.23
C SER D 66 -8.98 -18.83 -17.45
N LYS D 67 -9.88 -19.79 -17.69
CA LYS D 67 -11.27 -19.48 -18.00
C LYS D 67 -12.19 -20.50 -17.36
N SER D 68 -13.30 -20.03 -16.82
CA SER D 68 -14.34 -20.87 -16.27
C SER D 68 -15.53 -20.88 -17.22
N ALA D 69 -16.71 -21.19 -16.69
CA ALA D 69 -17.90 -21.23 -17.54
C ALA D 69 -18.28 -19.83 -18.02
N THR D 70 -18.32 -18.86 -17.11
CA THR D 70 -18.72 -17.50 -17.44
C THR D 70 -17.76 -16.46 -16.86
N SER D 71 -16.56 -16.87 -16.44
CA SER D 71 -15.59 -15.93 -15.90
C SER D 71 -14.19 -16.37 -16.29
N ALA D 72 -13.32 -15.39 -16.52
CA ALA D 72 -11.93 -15.62 -16.86
C ALA D 72 -11.04 -14.94 -15.82
N PHE D 73 -9.77 -15.36 -15.79
CA PHE D 73 -8.84 -14.92 -14.76
C PHE D 73 -7.47 -14.66 -15.35
N LEU D 74 -6.82 -13.61 -14.88
CA LEU D 74 -5.44 -13.29 -15.21
C LEU D 74 -4.60 -13.45 -13.95
N ALA D 75 -3.82 -14.51 -13.88
CA ALA D 75 -2.95 -14.76 -12.73
C ALA D 75 -1.58 -14.16 -13.02
N ILE D 76 -1.12 -13.29 -12.13
CA ILE D 76 0.19 -12.66 -12.24
C ILE D 76 1.08 -13.21 -11.14
N GLY D 77 2.21 -13.81 -11.52
CA GLY D 77 3.14 -14.35 -10.56
C GLY D 77 4.39 -13.53 -10.40
N GLY D 78 5.08 -13.67 -9.27
CA GLY D 78 6.28 -12.90 -9.01
C GLY D 78 6.09 -11.43 -9.24
N LEU D 79 5.14 -10.83 -8.52
CA LEU D 79 4.81 -9.43 -8.75
C LEU D 79 6.05 -8.55 -8.66
N GLN D 80 6.21 -7.68 -9.67
CA GLN D 80 7.30 -6.73 -9.72
C GLN D 80 6.75 -5.33 -9.96
N SER D 81 7.58 -4.33 -9.67
CA SER D 81 7.12 -2.94 -9.77
C SER D 81 6.58 -2.63 -11.16
N GLU D 82 7.14 -3.26 -12.21
CA GLU D 82 6.68 -3.00 -13.57
C GLU D 82 5.27 -3.50 -13.82
N ASP D 83 4.72 -4.35 -12.94
CA ASP D 83 3.38 -4.87 -13.10
C ASP D 83 2.31 -3.97 -12.52
N ASP D 84 2.69 -2.83 -11.97
CA ASP D 84 1.74 -1.85 -11.42
C ASP D 84 1.11 -1.10 -12.59
N ALA D 85 -0.09 -1.51 -12.98
CA ALA D 85 -0.75 -0.90 -14.13
C ALA D 85 -2.22 -1.31 -14.11
N ASP D 86 -2.95 -0.91 -15.16
CA ASP D 86 -4.34 -1.29 -15.35
C ASP D 86 -4.42 -2.49 -16.28
N TYR D 87 -5.27 -3.46 -15.93
CA TYR D 87 -5.41 -4.70 -16.67
C TYR D 87 -6.84 -4.85 -17.13
N TYR D 88 -7.01 -5.14 -18.42
CA TYR D 88 -8.35 -5.20 -19.03
C TYR D 88 -8.60 -6.62 -19.52
N CYS D 89 -9.82 -7.15 -19.37
CA CYS D 89 -10.16 -8.35 -20.13
C CYS D 89 -11.03 -7.94 -21.31
N SER D 90 -11.27 -8.92 -22.18
CA SER D 90 -11.94 -8.64 -23.45
C SER D 90 -12.22 -9.96 -24.14
N THR D 91 -13.44 -10.09 -24.67
CA THR D 91 -13.86 -11.27 -25.40
C THR D 91 -14.92 -10.86 -26.42
N TRP D 92 -15.31 -11.82 -27.25
CA TRP D 92 -16.36 -11.59 -28.23
C TRP D 92 -17.70 -12.01 -27.66
N ASP D 93 -18.77 -11.49 -28.26
CA ASP D 93 -20.13 -11.86 -27.90
C ASP D 93 -20.86 -12.35 -29.14
N ASP D 94 -21.67 -13.40 -28.98
CA ASP D 94 -22.40 -13.96 -30.10
C ASP D 94 -23.37 -12.97 -30.72
N SER D 95 -23.79 -11.96 -29.96
CA SER D 95 -24.75 -10.97 -30.44
C SER D 95 -24.08 -9.71 -30.98
N LEU D 96 -22.75 -9.60 -30.87
CA LEU D 96 -22.04 -8.40 -31.28
C LEU D 96 -20.95 -8.74 -32.30
N PRO D 97 -20.69 -7.85 -33.24
CA PRO D 97 -19.67 -8.14 -34.27
C PRO D 97 -18.25 -7.90 -33.77
N GLY D 98 -18.10 -6.94 -32.87
CA GLY D 98 -16.79 -6.58 -32.36
C GLY D 98 -16.56 -7.08 -30.95
N PRO D 99 -15.30 -7.09 -30.53
CA PRO D 99 -14.96 -7.59 -29.19
C PRO D 99 -15.37 -6.60 -28.10
N LEU D 100 -15.81 -7.15 -26.98
CA LEU D 100 -16.13 -6.35 -25.80
C LEU D 100 -14.88 -6.15 -24.95
N PHE D 101 -14.97 -5.21 -24.01
CA PHE D 101 -13.88 -4.87 -23.11
C PHE D 101 -14.41 -4.74 -21.70
N GLY D 102 -13.62 -5.21 -20.73
CA GLY D 102 -13.97 -5.02 -19.34
C GLY D 102 -13.59 -3.65 -18.85
N GLY D 103 -14.16 -3.28 -17.69
CA GLY D 103 -13.90 -1.97 -17.13
C GLY D 103 -12.45 -1.74 -16.75
N GLY D 104 -11.71 -2.80 -16.48
CA GLY D 104 -10.33 -2.68 -16.10
C GLY D 104 -10.13 -2.76 -14.60
N THR D 105 -9.00 -3.32 -14.20
CA THR D 105 -8.62 -3.47 -12.80
C THR D 105 -7.31 -2.73 -12.55
N LYS D 106 -7.30 -1.85 -11.55
CA LYS D 106 -6.09 -1.13 -11.16
C LYS D 106 -5.30 -2.00 -10.20
N LEU D 107 -4.13 -2.46 -10.64
CA LEU D 107 -3.25 -3.29 -9.81
C LEU D 107 -2.14 -2.43 -9.24
N THR D 108 -2.07 -2.36 -7.92
CA THR D 108 -1.02 -1.64 -7.22
C THR D 108 -0.05 -2.64 -6.59
N VAL D 109 1.21 -2.56 -6.96
CA VAL D 109 2.27 -3.35 -6.33
C VAL D 109 2.84 -2.52 -5.20
N LEU D 110 2.69 -3.01 -3.96
CA LEU D 110 3.04 -2.25 -2.78
C LEU D 110 4.54 -2.30 -2.56
N GLY D 111 5.24 -1.40 -3.25
CA GLY D 111 6.65 -1.15 -3.06
C GLY D 111 6.95 0.01 -2.14
N GLN D 112 5.92 0.65 -1.61
CA GLN D 112 5.99 1.80 -0.73
C GLN D 112 5.03 1.60 0.44
N PRO D 113 5.38 2.10 1.62
CA PRO D 113 4.44 2.01 2.75
C PRO D 113 3.14 2.74 2.44
N LYS D 114 2.06 2.26 3.05
CA LYS D 114 0.76 2.91 2.91
C LYS D 114 0.82 4.32 3.50
N ALA D 115 0.57 5.32 2.66
CA ALA D 115 0.60 6.72 3.08
C ALA D 115 -0.81 7.30 3.00
N ASN D 116 -1.24 7.93 4.09
CA ASN D 116 -2.55 8.53 4.14
C ASN D 116 -2.54 9.93 3.55
N PRO D 117 -3.69 10.42 3.09
CA PRO D 117 -3.69 11.68 2.34
C PRO D 117 -3.48 12.90 3.22
N THR D 118 -2.78 13.88 2.66
CA THR D 118 -2.60 15.19 3.29
C THR D 118 -3.52 16.19 2.60
N VAL D 119 -4.40 16.80 3.38
CA VAL D 119 -5.48 17.64 2.86
C VAL D 119 -5.18 19.09 3.17
N THR D 120 -5.35 19.94 2.18
CA THR D 120 -5.23 21.39 2.35
C THR D 120 -6.47 22.04 1.72
N LEU D 121 -7.26 22.73 2.54
CA LEU D 121 -8.54 23.30 2.11
C LEU D 121 -8.44 24.82 2.13
N PHE D 122 -8.60 25.43 0.95
CA PHE D 122 -8.52 26.88 0.84
C PHE D 122 -9.92 27.50 0.75
N PRO D 123 -10.15 28.58 1.49
CA PRO D 123 -11.42 29.30 1.37
C PRO D 123 -11.42 30.20 0.15
N PRO D 124 -12.58 30.76 -0.23
CA PRO D 124 -12.62 31.66 -1.38
C PRO D 124 -11.77 32.91 -1.14
N SER D 125 -11.05 33.32 -2.18
CA SER D 125 -10.19 34.50 -2.07
C SER D 125 -11.03 35.77 -2.03
N SER D 126 -10.46 36.81 -1.42
CA SER D 126 -11.16 38.10 -1.33
C SER D 126 -11.43 38.67 -2.71
N GLU D 127 -10.60 38.32 -3.71
CA GLU D 127 -10.82 38.82 -5.06
C GLU D 127 -11.96 38.08 -5.76
N GLU D 128 -12.09 36.77 -5.53
CA GLU D 128 -13.18 36.02 -6.15
C GLU D 128 -14.53 36.44 -5.57
N LEU D 129 -14.59 36.68 -4.26
CA LEU D 129 -15.84 37.12 -3.65
C LEU D 129 -16.28 38.48 -4.17
N GLN D 130 -15.32 39.35 -4.49
CA GLN D 130 -15.65 40.65 -5.06
C GLN D 130 -16.20 40.53 -6.48
N ALA D 131 -15.89 39.45 -7.19
CA ALA D 131 -16.50 39.17 -8.48
C ALA D 131 -17.79 38.37 -8.36
N ASN D 132 -18.36 38.30 -7.15
CA ASN D 132 -19.57 37.52 -6.88
C ASN D 132 -19.41 36.07 -7.34
N LYS D 133 -18.31 35.45 -6.90
CA LYS D 133 -18.04 34.05 -7.14
C LYS D 133 -17.33 33.48 -5.92
N ALA D 134 -17.48 32.17 -5.73
CA ALA D 134 -16.91 31.50 -4.56
C ALA D 134 -16.54 30.07 -4.94
N THR D 135 -15.31 29.69 -4.62
CA THR D 135 -14.81 28.36 -4.96
C THR D 135 -13.98 27.84 -3.80
N LEU D 136 -14.37 26.70 -3.24
CA LEU D 136 -13.59 26.04 -2.20
C LEU D 136 -12.62 25.07 -2.85
N VAL D 137 -11.35 25.20 -2.51
CA VAL D 137 -10.28 24.38 -3.10
C VAL D 137 -9.75 23.44 -2.02
N CYS D 138 -9.88 22.15 -2.26
CA CYS D 138 -9.47 21.10 -1.32
C CYS D 138 -8.47 20.21 -2.05
N LEU D 139 -7.19 20.39 -1.76
CA LEU D 139 -6.11 19.70 -2.46
C LEU D 139 -5.65 18.49 -1.67
N ILE D 140 -5.52 17.36 -2.35
CA ILE D 140 -5.16 16.07 -1.76
C ILE D 140 -3.84 15.62 -2.38
N SER D 141 -2.91 15.18 -1.53
CA SER D 141 -1.61 14.80 -2.02
C SER D 141 -1.00 13.74 -1.11
N ASP D 142 -0.01 13.03 -1.66
CA ASP D 142 0.84 12.12 -0.91
C ASP D 142 0.04 11.01 -0.21
N PHE D 143 -0.87 10.38 -0.94
CA PHE D 143 -1.58 9.21 -0.45
C PHE D 143 -1.20 8.01 -1.31
N TYR D 144 -1.17 6.83 -0.68
CA TYR D 144 -0.76 5.60 -1.34
C TYR D 144 -1.47 4.44 -0.65
N PRO D 145 -2.09 3.51 -1.40
CA PRO D 145 -2.21 3.52 -2.87
C PRO D 145 -3.08 4.66 -3.39
N GLY D 146 -3.17 4.80 -4.71
CA GLY D 146 -3.87 5.91 -5.32
C GLY D 146 -5.36 5.69 -5.49
N ALA D 147 -6.14 6.03 -4.46
CA ALA D 147 -7.58 5.87 -4.52
C ALA D 147 -8.21 6.53 -3.30
N VAL D 148 -9.00 7.58 -3.54
CA VAL D 148 -9.62 8.34 -2.46
C VAL D 148 -11.03 8.74 -2.89
N THR D 149 -11.89 8.91 -1.90
CA THR D 149 -13.24 9.42 -2.11
C THR D 149 -13.39 10.71 -1.32
N VAL D 150 -13.95 11.74 -1.96
CA VAL D 150 -14.09 13.06 -1.36
C VAL D 150 -15.58 13.37 -1.19
N ALA D 151 -15.92 14.03 -0.09
CA ALA D 151 -17.29 14.43 0.20
C ALA D 151 -17.30 15.80 0.86
N TRP D 152 -18.14 16.69 0.35
CA TRP D 152 -18.30 18.03 0.90
C TRP D 152 -19.53 18.09 1.80
N LYS D 153 -19.52 19.04 2.73
CA LYS D 153 -20.62 19.18 3.67
C LYS D 153 -20.66 20.61 4.21
N ALA D 154 -21.84 21.19 4.24
CA ALA D 154 -22.08 22.49 4.85
C ALA D 154 -22.72 22.27 6.21
N ASP D 155 -22.10 22.81 7.25
CA ASP D 155 -22.48 22.46 8.61
C ASP D 155 -22.51 20.94 8.74
N GLY D 156 -23.70 20.36 8.88
CA GLY D 156 -23.80 18.91 8.99
C GLY D 156 -24.45 18.29 7.78
N SER D 157 -24.92 19.12 6.85
CA SER D 157 -25.72 18.59 5.76
C SER D 157 -24.86 18.37 4.52
N PRO D 158 -25.07 17.25 3.83
CA PRO D 158 -24.27 16.97 2.64
C PRO D 158 -24.51 17.99 1.54
N VAL D 159 -23.51 18.13 0.67
CA VAL D 159 -23.55 19.04 -0.46
C VAL D 159 -23.18 18.25 -1.71
N LYS D 160 -24.09 18.21 -2.68
CA LYS D 160 -23.81 17.56 -3.96
C LYS D 160 -23.81 18.52 -5.14
N ALA D 161 -24.22 19.77 -4.96
CA ALA D 161 -24.28 20.75 -6.03
C ALA D 161 -22.99 21.58 -6.03
N GLY D 162 -22.38 21.70 -7.21
CA GLY D 162 -21.17 22.48 -7.37
C GLY D 162 -19.89 21.74 -7.09
N VAL D 163 -19.93 20.42 -6.93
CA VAL D 163 -18.75 19.62 -6.63
C VAL D 163 -18.19 19.05 -7.92
N GLU D 164 -16.87 19.11 -8.07
CA GLU D 164 -16.18 18.49 -9.19
C GLU D 164 -14.80 18.05 -8.72
N THR D 165 -14.53 16.75 -8.79
CA THR D 165 -13.29 16.16 -8.28
C THR D 165 -12.50 15.52 -9.41
N THR D 166 -11.18 15.57 -9.29
CA THR D 166 -10.28 14.99 -10.27
C THR D 166 -10.00 13.53 -9.94
N LYS D 167 -9.51 12.80 -10.94
CA LYS D 167 -9.08 11.44 -10.71
C LYS D 167 -7.65 11.42 -10.18
N PRO D 168 -7.31 10.45 -9.33
CA PRO D 168 -5.97 10.40 -8.76
C PRO D 168 -4.89 10.42 -9.84
N SER D 169 -3.86 11.22 -9.61
CA SER D 169 -2.73 11.35 -10.51
C SER D 169 -1.44 11.02 -9.76
N LYS D 170 -0.54 10.30 -10.41
CA LYS D 170 0.72 9.89 -9.79
C LYS D 170 1.68 11.07 -9.71
N GLN D 171 2.42 11.13 -8.60
CA GLN D 171 3.30 12.25 -8.31
C GLN D 171 4.76 11.89 -8.61
N SER D 172 5.65 12.86 -8.38
CA SER D 172 7.08 12.62 -8.56
C SER D 172 7.56 11.51 -7.63
N ASN D 173 7.04 11.47 -6.40
CA ASN D 173 7.45 10.49 -5.41
C ASN D 173 6.66 9.18 -5.53
N ASN D 174 6.01 8.94 -6.65
CA ASN D 174 5.20 7.75 -6.90
C ASN D 174 4.02 7.64 -5.94
N LYS D 175 3.78 8.66 -5.12
CA LYS D 175 2.50 8.78 -4.43
C LYS D 175 1.49 9.48 -5.33
N TYR D 176 0.24 9.48 -4.91
CA TYR D 176 -0.84 10.00 -5.75
C TYR D 176 -1.43 11.28 -5.17
N ALA D 177 -2.02 12.08 -6.06
CA ALA D 177 -2.61 13.36 -5.69
C ALA D 177 -3.91 13.56 -6.46
N ALA D 178 -4.77 14.42 -5.93
CA ALA D 178 -6.04 14.73 -6.55
C ALA D 178 -6.53 16.07 -6.01
N SER D 179 -7.57 16.60 -6.65
CA SER D 179 -8.13 17.89 -6.28
C SER D 179 -9.65 17.85 -6.44
N SER D 180 -10.32 18.70 -5.66
CA SER D 180 -11.78 18.77 -5.69
C SER D 180 -12.22 20.20 -5.37
N TYR D 181 -13.14 20.72 -6.19
CA TYR D 181 -13.61 22.10 -6.09
C TYR D 181 -15.10 22.12 -5.77
N LEU D 182 -15.50 23.04 -4.89
CA LEU D 182 -16.90 23.25 -4.54
C LEU D 182 -17.27 24.67 -4.92
N SER D 183 -18.08 24.82 -5.97
CA SER D 183 -18.50 26.13 -6.46
C SER D 183 -19.70 26.62 -5.68
N LEU D 184 -19.65 27.87 -5.24
CA LEU D 184 -20.68 28.47 -4.41
C LEU D 184 -21.07 29.83 -4.96
N THR D 185 -22.19 30.33 -4.48
CA THR D 185 -22.45 31.75 -4.59
C THR D 185 -21.98 32.46 -3.32
N PRO D 186 -21.50 33.70 -3.43
CA PRO D 186 -21.00 34.38 -2.23
C PRO D 186 -21.98 34.38 -1.07
N GLU D 187 -23.29 34.43 -1.35
CA GLU D 187 -24.28 34.37 -0.28
C GLU D 187 -24.30 33.00 0.38
N GLN D 188 -24.19 31.93 -0.41
CA GLN D 188 -24.07 30.60 0.16
C GLN D 188 -22.85 30.48 1.05
N TRP D 189 -21.74 31.09 0.65
CA TRP D 189 -20.53 31.04 1.45
C TRP D 189 -20.77 31.61 2.84
N LYS D 190 -21.34 32.82 2.91
CA LYS D 190 -21.68 33.44 4.20
C LYS D 190 -22.93 32.84 4.81
N SER D 191 -23.62 31.94 4.12
CA SER D 191 -24.87 31.39 4.64
C SER D 191 -24.63 30.47 5.83
N HIS D 192 -23.63 29.60 5.74
CA HIS D 192 -23.38 28.60 6.76
C HIS D 192 -22.24 29.03 7.69
N ARG D 193 -22.07 28.26 8.77
CA ARG D 193 -21.00 28.50 9.71
C ARG D 193 -19.70 27.81 9.32
N SER D 194 -19.77 26.66 8.66
CA SER D 194 -18.59 25.86 8.38
C SER D 194 -18.81 25.05 7.12
N TYR D 195 -17.76 24.94 6.30
CA TYR D 195 -17.74 24.09 5.12
C TYR D 195 -16.58 23.11 5.27
N SER D 196 -16.89 21.82 5.25
CA SER D 196 -15.92 20.77 5.55
C SER D 196 -15.71 19.90 4.32
N CYS D 197 -14.46 19.83 3.85
CA CYS D 197 -14.06 18.86 2.82
C CYS D 197 -13.54 17.62 3.51
N GLN D 198 -14.11 16.47 3.16
CA GLN D 198 -13.77 15.21 3.80
C GLN D 198 -13.19 14.24 2.77
N VAL D 199 -12.03 13.67 3.10
CA VAL D 199 -11.31 12.75 2.21
C VAL D 199 -11.16 11.42 2.95
N THR D 200 -11.60 10.34 2.32
CA THR D 200 -11.49 9.00 2.87
C THR D 200 -10.52 8.19 2.03
N HIS D 201 -9.64 7.44 2.70
CA HIS D 201 -8.60 6.68 2.03
C HIS D 201 -8.43 5.34 2.75
N GLU D 202 -8.76 4.26 2.06
CA GLU D 202 -8.56 2.90 2.58
C GLU D 202 -9.26 2.69 3.91
N GLY D 203 -10.35 3.41 4.17
CA GLY D 203 -11.15 3.24 5.36
C GLY D 203 -11.03 4.37 6.37
N SER D 204 -9.96 5.16 6.30
CA SER D 204 -9.77 6.29 7.21
C SER D 204 -10.11 7.60 6.50
N THR D 205 -10.67 8.54 7.27
CA THR D 205 -11.14 9.81 6.74
C THR D 205 -10.33 10.95 7.35
N VAL D 206 -9.83 11.84 6.49
CA VAL D 206 -9.20 13.09 6.89
C VAL D 206 -10.15 14.23 6.55
N GLU D 207 -10.27 15.19 7.47
CA GLU D 207 -11.25 16.26 7.34
C GLU D 207 -10.60 17.60 7.61
N LYS D 208 -10.73 18.51 6.64
CA LYS D 208 -10.38 19.92 6.82
C LYS D 208 -11.65 20.75 6.64
N THR D 209 -11.72 21.87 7.35
CA THR D 209 -12.91 22.70 7.32
C THR D 209 -12.53 24.17 7.33
N VAL D 210 -13.28 24.97 6.57
CA VAL D 210 -13.09 26.42 6.52
C VAL D 210 -14.33 27.11 7.08
N ALA D 211 -14.34 28.44 7.05
CA ALA D 211 -15.47 29.23 7.51
C ALA D 211 -15.34 30.67 7.03
N PRO D 212 -16.45 31.40 6.90
CA PRO D 212 -16.37 32.80 6.46
C PRO D 212 -15.56 33.63 7.44
N THR D 213 -15.10 34.78 6.94
CA THR D 213 -14.33 35.73 7.76
C THR D 213 -13.05 35.09 8.30
N VAL E 2 9.23 -3.57 -35.75
CA VAL E 2 7.76 -3.45 -35.82
C VAL E 2 7.32 -2.19 -35.10
N GLN E 3 6.52 -1.37 -35.78
CA GLN E 3 6.09 -0.11 -35.20
C GLN E 3 4.82 0.36 -35.87
N LEU E 4 3.97 1.01 -35.09
CA LEU E 4 2.75 1.66 -35.58
C LEU E 4 2.80 3.11 -35.14
N LEU E 5 2.79 4.03 -36.10
CA LEU E 5 2.89 5.46 -35.82
C LEU E 5 1.55 6.10 -36.16
N GLU E 6 0.87 6.62 -35.15
CA GLU E 6 -0.43 7.25 -35.31
C GLU E 6 -0.28 8.76 -35.35
N SER E 7 -1.16 9.40 -36.12
CA SER E 7 -1.13 10.85 -36.28
C SER E 7 -2.48 11.29 -36.83
N GLY E 8 -2.68 12.61 -36.88
CA GLY E 8 -3.88 13.19 -37.42
C GLY E 8 -4.89 13.66 -36.39
N GLY E 9 -4.61 13.50 -35.10
CA GLY E 9 -5.52 13.94 -34.07
C GLY E 9 -5.52 15.45 -33.91
N GLY E 10 -6.42 15.92 -33.06
CA GLY E 10 -6.54 17.34 -32.79
C GLY E 10 -7.92 17.67 -32.27
N LEU E 11 -8.07 18.92 -31.84
CA LEU E 11 -9.36 19.42 -31.37
C LEU E 11 -10.22 19.86 -32.53
N VAL E 12 -11.54 19.74 -32.35
CA VAL E 12 -12.50 20.11 -33.38
C VAL E 12 -13.86 20.28 -32.73
N GLN E 13 -14.65 21.21 -33.25
CA GLN E 13 -15.98 21.43 -32.73
C GLN E 13 -16.88 20.25 -33.11
N PRO E 14 -18.00 20.09 -32.41
CA PRO E 14 -18.94 19.02 -32.76
C PRO E 14 -19.36 19.10 -34.22
N GLY E 15 -19.59 17.93 -34.81
CA GLY E 15 -19.94 17.82 -36.21
C GLY E 15 -18.78 17.91 -37.18
N GLY E 16 -17.61 18.33 -36.72
CA GLY E 16 -16.46 18.42 -37.59
C GLY E 16 -15.97 17.06 -38.05
N SER E 17 -14.97 17.09 -38.92
CA SER E 17 -14.40 15.88 -39.52
C SER E 17 -12.91 15.81 -39.24
N LEU E 18 -12.40 14.59 -39.15
CA LEU E 18 -10.98 14.35 -38.93
C LEU E 18 -10.64 12.95 -39.40
N ARG E 19 -9.43 12.79 -39.91
CA ARG E 19 -8.96 11.52 -40.44
C ARG E 19 -7.64 11.16 -39.76
N LEU E 20 -7.60 9.96 -39.18
CA LEU E 20 -6.40 9.47 -38.52
C LEU E 20 -5.49 8.77 -39.54
N SER E 21 -4.28 8.46 -39.10
CA SER E 21 -3.29 7.80 -39.95
C SER E 21 -2.37 6.97 -39.08
N CYS E 22 -2.21 5.69 -39.43
CA CYS E 22 -1.36 4.77 -38.68
C CYS E 22 -0.34 4.18 -39.64
N ALA E 23 0.89 4.69 -39.60
CA ALA E 23 1.95 4.16 -40.45
C ALA E 23 2.51 2.88 -39.83
N ALA E 24 2.59 1.83 -40.64
CA ALA E 24 3.07 0.53 -40.19
C ALA E 24 4.45 0.25 -40.74
N SER E 25 5.23 -0.51 -39.97
CA SER E 25 6.57 -0.89 -40.38
C SER E 25 7.03 -2.04 -39.48
N GLY E 26 8.15 -2.66 -39.87
CA GLY E 26 8.65 -3.81 -39.16
C GLY E 26 7.92 -5.11 -39.44
N PHE E 27 6.96 -5.13 -40.34
CA PHE E 27 6.26 -6.36 -40.70
C PHE E 27 5.56 -6.14 -42.04
N THR E 28 4.98 -7.23 -42.57
CA THR E 28 4.29 -7.19 -43.85
C THR E 28 2.84 -6.78 -43.61
N PHE E 29 2.51 -5.54 -43.96
CA PHE E 29 1.22 -4.94 -43.63
C PHE E 29 0.05 -5.54 -44.40
N SER E 30 0.31 -6.27 -45.48
CA SER E 30 -0.79 -6.70 -46.35
C SER E 30 -1.60 -7.86 -45.77
N ARG E 31 -0.98 -8.73 -44.98
CA ARG E 31 -1.61 -9.98 -44.59
C ARG E 31 -2.43 -9.89 -43.31
N PHE E 32 -2.35 -8.78 -42.57
CA PHE E 32 -2.95 -8.69 -41.25
C PHE E 32 -4.07 -7.66 -41.25
N ALA E 33 -5.17 -8.00 -40.59
CA ALA E 33 -6.27 -7.08 -40.39
C ALA E 33 -5.95 -6.11 -39.25
N MET E 34 -6.41 -4.86 -39.38
CA MET E 34 -6.20 -3.82 -38.40
C MET E 34 -7.53 -3.39 -37.80
N THR E 35 -7.46 -2.65 -36.69
CA THR E 35 -8.65 -2.21 -35.98
C THR E 35 -8.35 -0.90 -35.26
N TRP E 36 -9.43 -0.24 -34.81
CA TRP E 36 -9.35 1.02 -34.10
C TRP E 36 -10.00 0.86 -32.73
N VAL E 37 -9.26 1.23 -31.68
CA VAL E 37 -9.74 1.18 -30.30
C VAL E 37 -9.49 2.54 -29.67
N ARG E 38 -10.46 3.02 -28.89
CA ARG E 38 -10.37 4.32 -28.24
C ARG E 38 -10.50 4.16 -26.74
N GLN E 39 -10.12 5.22 -26.02
CA GLN E 39 -10.15 5.21 -24.56
C GLN E 39 -10.43 6.63 -24.07
N ALA E 40 -11.59 6.82 -23.46
CA ALA E 40 -11.95 8.13 -22.94
C ALA E 40 -11.08 8.50 -21.75
N PRO E 41 -10.89 9.78 -21.48
CA PRO E 41 -10.04 10.21 -20.36
C PRO E 41 -10.55 9.63 -19.05
N GLY E 42 -9.72 8.82 -18.41
CA GLY E 42 -10.06 8.20 -17.14
C GLY E 42 -11.07 7.08 -17.20
N LYS E 43 -11.40 6.57 -18.39
CA LYS E 43 -12.37 5.51 -18.57
C LYS E 43 -11.74 4.32 -19.28
N GLY E 44 -12.57 3.34 -19.60
CA GLY E 44 -12.09 2.06 -20.11
C GLY E 44 -11.78 2.09 -21.59
N LEU E 45 -11.76 0.89 -22.18
CA LEU E 45 -11.48 0.70 -23.59
C LEU E 45 -12.76 0.34 -24.33
N GLU E 46 -12.88 0.82 -25.56
CA GLU E 46 -14.04 0.56 -26.39
C GLU E 46 -13.57 0.28 -27.82
N TRP E 47 -13.92 -0.90 -28.34
CA TRP E 47 -13.72 -1.19 -29.75
C TRP E 47 -14.66 -0.34 -30.60
N VAL E 48 -14.12 0.21 -31.69
CA VAL E 48 -14.87 1.10 -32.59
C VAL E 48 -15.12 0.45 -33.95
N SER E 49 -14.06 0.13 -34.69
CA SER E 49 -14.25 -0.54 -35.97
C SER E 49 -12.97 -1.26 -36.35
N ALA E 50 -13.06 -2.08 -37.41
CA ALA E 50 -12.01 -2.96 -37.89
C ALA E 50 -12.10 -3.07 -39.41
N ILE E 51 -11.02 -3.54 -40.03
CA ILE E 51 -10.90 -3.67 -41.47
C ILE E 51 -10.11 -4.94 -41.79
N SER E 52 -10.41 -5.54 -42.93
CA SER E 52 -9.74 -6.76 -43.35
C SER E 52 -8.37 -6.43 -43.94
N GLY E 53 -7.48 -7.42 -43.93
CA GLY E 53 -6.20 -7.25 -44.57
C GLY E 53 -6.30 -6.91 -46.04
N SER E 54 -7.39 -7.35 -46.67
CA SER E 54 -7.54 -6.97 -48.07
C SER E 54 -8.01 -5.52 -48.19
N GLY E 55 -9.00 -5.14 -47.39
CA GLY E 55 -9.66 -3.85 -47.46
C GLY E 55 -11.15 -3.93 -47.74
N GLY E 56 -11.61 -4.97 -48.44
CA GLY E 56 -13.02 -5.07 -48.77
C GLY E 56 -13.90 -5.26 -47.55
N SER E 57 -13.58 -6.27 -46.73
CA SER E 57 -14.40 -6.58 -45.56
C SER E 57 -14.10 -5.59 -44.45
N THR E 58 -15.14 -4.87 -44.01
CA THR E 58 -15.02 -3.90 -42.93
C THR E 58 -16.10 -4.14 -41.90
N TYR E 59 -15.77 -3.88 -40.63
CA TYR E 59 -16.68 -4.08 -39.52
C TYR E 59 -16.72 -2.84 -38.64
N TYR E 60 -17.92 -2.47 -38.19
CA TYR E 60 -18.11 -1.26 -37.42
C TYR E 60 -19.01 -1.56 -36.22
N ALA E 61 -18.84 -0.76 -35.17
CA ALA E 61 -19.63 -0.89 -33.95
C ALA E 61 -20.80 0.08 -33.95
N ASP E 62 -21.74 -0.16 -33.05
CA ASP E 62 -22.87 0.75 -32.89
C ASP E 62 -22.41 2.15 -32.51
N SER E 63 -21.23 2.26 -31.89
CA SER E 63 -20.74 3.55 -31.42
C SER E 63 -20.75 4.60 -32.53
N VAL E 64 -20.25 4.24 -33.71
CA VAL E 64 -20.08 5.23 -34.77
C VAL E 64 -20.47 4.61 -36.12
N LYS E 65 -21.56 3.84 -36.13
CA LYS E 65 -22.01 3.22 -37.36
C LYS E 65 -22.48 4.27 -38.37
N GLY E 66 -21.96 4.21 -39.58
CA GLY E 66 -22.27 5.16 -40.64
C GLY E 66 -21.48 6.46 -40.60
N ARG E 67 -21.29 7.01 -39.39
CA ARG E 67 -20.52 8.24 -39.27
C ARG E 67 -19.04 7.98 -39.53
N PHE E 68 -18.52 6.87 -39.02
CA PHE E 68 -17.11 6.55 -39.18
C PHE E 68 -16.95 5.46 -40.23
N THR E 69 -15.92 5.62 -41.06
CA THR E 69 -15.60 4.64 -42.10
C THR E 69 -14.09 4.42 -42.10
N ILE E 70 -13.68 3.18 -41.80
CA ILE E 70 -12.27 2.84 -41.75
C ILE E 70 -11.74 2.61 -43.16
N SER E 71 -10.44 2.81 -43.34
CA SER E 71 -9.82 2.67 -44.64
C SER E 71 -8.41 2.12 -44.45
N ARG E 72 -7.77 1.78 -45.57
CA ARG E 72 -6.38 1.35 -45.53
C ARG E 72 -5.85 1.35 -46.95
N ASP E 73 -4.53 1.49 -47.06
CA ASP E 73 -3.84 1.48 -48.34
C ASP E 73 -2.50 0.80 -48.17
N ASN E 74 -2.37 -0.40 -48.73
CA ASN E 74 -1.11 -1.14 -48.64
C ASN E 74 0.00 -0.50 -49.46
N SER E 75 -0.24 0.66 -50.07
CA SER E 75 0.81 1.35 -50.82
C SER E 75 1.92 1.83 -49.88
N LYS E 76 1.54 2.46 -48.77
CA LYS E 76 2.49 3.05 -47.83
C LYS E 76 2.35 2.49 -46.42
N ASN E 77 1.73 1.31 -46.27
CA ASN E 77 1.57 0.66 -44.98
C ASN E 77 0.81 1.56 -44.00
N THR E 78 -0.35 2.03 -44.41
CA THR E 78 -1.10 3.02 -43.66
C THR E 78 -2.52 2.53 -43.39
N LEU E 79 -3.09 3.01 -42.28
CA LEU E 79 -4.46 2.72 -41.89
C LEU E 79 -5.14 4.02 -41.50
N TYR E 80 -6.36 4.22 -41.97
CA TYR E 80 -7.09 5.47 -41.79
C TYR E 80 -8.42 5.19 -41.08
N LEU E 81 -9.14 6.28 -40.80
CA LEU E 81 -10.46 6.20 -40.18
C LEU E 81 -11.17 7.55 -40.27
N GLN E 82 -11.86 7.79 -41.38
CA GLN E 82 -12.58 9.05 -41.54
C GLN E 82 -13.63 9.21 -40.46
N MET E 83 -13.54 10.30 -39.71
CA MET E 83 -14.44 10.59 -38.60
C MET E 83 -15.31 11.79 -38.95
N ASN E 84 -16.62 11.62 -38.91
CA ASN E 84 -17.57 12.66 -39.27
C ASN E 84 -18.75 12.63 -38.30
N SER E 85 -19.43 13.77 -38.22
CA SER E 85 -20.58 13.93 -37.31
C SER E 85 -20.19 13.59 -35.88
N LEU E 86 -19.09 14.19 -35.42
CA LEU E 86 -18.57 13.90 -34.09
C LEU E 86 -19.51 14.42 -33.01
N ARG E 87 -19.78 13.60 -32.01
CA ARG E 87 -20.68 13.94 -30.92
C ARG E 87 -19.87 14.22 -29.65
N ALA E 88 -20.59 14.55 -28.57
CA ALA E 88 -19.91 14.93 -27.33
C ALA E 88 -19.25 13.74 -26.64
N GLU E 89 -19.84 12.54 -26.78
CA GLU E 89 -19.32 11.35 -26.12
C GLU E 89 -18.28 10.61 -26.97
N ASP E 90 -17.55 11.31 -27.84
CA ASP E 90 -16.58 10.69 -28.71
C ASP E 90 -15.15 11.14 -28.43
N THR E 91 -14.93 11.88 -27.35
CA THR E 91 -13.60 12.35 -26.99
C THR E 91 -12.83 11.21 -26.34
N ALA E 92 -11.76 10.76 -26.98
CA ALA E 92 -10.96 9.66 -26.46
C ALA E 92 -9.63 9.64 -27.18
N VAL E 93 -8.73 8.78 -26.71
CA VAL E 93 -7.45 8.53 -27.35
C VAL E 93 -7.62 7.30 -28.23
N TYR E 94 -7.61 7.50 -29.54
CA TYR E 94 -7.84 6.41 -30.47
C TYR E 94 -6.53 5.68 -30.75
N TYR E 95 -6.53 4.37 -30.51
CA TYR E 95 -5.35 3.55 -30.68
C TYR E 95 -5.46 2.71 -31.95
N CYS E 96 -4.31 2.47 -32.56
CA CYS E 96 -4.19 1.65 -33.74
C CYS E 96 -3.49 0.34 -33.36
N ALA E 97 -4.06 -0.79 -33.80
CA ALA E 97 -3.53 -2.08 -33.40
C ALA E 97 -3.71 -3.09 -34.52
N LYS E 98 -2.83 -4.10 -34.52
CA LYS E 98 -2.92 -5.23 -35.43
C LYS E 98 -3.66 -6.37 -34.74
N VAL E 99 -4.45 -7.10 -35.52
CA VAL E 99 -5.28 -8.19 -35.01
C VAL E 99 -4.58 -9.52 -35.27
N GLY E 100 -4.73 -10.46 -34.34
CA GLY E 100 -4.14 -11.77 -34.46
C GLY E 100 -4.69 -12.74 -33.44
N TRP E 101 -5.18 -13.89 -33.91
CA TRP E 101 -5.76 -14.90 -33.03
C TRP E 101 -6.91 -14.32 -32.21
N GLY E 102 -7.70 -13.45 -32.82
CA GLY E 102 -8.84 -12.87 -32.15
C GLY E 102 -8.47 -11.86 -31.08
N ALA E 103 -7.27 -11.28 -31.16
CA ALA E 103 -6.80 -10.32 -30.19
C ALA E 103 -5.95 -9.29 -30.91
N PHE E 104 -5.72 -8.16 -30.24
CA PHE E 104 -4.88 -7.09 -30.75
C PHE E 104 -3.51 -7.22 -30.08
N ASP E 105 -2.51 -7.66 -30.83
CA ASP E 105 -1.23 -8.05 -30.25
C ASP E 105 -0.22 -6.90 -30.18
N ILE E 106 -0.28 -5.96 -31.12
CA ILE E 106 0.66 -4.85 -31.15
C ILE E 106 -0.13 -3.57 -31.41
N TRP E 107 0.03 -2.58 -30.53
CA TRP E 107 -0.71 -1.32 -30.59
C TRP E 107 0.25 -0.18 -30.87
N GLY E 108 -0.32 0.95 -31.30
CA GLY E 108 0.40 2.19 -31.40
C GLY E 108 0.13 3.07 -30.20
N GLN E 109 0.99 4.09 -30.01
CA GLN E 109 0.88 4.93 -28.83
C GLN E 109 -0.41 5.76 -28.82
N GLY E 110 -1.06 5.92 -29.97
CA GLY E 110 -2.34 6.58 -30.02
C GLY E 110 -2.24 8.07 -30.29
N THR E 111 -3.40 8.68 -30.49
CA THR E 111 -3.50 10.12 -30.70
C THR E 111 -4.83 10.60 -30.11
N MET E 112 -4.85 11.87 -29.70
CA MET E 112 -5.98 12.41 -28.97
C MET E 112 -6.97 13.08 -29.93
N VAL E 113 -8.24 12.77 -29.74
CA VAL E 113 -9.34 13.40 -30.47
C VAL E 113 -10.25 14.08 -29.46
N THR E 114 -10.33 15.41 -29.53
CA THR E 114 -11.13 16.19 -28.59
C THR E 114 -12.27 16.87 -29.33
N VAL E 115 -13.49 16.68 -28.84
CA VAL E 115 -14.68 17.34 -29.35
C VAL E 115 -15.27 18.11 -28.18
N SER E 116 -14.95 19.40 -28.11
CA SER E 116 -15.16 20.19 -26.89
C SER E 116 -16.58 20.73 -26.76
N SER E 117 -17.13 21.34 -27.82
CA SER E 117 -18.41 22.04 -27.72
C SER E 117 -18.29 23.29 -26.84
N ALA E 118 -17.08 23.83 -26.76
CA ALA E 118 -16.80 25.03 -25.98
C ALA E 118 -15.76 25.86 -26.72
N SER E 119 -15.60 27.10 -26.29
CA SER E 119 -14.74 28.07 -26.95
C SER E 119 -13.55 28.44 -26.07
N THR E 120 -12.50 28.95 -26.73
CA THR E 120 -11.28 29.33 -26.02
C THR E 120 -11.54 30.53 -25.12
N LYS E 121 -10.96 30.50 -23.92
CA LYS E 121 -11.13 31.57 -22.95
C LYS E 121 -9.96 31.56 -21.97
N GLY E 122 -9.60 32.73 -21.49
CA GLY E 122 -8.50 32.87 -20.55
C GLY E 122 -8.92 32.61 -19.12
N PRO E 123 -7.95 32.29 -18.27
CA PRO E 123 -8.24 31.96 -16.88
C PRO E 123 -8.30 33.20 -15.98
N SER E 124 -9.05 33.06 -14.89
CA SER E 124 -9.15 34.08 -13.86
C SER E 124 -8.33 33.63 -12.66
N VAL E 125 -7.17 34.24 -12.46
CA VAL E 125 -6.20 33.79 -11.47
C VAL E 125 -6.52 34.43 -10.12
N PHE E 126 -6.84 33.61 -9.12
CA PHE E 126 -7.11 34.09 -7.78
C PHE E 126 -6.06 33.56 -6.82
N PRO E 127 -5.53 34.40 -5.94
CA PRO E 127 -4.53 33.92 -4.97
C PRO E 127 -5.18 33.14 -3.84
N LEU E 128 -4.50 32.09 -3.38
CA LEU E 128 -4.94 31.28 -2.26
C LEU E 128 -4.03 31.60 -1.08
N ALA E 129 -4.54 32.41 -0.15
CA ALA E 129 -3.75 32.85 0.98
C ALA E 129 -3.50 31.69 1.94
N PRO E 130 -2.33 31.69 2.62
CA PRO E 130 -1.99 30.66 3.62
C PRO E 130 -2.80 30.79 4.90
N GLY E 138 5.82 24.87 11.96
CA GLY E 138 6.56 25.74 11.06
C GLY E 138 6.29 25.43 9.61
N THR E 139 5.03 25.57 9.20
CA THR E 139 4.62 25.28 7.84
C THR E 139 3.47 26.19 7.44
N ALA E 140 3.33 26.40 6.13
CA ALA E 140 2.24 27.19 5.58
C ALA E 140 2.07 26.81 4.11
N ALA E 141 0.82 26.60 3.69
CA ALA E 141 0.52 26.22 2.33
C ALA E 141 -0.19 27.37 1.62
N LEU E 142 0.37 27.82 0.49
CA LEU E 142 -0.17 28.92 -0.28
C LEU E 142 -0.06 28.59 -1.76
N GLY E 143 -0.91 29.22 -2.56
CA GLY E 143 -0.88 29.00 -3.99
C GLY E 143 -1.87 29.91 -4.68
N CYS E 144 -2.17 29.62 -5.94
CA CYS E 144 -3.18 30.36 -6.66
C CYS E 144 -4.06 29.36 -7.42
N LEU E 145 -5.16 29.90 -7.96
CA LEU E 145 -6.27 29.14 -8.51
C LEU E 145 -6.48 29.61 -9.94
N VAL E 146 -6.20 28.72 -10.90
CA VAL E 146 -6.44 28.99 -12.32
C VAL E 146 -7.85 28.52 -12.62
N LYS E 147 -8.79 29.47 -12.72
CA LYS E 147 -10.21 29.17 -12.82
C LYS E 147 -10.75 29.50 -14.20
N ASP E 148 -11.59 28.60 -14.72
CA ASP E 148 -12.36 28.80 -15.94
C ASP E 148 -11.47 29.20 -17.12
N TYR E 149 -10.74 28.20 -17.61
CA TYR E 149 -9.91 28.35 -18.79
C TYR E 149 -10.08 27.14 -19.70
N PHE E 150 -9.77 27.35 -20.98
CA PHE E 150 -9.85 26.32 -22.01
C PHE E 150 -9.13 26.83 -23.25
N PRO E 151 -8.37 25.97 -23.96
CA PRO E 151 -8.14 24.57 -23.60
C PRO E 151 -6.82 24.37 -22.86
N GLU E 152 -6.49 23.11 -22.56
CA GLU E 152 -5.17 22.80 -22.04
C GLU E 152 -4.11 23.16 -23.06
N PRO E 153 -2.86 23.39 -22.63
CA PRO E 153 -2.44 23.35 -21.23
C PRO E 153 -2.22 24.74 -20.63
N VAL E 154 -1.73 24.77 -19.38
CA VAL E 154 -1.37 26.00 -18.69
C VAL E 154 -0.04 25.78 -17.99
N THR E 155 0.83 26.78 -18.05
CA THR E 155 2.13 26.73 -17.39
C THR E 155 2.10 27.65 -16.18
N VAL E 156 2.27 27.07 -14.99
CA VAL E 156 2.27 27.81 -13.74
C VAL E 156 3.66 27.70 -13.13
N SER E 157 4.33 28.85 -13.00
CA SER E 157 5.62 28.94 -12.33
C SER E 157 5.49 29.84 -11.10
N TRP E 158 6.58 29.98 -10.36
CA TRP E 158 6.59 30.74 -9.12
C TRP E 158 7.81 31.64 -9.08
N ASN E 159 7.58 32.95 -9.07
CA ASN E 159 8.65 33.95 -8.97
C ASN E 159 9.67 33.76 -10.10
N SER E 160 9.18 33.87 -11.33
CA SER E 160 10.00 33.73 -12.53
C SER E 160 10.75 32.40 -12.57
N GLY E 161 10.18 31.37 -11.93
CA GLY E 161 10.80 30.06 -11.91
C GLY E 161 11.86 29.87 -10.86
N ALA E 162 12.07 30.85 -9.97
CA ALA E 162 13.08 30.70 -8.92
C ALA E 162 12.65 29.66 -7.88
N LEU E 163 11.46 29.84 -7.31
CA LEU E 163 10.94 28.92 -6.31
C LEU E 163 10.45 27.64 -6.98
N THR E 164 11.09 26.52 -6.66
CA THR E 164 10.68 25.23 -7.21
C THR E 164 10.44 24.23 -6.10
N SER E 165 11.12 24.41 -4.96
CA SER E 165 10.95 23.51 -3.83
C SER E 165 9.60 23.73 -3.17
N GLY E 166 8.95 22.63 -2.80
CA GLY E 166 7.62 22.69 -2.21
C GLY E 166 6.50 23.04 -3.17
N VAL E 167 6.80 23.14 -4.46
CA VAL E 167 5.78 23.47 -5.45
C VAL E 167 5.06 22.19 -5.87
N HIS E 168 3.74 22.28 -6.00
CA HIS E 168 2.92 21.15 -6.43
C HIS E 168 1.77 21.72 -7.27
N THR E 169 1.89 21.57 -8.58
CA THR E 169 0.83 21.98 -9.51
C THR E 169 -0.08 20.79 -9.74
N PHE E 170 -1.37 20.96 -9.47
CA PHE E 170 -2.30 19.85 -9.56
C PHE E 170 -2.93 19.77 -10.95
N PRO E 171 -3.16 18.55 -11.44
CA PRO E 171 -3.81 18.41 -12.74
C PRO E 171 -5.17 19.08 -12.76
N ALA E 172 -5.51 19.67 -13.89
CA ALA E 172 -6.76 20.42 -14.01
C ALA E 172 -7.97 19.50 -13.90
N VAL E 173 -9.07 20.07 -13.44
CA VAL E 173 -10.36 19.39 -13.43
C VAL E 173 -11.18 19.90 -14.60
N LEU E 174 -12.02 19.03 -15.15
CA LEU E 174 -12.94 19.43 -16.20
C LEU E 174 -14.36 19.34 -15.64
N GLN E 175 -15.06 20.46 -15.67
CA GLN E 175 -16.38 20.59 -15.08
C GLN E 175 -17.44 20.46 -16.17
N SER E 176 -18.71 20.41 -15.74
CA SER E 176 -19.79 20.55 -16.72
C SER E 176 -19.65 21.82 -17.54
N SER E 177 -18.84 22.77 -17.08
CA SER E 177 -18.59 23.98 -17.84
C SER E 177 -18.03 23.68 -19.22
N GLY E 178 -17.39 22.53 -19.40
CA GLY E 178 -16.46 22.41 -20.51
C GLY E 178 -15.20 23.18 -20.28
N LEU E 179 -15.06 23.80 -19.10
CA LEU E 179 -13.90 24.60 -18.73
C LEU E 179 -12.99 23.82 -17.79
N TYR E 180 -11.70 24.10 -17.87
CA TYR E 180 -10.70 23.51 -17.00
C TYR E 180 -10.36 24.47 -15.87
N SER E 181 -9.79 23.91 -14.80
CA SER E 181 -9.37 24.70 -13.65
C SER E 181 -8.42 23.86 -12.81
N LEU E 182 -7.26 24.44 -12.48
CA LEU E 182 -6.28 23.76 -11.65
C LEU E 182 -5.78 24.73 -10.58
N SER E 183 -5.21 24.16 -9.52
CA SER E 183 -4.71 24.93 -8.39
C SER E 183 -3.26 24.56 -8.15
N SER E 184 -2.37 25.55 -8.20
CA SER E 184 -0.95 25.35 -7.94
C SER E 184 -0.66 25.85 -6.53
N VAL E 185 -0.24 24.94 -5.65
CA VAL E 185 0.04 25.24 -4.25
C VAL E 185 1.51 25.00 -3.98
N VAL E 186 2.07 25.77 -3.06
CA VAL E 186 3.43 25.59 -2.57
C VAL E 186 3.42 25.75 -1.06
N THR E 187 4.11 24.84 -0.37
CA THR E 187 4.21 24.86 1.09
C THR E 187 5.59 25.34 1.47
N VAL E 188 5.65 26.36 2.32
CA VAL E 188 6.91 26.97 2.72
C VAL E 188 6.93 27.00 4.24
N PRO E 189 8.12 27.16 4.83
CA PRO E 189 8.19 27.32 6.29
C PRO E 189 7.45 28.57 6.73
N SER E 190 6.79 28.46 7.88
CA SER E 190 6.10 29.63 8.43
C SER E 190 7.04 30.81 8.61
N SER E 191 8.29 30.54 8.97
CA SER E 191 9.26 31.62 9.08
C SER E 191 9.41 32.41 7.79
N SER E 192 9.15 31.80 6.63
CA SER E 192 9.45 32.46 5.36
C SER E 192 8.52 33.62 5.10
N LEU E 193 7.24 33.49 5.47
CA LEU E 193 6.31 34.60 5.36
C LEU E 193 6.74 35.71 6.32
N GLY E 194 7.03 36.88 5.77
CA GLY E 194 7.72 37.95 6.48
C GLY E 194 9.16 38.10 6.09
N THR E 195 9.79 37.04 5.57
CA THR E 195 11.10 37.11 4.97
C THR E 195 11.08 36.78 3.48
N GLN E 196 9.91 36.52 2.91
CA GLN E 196 9.79 36.04 1.54
C GLN E 196 8.52 36.59 0.91
N THR E 197 8.55 36.76 -0.41
CA THR E 197 7.39 37.18 -1.19
C THR E 197 7.17 36.18 -2.33
N TYR E 198 5.92 35.80 -2.54
CA TYR E 198 5.56 34.73 -3.48
C TYR E 198 4.60 35.28 -4.52
N ILE E 199 4.98 35.14 -5.79
CA ILE E 199 4.15 35.51 -6.92
C ILE E 199 4.09 34.31 -7.86
N CYS E 200 2.89 33.92 -8.26
CA CYS E 200 2.75 32.78 -9.17
C CYS E 200 2.47 33.29 -10.57
N ASN E 201 3.08 32.64 -11.54
CA ASN E 201 3.04 33.07 -12.94
C ASN E 201 2.19 32.08 -13.75
N VAL E 202 1.07 32.57 -14.27
CA VAL E 202 0.15 31.76 -15.06
C VAL E 202 0.22 32.23 -16.50
N ASN E 203 0.49 31.31 -17.42
N ASN E 203 0.49 31.31 -17.42
CA ASN E 203 0.59 31.61 -18.85
CA ASN E 203 0.59 31.61 -18.85
C ASN E 203 -0.33 30.66 -19.60
C ASN E 203 -0.32 30.67 -19.60
N HIS E 204 -1.29 31.23 -20.33
CA HIS E 204 -2.25 30.46 -21.12
C HIS E 204 -2.08 30.86 -22.58
N LYS E 205 -1.35 30.03 -23.34
CA LYS E 205 -0.96 30.33 -24.71
C LYS E 205 -2.16 30.42 -25.64
N PRO E 206 -3.10 29.48 -25.59
CA PRO E 206 -4.26 29.55 -26.52
C PRO E 206 -4.93 30.91 -26.52
N SER E 207 -5.23 31.48 -25.36
CA SER E 207 -5.80 32.82 -25.28
C SER E 207 -4.75 33.91 -25.13
N ASN E 208 -3.46 33.55 -25.11
CA ASN E 208 -2.37 34.52 -24.95
C ASN E 208 -2.58 35.35 -23.69
N THR E 209 -2.87 34.65 -22.60
CA THR E 209 -3.11 35.28 -21.29
C THR E 209 -1.91 35.02 -20.40
N LYS E 210 -1.29 36.08 -19.91
CA LYS E 210 -0.18 35.99 -18.97
C LYS E 210 -0.53 36.84 -17.75
N VAL E 211 -0.75 36.19 -16.61
CA VAL E 211 -1.18 36.86 -15.39
C VAL E 211 -0.16 36.60 -14.30
N ASP E 212 0.15 37.66 -13.52
CA ASP E 212 1.06 37.56 -12.38
C ASP E 212 0.29 38.05 -11.15
N LYS E 213 -0.19 37.12 -10.34
CA LYS E 213 -0.92 37.43 -9.11
C LYS E 213 -0.01 37.16 -7.91
N LYS E 214 0.11 38.15 -7.03
CA LYS E 214 0.97 38.03 -5.86
C LYS E 214 0.13 37.57 -4.67
N VAL E 215 0.49 36.41 -4.13
CA VAL E 215 -0.19 35.86 -2.95
C VAL E 215 0.49 36.42 -1.71
N GLU E 216 -0.31 36.87 -0.75
CA GLU E 216 0.16 37.49 0.47
C GLU E 216 -0.56 36.86 1.67
N PRO E 217 -0.13 37.19 2.89
CA PRO E 217 -0.78 36.62 4.07
C PRO E 217 -2.28 36.88 4.08
N LYS E 218 -2.98 36.06 4.87
CA LYS E 218 -4.44 36.02 4.81
C LYS E 218 -5.06 37.41 4.91
N SER E 219 -4.67 38.17 5.94
CA SER E 219 -5.29 39.45 6.24
C SER E 219 -6.80 39.32 6.31
N CYS E 220 -7.25 38.31 7.07
CA CYS E 220 -8.68 38.01 7.17
C CYS E 220 -9.46 39.13 7.84
N ASP E 221 -8.78 39.99 8.59
CA ASP E 221 -9.33 41.22 9.15
C ASP E 221 -10.70 40.92 9.78
N LYS E 222 -11.72 41.75 9.58
CA LYS E 222 -13.07 41.46 10.08
C LYS E 222 -13.91 40.65 9.09
N ASN F 4 7.22 -62.18 -27.28
CA ASN F 4 6.07 -62.03 -26.41
C ASN F 4 6.19 -60.78 -25.52
N LEU F 5 7.34 -60.10 -25.58
CA LEU F 5 7.54 -58.87 -24.84
C LEU F 5 6.87 -57.69 -25.54
N CYS F 6 6.30 -56.78 -24.75
CA CYS F 6 5.46 -55.73 -25.30
C CYS F 6 6.26 -54.81 -26.21
N PRO F 7 5.68 -54.38 -27.33
CA PRO F 7 6.39 -53.50 -28.27
C PRO F 7 6.38 -52.04 -27.84
N PHE F 8 6.99 -51.77 -26.67
CA PHE F 8 7.10 -50.39 -26.22
C PHE F 8 8.10 -49.59 -27.04
N GLY F 9 9.09 -50.25 -27.65
CA GLY F 9 10.09 -49.53 -28.41
C GLY F 9 9.50 -48.73 -29.56
N GLU F 10 8.57 -49.33 -30.30
CA GLU F 10 8.01 -48.65 -31.47
C GLU F 10 7.09 -47.51 -31.09
N VAL F 11 6.65 -47.45 -29.84
CA VAL F 11 5.81 -46.34 -29.39
C VAL F 11 6.65 -45.15 -28.96
N PHE F 12 7.66 -45.40 -28.13
CA PHE F 12 8.45 -44.31 -27.56
C PHE F 12 9.49 -43.78 -28.53
N ASN F 13 10.05 -44.64 -29.38
CA ASN F 13 11.13 -44.31 -30.28
C ASN F 13 10.65 -44.14 -31.72
N ALA F 14 9.39 -43.79 -31.91
CA ALA F 14 8.87 -43.62 -33.26
C ALA F 14 9.55 -42.43 -33.94
N THR F 15 9.79 -42.57 -35.24
CA THR F 15 10.38 -41.48 -36.00
C THR F 15 9.53 -40.22 -35.91
N ARG F 16 8.22 -40.35 -36.07
CA ARG F 16 7.30 -39.23 -36.00
C ARG F 16 6.24 -39.50 -34.95
N PHE F 17 5.90 -38.44 -34.21
CA PHE F 17 4.80 -38.47 -33.25
C PHE F 17 3.61 -37.71 -33.82
N ALA F 18 2.41 -38.09 -33.38
CA ALA F 18 1.21 -37.42 -33.84
C ALA F 18 1.06 -36.04 -33.19
N SER F 19 0.29 -35.19 -33.85
CA SER F 19 -0.11 -33.92 -33.23
C SER F 19 -1.13 -34.17 -32.13
N VAL F 20 -1.12 -33.27 -31.14
CA VAL F 20 -2.02 -33.44 -29.99
C VAL F 20 -3.47 -33.40 -30.42
N TYR F 21 -3.83 -32.55 -31.39
CA TYR F 21 -5.21 -32.51 -31.84
C TYR F 21 -5.63 -33.80 -32.52
N ALA F 22 -4.68 -34.51 -33.14
CA ALA F 22 -4.96 -35.80 -33.76
C ALA F 22 -4.15 -36.88 -33.05
N TRP F 23 -4.19 -36.88 -31.72
CA TRP F 23 -3.39 -37.80 -30.95
C TRP F 23 -3.62 -39.24 -31.41
N ASN F 24 -2.58 -40.04 -31.34
CA ASN F 24 -2.59 -41.42 -31.79
C ASN F 24 -2.80 -42.36 -30.60
N ARG F 25 -3.49 -43.47 -30.86
CA ARG F 25 -3.75 -44.49 -29.84
C ARG F 25 -3.34 -45.85 -30.36
N LYS F 26 -2.59 -46.60 -29.55
CA LYS F 26 -2.12 -47.92 -29.91
C LYS F 26 -2.48 -48.90 -28.81
N ARG F 27 -3.00 -50.06 -29.19
CA ARG F 27 -3.37 -51.10 -28.24
C ARG F 27 -2.18 -52.05 -28.03
N ILE F 28 -1.87 -52.32 -26.77
CA ILE F 28 -0.82 -53.26 -26.38
C ILE F 28 -1.49 -54.50 -25.83
N SER F 29 -1.28 -55.64 -26.48
CA SER F 29 -2.06 -56.83 -26.19
C SER F 29 -1.15 -58.04 -26.05
N ASN F 30 -1.68 -59.08 -25.39
CA ASN F 30 -1.05 -60.38 -25.19
C ASN F 30 0.47 -60.33 -25.21
N CYS F 31 1.04 -59.50 -24.33
CA CYS F 31 2.48 -59.37 -24.20
C CYS F 31 2.83 -59.17 -22.73
N VAL F 32 4.06 -59.50 -22.39
CA VAL F 32 4.58 -59.31 -21.03
C VAL F 32 5.36 -58.01 -21.02
N ALA F 33 4.95 -57.08 -20.15
CA ALA F 33 5.55 -55.76 -20.07
C ALA F 33 6.46 -55.66 -18.85
N ASP F 34 7.31 -54.65 -18.87
CA ASP F 34 8.21 -54.35 -17.76
C ASP F 34 8.26 -52.83 -17.63
N TYR F 35 7.47 -52.30 -16.71
CA TYR F 35 7.35 -50.85 -16.57
C TYR F 35 8.45 -50.24 -15.73
N SER F 36 9.10 -51.02 -14.85
CA SER F 36 10.13 -50.46 -13.99
C SER F 36 11.31 -49.92 -14.79
N VAL F 37 11.64 -50.57 -15.91
CA VAL F 37 12.73 -50.08 -16.75
C VAL F 37 12.43 -48.67 -17.25
N LEU F 38 11.16 -48.40 -17.57
CA LEU F 38 10.79 -47.08 -18.07
C LEU F 38 10.71 -46.06 -16.94
N TYR F 39 10.30 -46.47 -15.74
CA TYR F 39 10.24 -45.52 -14.62
C TYR F 39 11.63 -45.06 -14.23
N ASN F 40 12.63 -45.92 -14.33
CA ASN F 40 14.01 -45.60 -13.99
C ASN F 40 14.84 -45.20 -15.20
N SER F 41 14.22 -44.57 -16.20
CA SER F 41 14.95 -44.25 -17.43
C SER F 41 15.88 -43.07 -17.24
N ALA F 42 15.49 -42.11 -16.39
CA ALA F 42 16.30 -40.92 -16.15
C ALA F 42 16.26 -39.98 -17.34
N SER F 43 15.68 -40.44 -18.45
CA SER F 43 15.47 -39.57 -19.61
C SER F 43 14.06 -39.00 -19.69
N PHE F 44 13.09 -39.62 -19.01
CA PHE F 44 11.73 -39.14 -18.99
C PHE F 44 11.61 -37.99 -17.99
N SER F 45 11.42 -36.77 -18.50
CA SER F 45 11.29 -35.62 -17.62
C SER F 45 10.07 -35.72 -16.72
N THR F 46 9.04 -36.43 -17.17
CA THR F 46 7.81 -36.59 -16.40
C THR F 46 7.39 -38.04 -16.43
N PHE F 47 7.02 -38.57 -15.26
CA PHE F 47 6.52 -39.95 -15.15
C PHE F 47 5.53 -39.97 -13.99
N LYS F 48 4.30 -39.56 -14.27
CA LYS F 48 3.25 -39.44 -13.27
C LYS F 48 2.23 -40.55 -13.44
N CYS F 49 1.75 -41.10 -12.34
CA CYS F 49 0.77 -42.17 -12.38
C CYS F 49 -0.40 -41.85 -11.46
N TYR F 50 -1.60 -42.15 -11.94
CA TYR F 50 -2.85 -41.87 -11.24
C TYR F 50 -3.65 -43.15 -11.13
N GLY F 51 -3.95 -43.57 -9.91
CA GLY F 51 -4.68 -44.79 -9.68
C GLY F 51 -3.83 -46.01 -9.41
N VAL F 52 -2.53 -45.94 -9.71
CA VAL F 52 -1.62 -47.06 -9.49
C VAL F 52 -0.23 -46.52 -9.20
N SER F 53 0.59 -47.35 -8.55
CA SER F 53 1.97 -46.98 -8.26
C SER F 53 2.92 -47.61 -9.28
N PRO F 54 3.88 -46.83 -9.80
CA PRO F 54 4.75 -47.36 -10.86
C PRO F 54 5.65 -48.49 -10.41
N THR F 55 5.92 -48.61 -9.11
CA THR F 55 6.68 -49.75 -8.61
C THR F 55 5.83 -51.02 -8.60
N LYS F 56 4.58 -50.92 -8.20
CA LYS F 56 3.74 -52.11 -8.21
C LYS F 56 3.32 -52.55 -9.60
N LEU F 57 3.51 -51.73 -10.64
CA LEU F 57 2.98 -52.04 -11.98
C LEU F 57 3.53 -53.34 -12.53
N ASN F 58 4.77 -53.72 -12.17
CA ASN F 58 5.32 -54.96 -12.70
C ASN F 58 4.71 -56.20 -12.05
N ASP F 59 3.86 -56.04 -11.05
CA ASP F 59 3.18 -57.15 -10.39
C ASP F 59 1.68 -57.15 -10.65
N LEU F 60 1.19 -56.35 -11.61
CA LEU F 60 -0.22 -56.28 -11.93
C LEU F 60 -0.44 -56.59 -13.40
N CYS F 61 -1.69 -56.90 -13.73
CA CYS F 61 -2.12 -57.39 -15.04
C CYS F 61 -3.46 -56.77 -15.42
N PHE F 62 -3.54 -56.22 -16.63
CA PHE F 62 -4.76 -55.61 -17.13
C PHE F 62 -5.24 -56.37 -18.35
N THR F 63 -6.54 -56.22 -18.63
CA THR F 63 -7.15 -56.81 -19.81
C THR F 63 -6.98 -55.93 -21.04
N ASN F 64 -6.76 -54.64 -20.85
CA ASN F 64 -6.61 -53.69 -21.95
C ASN F 64 -5.64 -52.60 -21.53
N VAL F 65 -4.60 -52.38 -22.33
CA VAL F 65 -3.63 -51.31 -22.10
C VAL F 65 -3.50 -50.53 -23.39
N TYR F 66 -3.91 -49.26 -23.37
CA TYR F 66 -3.84 -48.39 -24.52
C TYR F 66 -2.72 -47.37 -24.33
N ALA F 67 -1.98 -47.10 -25.42
CA ALA F 67 -0.87 -46.16 -25.41
C ALA F 67 -1.20 -44.99 -26.32
N ASP F 68 -1.48 -43.83 -25.72
CA ASP F 68 -1.71 -42.60 -26.46
C ASP F 68 -0.41 -41.80 -26.53
N SER F 69 -0.15 -41.21 -27.70
CA SER F 69 1.10 -40.49 -27.93
C SER F 69 0.80 -39.21 -28.71
N PHE F 70 1.52 -38.14 -28.38
CA PHE F 70 1.41 -36.87 -29.07
C PHE F 70 2.59 -36.00 -28.64
N VAL F 71 2.67 -34.80 -29.20
CA VAL F 71 3.72 -33.84 -28.88
C VAL F 71 3.09 -32.52 -28.46
N ILE F 72 3.52 -32.00 -27.32
CA ILE F 72 3.05 -30.73 -26.78
C ILE F 72 4.24 -29.97 -26.22
N ARG F 73 3.98 -28.72 -25.83
CA ARG F 73 5.02 -27.89 -25.22
C ARG F 73 5.41 -28.44 -23.86
N GLY F 74 6.55 -27.98 -23.35
CA GLY F 74 6.96 -28.36 -22.02
C GLY F 74 6.05 -27.81 -20.94
N ASP F 75 5.61 -26.56 -21.10
CA ASP F 75 4.76 -25.94 -20.09
C ASP F 75 3.35 -26.51 -20.10
N GLU F 76 2.98 -27.29 -21.12
CA GLU F 76 1.65 -27.89 -21.21
C GLU F 76 1.60 -29.32 -20.69
N VAL F 77 2.75 -29.92 -20.36
CA VAL F 77 2.77 -31.28 -19.86
C VAL F 77 1.90 -31.42 -18.62
N ARG F 78 1.79 -30.35 -17.82
CA ARG F 78 0.96 -30.41 -16.63
C ARG F 78 -0.51 -30.61 -16.98
N GLN F 79 -0.95 -30.14 -18.15
CA GLN F 79 -2.34 -30.30 -18.53
C GLN F 79 -2.70 -31.76 -18.80
N ILE F 80 -1.72 -32.63 -19.02
CA ILE F 80 -1.99 -34.05 -19.26
C ILE F 80 -2.16 -34.74 -17.92
N ALA F 81 -3.26 -34.46 -17.24
CA ALA F 81 -3.54 -35.03 -15.93
C ALA F 81 -5.02 -34.85 -15.63
N PRO F 82 -5.61 -35.74 -14.84
CA PRO F 82 -7.04 -35.58 -14.51
C PRO F 82 -7.30 -34.26 -13.81
N GLY F 83 -8.39 -33.61 -14.22
CA GLY F 83 -8.83 -32.39 -13.56
C GLY F 83 -8.02 -31.15 -13.87
N GLN F 84 -7.49 -31.04 -15.08
CA GLN F 84 -6.74 -29.87 -15.49
C GLN F 84 -7.47 -29.12 -16.59
N THR F 85 -7.12 -27.85 -16.75
CA THR F 85 -7.80 -26.94 -17.67
C THR F 85 -6.77 -26.18 -18.48
N GLY F 86 -7.13 -25.81 -19.69
CA GLY F 86 -6.24 -25.07 -20.56
C GLY F 86 -6.45 -25.48 -22.01
N LYS F 87 -5.64 -24.88 -22.88
CA LYS F 87 -5.78 -25.12 -24.31
C LYS F 87 -5.70 -26.60 -24.64
N ILE F 88 -4.76 -27.32 -24.03
CA ILE F 88 -4.57 -28.73 -24.36
C ILE F 88 -5.68 -29.58 -23.76
N ALA F 89 -5.90 -29.47 -22.44
CA ALA F 89 -6.87 -30.31 -21.77
C ALA F 89 -8.30 -30.05 -22.22
N ASP F 90 -8.59 -28.87 -22.75
CA ASP F 90 -9.95 -28.52 -23.13
C ASP F 90 -10.22 -28.68 -24.62
N TYR F 91 -9.23 -28.45 -25.48
CA TYR F 91 -9.44 -28.46 -26.91
C TYR F 91 -8.68 -29.55 -27.66
N ASN F 92 -7.86 -30.35 -26.98
CA ASN F 92 -7.00 -31.28 -27.71
C ASN F 92 -7.00 -32.69 -27.14
N TYR F 93 -6.58 -32.83 -25.88
CA TYR F 93 -6.50 -34.15 -25.23
C TYR F 93 -6.96 -34.00 -23.79
N LYS F 94 -8.10 -34.61 -23.45
CA LYS F 94 -8.70 -34.50 -22.14
C LYS F 94 -8.75 -35.88 -21.49
N LEU F 95 -8.08 -36.02 -20.33
CA LEU F 95 -8.19 -37.24 -19.55
C LEU F 95 -9.34 -37.14 -18.56
N PRO F 96 -9.99 -38.26 -18.26
CA PRO F 96 -11.12 -38.23 -17.32
C PRO F 96 -10.62 -37.96 -15.90
N ASP F 97 -11.58 -37.64 -15.03
CA ASP F 97 -11.29 -37.40 -13.62
C ASP F 97 -11.06 -38.70 -12.85
N ASP F 98 -11.43 -39.84 -13.42
CA ASP F 98 -11.21 -41.15 -12.81
C ASP F 98 -10.18 -41.96 -13.60
N PHE F 99 -9.12 -41.30 -14.04
CA PHE F 99 -8.12 -41.92 -14.91
C PHE F 99 -7.27 -42.91 -14.14
N THR F 100 -7.08 -44.10 -14.71
CA THR F 100 -6.19 -45.11 -14.16
C THR F 100 -5.09 -45.36 -15.21
N GLY F 101 -3.91 -44.79 -14.97
CA GLY F 101 -2.82 -44.96 -15.91
C GLY F 101 -1.62 -44.15 -15.50
N CYS F 102 -0.70 -43.95 -16.45
CA CYS F 102 0.48 -43.13 -16.21
C CYS F 102 0.73 -42.24 -17.41
N VAL F 103 1.28 -41.06 -17.14
CA VAL F 103 1.64 -40.09 -18.17
C VAL F 103 3.16 -39.96 -18.19
N ILE F 104 3.77 -40.23 -19.34
CA ILE F 104 5.21 -40.22 -19.50
C ILE F 104 5.57 -39.17 -20.53
N ALA F 105 6.52 -38.30 -20.20
CA ALA F 105 6.93 -37.22 -21.10
C ALA F 105 8.44 -37.06 -21.06
N TRP F 106 8.99 -36.57 -22.17
CA TRP F 106 10.41 -36.25 -22.22
C TRP F 106 10.65 -35.20 -23.30
N ASN F 107 11.74 -34.47 -23.14
CA ASN F 107 12.09 -33.42 -24.09
C ASN F 107 12.52 -34.03 -25.42
N SER F 108 12.00 -33.50 -26.52
CA SER F 108 12.33 -33.98 -27.86
C SER F 108 12.81 -32.83 -28.74
N ASN F 109 13.43 -31.82 -28.15
CA ASN F 109 13.95 -30.71 -28.95
C ASN F 109 14.97 -31.18 -29.97
N ASN F 110 15.69 -32.25 -29.67
CA ASN F 110 16.69 -32.82 -30.57
C ASN F 110 16.10 -33.73 -31.64
N LEU F 111 14.77 -33.82 -31.74
CA LEU F 111 14.14 -34.62 -32.77
C LEU F 111 13.06 -33.83 -33.50
N ASP F 112 12.19 -33.15 -32.75
CA ASP F 112 10.96 -32.58 -33.29
C ASP F 112 11.05 -31.08 -33.53
N SER F 113 12.24 -30.50 -33.50
CA SER F 113 12.41 -29.08 -33.76
C SER F 113 13.22 -28.90 -35.04
N LYS F 114 12.87 -27.88 -35.82
CA LYS F 114 13.53 -27.59 -37.07
C LYS F 114 13.96 -26.13 -37.08
N VAL F 115 15.09 -25.86 -37.75
CA VAL F 115 15.50 -24.48 -37.93
C VAL F 115 14.45 -23.75 -38.75
N GLY F 116 14.03 -22.58 -38.26
CA GLY F 116 12.91 -21.89 -38.85
C GLY F 116 11.55 -22.40 -38.42
N GLY F 117 11.50 -23.35 -37.49
CA GLY F 117 10.24 -23.79 -36.94
C GLY F 117 9.71 -25.05 -37.61
N ASN F 118 9.32 -26.03 -36.80
CA ASN F 118 8.66 -27.23 -37.30
C ASN F 118 7.15 -27.00 -37.22
N TYR F 119 6.54 -26.73 -38.37
CA TYR F 119 5.11 -26.51 -38.47
C TYR F 119 4.32 -27.79 -38.64
N ASN F 120 4.97 -28.95 -38.51
CA ASN F 120 4.27 -30.23 -38.63
C ASN F 120 3.41 -30.55 -37.42
N TYR F 121 3.69 -29.95 -36.27
CA TYR F 121 2.94 -30.21 -35.04
C TYR F 121 1.96 -29.07 -34.82
N LEU F 122 0.68 -29.39 -34.85
CA LEU F 122 -0.38 -28.40 -34.71
C LEU F 122 -1.23 -28.70 -33.48
N TYR F 123 -1.81 -27.65 -32.92
CA TYR F 123 -2.73 -27.77 -31.81
C TYR F 123 -4.01 -27.03 -32.16
N ARG F 124 -5.11 -27.46 -31.53
CA ARG F 124 -6.38 -26.75 -31.68
C ARG F 124 -6.35 -25.52 -30.78
N LEU F 125 -6.51 -24.35 -31.38
CA LEU F 125 -6.45 -23.09 -30.66
C LEU F 125 -7.84 -22.59 -30.25
N PHE F 126 -8.87 -22.90 -31.03
CA PHE F 126 -10.23 -22.45 -30.76
C PHE F 126 -11.20 -23.62 -30.80
N ARG F 127 -12.18 -23.58 -29.90
CA ARG F 127 -13.26 -24.55 -29.87
C ARG F 127 -14.36 -24.01 -28.97
N LYS F 128 -15.62 -24.16 -29.40
CA LYS F 128 -16.72 -23.58 -28.63
C LYS F 128 -16.99 -24.37 -27.35
N SER F 129 -16.84 -25.68 -27.42
CA SER F 129 -17.09 -26.57 -26.28
C SER F 129 -15.82 -27.32 -25.92
N ASN F 130 -15.69 -27.64 -24.64
CA ASN F 130 -14.56 -28.45 -24.20
C ASN F 130 -14.71 -29.88 -24.71
N LEU F 131 -13.59 -30.59 -24.70
CA LEU F 131 -13.57 -31.97 -25.17
C LEU F 131 -14.04 -32.92 -24.08
N LYS F 132 -14.76 -33.96 -24.47
CA LYS F 132 -15.07 -35.05 -23.57
C LYS F 132 -13.83 -35.92 -23.36
N PRO F 133 -13.77 -36.67 -22.26
CA PRO F 133 -12.59 -37.51 -22.01
C PRO F 133 -12.33 -38.45 -23.17
N PHE F 134 -11.06 -38.49 -23.61
CA PHE F 134 -10.61 -39.42 -24.65
C PHE F 134 -11.30 -39.16 -25.98
N GLU F 135 -11.66 -37.91 -26.25
CA GLU F 135 -12.29 -37.52 -27.50
C GLU F 135 -11.26 -36.91 -28.43
N ARG F 136 -11.42 -37.17 -29.74
CA ARG F 136 -10.50 -36.67 -30.75
C ARG F 136 -11.28 -35.82 -31.75
N ASP F 137 -10.86 -34.57 -31.91
CA ASP F 137 -11.51 -33.64 -32.83
C ASP F 137 -10.50 -33.21 -33.89
N ILE F 138 -10.71 -33.67 -35.13
CA ILE F 138 -9.77 -33.38 -36.22
C ILE F 138 -10.44 -32.48 -37.25
N SER F 139 -11.43 -31.70 -36.82
CA SER F 139 -12.17 -30.85 -37.74
C SER F 139 -11.29 -29.68 -38.22
N THR F 140 -11.59 -29.20 -39.43
CA THR F 140 -10.90 -28.04 -39.98
C THR F 140 -11.86 -26.88 -40.24
N GLU F 141 -13.01 -26.88 -39.57
CA GLU F 141 -13.99 -25.83 -39.79
C GLU F 141 -13.53 -24.52 -39.16
N ILE F 142 -13.76 -23.42 -39.86
CA ILE F 142 -13.31 -22.12 -39.39
C ILE F 142 -14.09 -21.71 -38.15
N TYR F 143 -13.38 -21.19 -37.15
CA TYR F 143 -14.01 -20.74 -35.92
C TYR F 143 -14.52 -19.31 -36.08
N GLN F 144 -15.75 -19.07 -35.63
CA GLN F 144 -16.38 -17.76 -35.74
C GLN F 144 -16.45 -17.09 -34.38
N ALA F 145 -15.91 -15.87 -34.30
CA ALA F 145 -16.00 -15.04 -33.11
C ALA F 145 -16.92 -13.85 -33.42
N GLY F 146 -17.98 -13.72 -32.64
CA GLY F 146 -18.91 -12.62 -32.80
C GLY F 146 -20.13 -12.98 -33.62
N SER F 147 -20.77 -11.94 -34.14
CA SER F 147 -22.01 -12.04 -34.91
C SER F 147 -21.78 -12.27 -36.40
N THR F 148 -20.61 -11.94 -36.91
CA THR F 148 -20.41 -11.89 -38.35
C THR F 148 -20.22 -13.29 -38.91
N PRO F 149 -21.10 -13.77 -39.79
CA PRO F 149 -20.89 -15.08 -40.40
C PRO F 149 -19.58 -15.12 -41.19
N CYS F 150 -18.89 -16.25 -41.09
CA CYS F 150 -17.61 -16.44 -41.78
C CYS F 150 -17.79 -16.89 -43.22
N ASN F 151 -18.74 -17.78 -43.47
CA ASN F 151 -18.98 -18.35 -44.79
C ASN F 151 -17.80 -19.17 -45.31
N GLY F 152 -16.96 -19.68 -44.41
CA GLY F 152 -15.85 -20.53 -44.79
C GLY F 152 -14.54 -19.81 -45.05
N VAL F 153 -14.50 -18.49 -44.89
CA VAL F 153 -13.29 -17.72 -45.15
C VAL F 153 -12.74 -17.20 -43.84
N GLU F 154 -11.41 -17.12 -43.76
CA GLU F 154 -10.74 -16.50 -42.63
C GLU F 154 -10.82 -14.98 -42.73
N GLY F 155 -10.55 -14.31 -41.63
CA GLY F 155 -10.62 -12.87 -41.62
C GLY F 155 -10.42 -12.22 -40.27
N PHE F 156 -11.11 -11.10 -40.05
CA PHE F 156 -10.92 -10.34 -38.82
C PHE F 156 -11.42 -11.11 -37.60
N ASN F 157 -12.57 -11.77 -37.70
CA ASN F 157 -13.16 -12.50 -36.59
C ASN F 157 -13.30 -13.99 -36.86
N CYS F 158 -12.70 -14.50 -37.93
CA CYS F 158 -12.78 -15.91 -38.30
C CYS F 158 -11.38 -16.45 -38.51
N TYR F 159 -11.05 -17.56 -37.85
CA TYR F 159 -9.69 -18.08 -37.83
C TYR F 159 -9.68 -19.59 -38.02
N PHE F 160 -8.65 -20.05 -38.72
CA PHE F 160 -8.40 -21.48 -38.82
C PHE F 160 -8.22 -22.06 -37.42
N PRO F 161 -8.94 -23.13 -37.07
CA PRO F 161 -8.95 -23.58 -35.67
C PRO F 161 -7.63 -24.20 -35.21
N LEU F 162 -6.74 -24.57 -36.11
CA LEU F 162 -5.50 -25.24 -35.76
C LEU F 162 -4.32 -24.29 -35.94
N GLN F 163 -3.39 -24.32 -34.98
CA GLN F 163 -2.20 -23.49 -35.04
C GLN F 163 -0.97 -24.38 -34.89
N SER F 164 0.07 -24.07 -35.67
CA SER F 164 1.31 -24.85 -35.61
C SER F 164 2.18 -24.38 -34.47
N TYR F 165 2.78 -25.32 -33.75
CA TYR F 165 3.70 -24.98 -32.68
C TYR F 165 4.90 -24.22 -33.21
N GLY F 166 5.52 -24.72 -34.28
CA GLY F 166 6.70 -24.07 -34.84
C GLY F 166 7.95 -24.25 -34.01
N PHE F 167 8.13 -25.42 -33.40
CA PHE F 167 9.27 -25.66 -32.54
C PHE F 167 10.57 -25.31 -33.24
N GLN F 168 11.33 -24.39 -32.64
CA GLN F 168 12.67 -24.05 -33.07
C GLN F 168 13.68 -24.51 -32.02
N PRO F 169 14.91 -24.81 -32.42
CA PRO F 169 15.92 -25.25 -31.43
C PRO F 169 16.31 -24.17 -30.44
N THR F 170 16.00 -22.90 -30.72
CA THR F 170 16.38 -21.80 -29.84
C THR F 170 15.28 -21.44 -28.84
N ASN F 171 14.16 -22.16 -28.83
CA ASN F 171 13.07 -21.85 -27.92
C ASN F 171 13.42 -22.24 -26.49
N GLY F 172 12.84 -21.52 -25.53
CA GLY F 172 13.00 -21.88 -24.14
C GLY F 172 12.43 -23.23 -23.83
N VAL F 173 12.91 -23.82 -22.73
CA VAL F 173 12.51 -25.19 -22.40
C VAL F 173 11.00 -25.32 -22.24
N GLY F 174 10.31 -24.23 -21.90
CA GLY F 174 8.86 -24.30 -21.82
C GLY F 174 8.21 -24.45 -23.19
N TYR F 175 8.76 -23.78 -24.20
CA TYR F 175 8.22 -23.82 -25.55
C TYR F 175 8.83 -24.93 -26.40
N GLN F 176 9.66 -25.78 -25.81
CA GLN F 176 10.32 -26.82 -26.58
C GLN F 176 9.41 -28.05 -26.72
N PRO F 177 9.58 -28.83 -27.79
CA PRO F 177 8.69 -29.97 -28.01
C PRO F 177 8.94 -31.09 -27.00
N TYR F 178 7.86 -31.65 -26.49
CA TYR F 178 7.90 -32.75 -25.54
C TYR F 178 7.03 -33.88 -26.05
N ARG F 179 7.60 -35.07 -26.12
CA ARG F 179 6.87 -36.26 -26.55
C ARG F 179 6.21 -36.90 -25.35
N VAL F 180 4.91 -37.15 -25.45
CA VAL F 180 4.12 -37.64 -24.33
C VAL F 180 3.55 -39.01 -24.71
N VAL F 181 3.61 -39.94 -23.77
CA VAL F 181 3.00 -41.26 -23.91
C VAL F 181 2.09 -41.47 -22.72
N VAL F 182 0.80 -41.69 -22.99
CA VAL F 182 -0.21 -41.89 -21.97
C VAL F 182 -0.64 -43.36 -22.01
N LEU F 183 -0.41 -44.07 -20.91
CA LEU F 183 -0.74 -45.49 -20.82
C LEU F 183 -2.05 -45.65 -20.04
N SER F 184 -3.06 -46.22 -20.70
CA SER F 184 -4.35 -46.50 -20.08
C SER F 184 -4.38 -47.94 -19.59
N PHE F 185 -4.85 -48.12 -18.36
CA PHE F 185 -4.92 -49.43 -17.72
C PHE F 185 -6.39 -49.78 -17.48
N GLU F 186 -6.84 -50.84 -18.14
CA GLU F 186 -8.22 -51.30 -18.02
C GLU F 186 -8.21 -52.71 -17.47
N LEU F 187 -8.88 -52.91 -16.33
CA LEU F 187 -8.99 -54.23 -15.71
C LEU F 187 -10.46 -54.59 -15.59
N LEU F 188 -10.84 -55.70 -16.21
CA LEU F 188 -12.20 -56.22 -16.15
C LEU F 188 -12.15 -57.65 -15.64
N HIS F 189 -13.35 -58.23 -15.46
CA HIS F 189 -13.47 -59.64 -15.13
C HIS F 189 -13.25 -60.54 -16.34
N ALA F 190 -12.31 -60.18 -17.20
CA ALA F 190 -11.96 -60.90 -18.40
C ALA F 190 -10.52 -61.38 -18.32
N PRO F 191 -10.13 -62.33 -19.15
CA PRO F 191 -8.75 -62.82 -19.13
C PRO F 191 -7.77 -61.69 -19.45
N ALA F 192 -6.79 -61.51 -18.58
CA ALA F 192 -5.79 -60.47 -18.78
C ALA F 192 -4.81 -60.87 -19.89
N THR F 193 -4.28 -59.85 -20.57
CA THR F 193 -3.33 -60.07 -21.65
C THR F 193 -1.98 -59.40 -21.42
N VAL F 194 -1.94 -58.26 -20.73
CA VAL F 194 -0.70 -57.53 -20.45
C VAL F 194 -0.33 -57.73 -19.00
N CYS F 195 0.95 -58.08 -18.76
CA CYS F 195 1.44 -58.52 -17.47
C CYS F 195 2.88 -58.05 -17.26
N GLY F 196 3.18 -57.67 -16.03
CA GLY F 196 4.54 -57.39 -15.62
C GLY F 196 5.32 -58.67 -15.40
N PRO F 197 6.63 -58.53 -15.28
CA PRO F 197 7.47 -59.72 -15.09
C PRO F 197 7.13 -60.54 -13.85
N GLY F 198 6.90 -59.88 -12.72
CA GLY F 198 6.46 -60.58 -11.52
C GLY F 198 4.98 -60.87 -11.56
N SER F 199 4.62 -62.14 -11.71
CA SER F 199 3.22 -62.54 -11.82
C SER F 199 3.02 -64.01 -11.45
N ASP G 1 23.58 -22.76 -44.94
CA ASP G 1 22.77 -23.69 -45.73
C ASP G 1 23.30 -25.11 -45.64
N ILE G 2 22.40 -26.08 -45.66
CA ILE G 2 22.77 -27.49 -45.65
C ILE G 2 22.87 -27.98 -47.08
N GLN G 3 24.02 -28.55 -47.43
CA GLN G 3 24.26 -29.08 -48.77
C GLN G 3 24.08 -30.58 -48.76
N MET G 4 23.47 -31.10 -49.83
CA MET G 4 23.18 -32.52 -49.96
C MET G 4 23.93 -33.09 -51.16
N THR G 5 24.68 -34.17 -50.94
CA THR G 5 25.40 -34.85 -51.99
C THR G 5 25.01 -36.32 -51.97
N GLN G 6 25.14 -36.98 -53.13
CA GLN G 6 24.69 -38.34 -53.30
C GLN G 6 25.79 -39.19 -53.92
N SER G 7 25.81 -40.47 -53.55
CA SER G 7 26.71 -41.44 -54.12
C SER G 7 25.90 -42.66 -54.54
N PRO G 8 26.14 -43.22 -55.73
CA PRO G 8 27.03 -42.62 -56.74
C PRO G 8 26.30 -41.60 -57.61
N SER G 9 27.02 -40.94 -58.52
CA SER G 9 26.36 -40.06 -59.47
C SER G 9 25.63 -40.84 -60.56
N SER G 10 26.17 -41.97 -60.97
CA SER G 10 25.55 -42.84 -61.96
C SER G 10 25.84 -44.28 -61.60
N LEU G 11 24.90 -45.16 -61.94
CA LEU G 11 25.07 -46.58 -61.67
C LEU G 11 24.23 -47.38 -62.65
N SER G 12 24.65 -48.62 -62.88
CA SER G 12 23.96 -49.53 -63.78
C SER G 12 23.92 -50.91 -63.12
N ALA G 13 22.74 -51.51 -63.07
CA ALA G 13 22.58 -52.82 -62.45
C ALA G 13 21.58 -53.64 -63.26
N SER G 14 21.70 -54.96 -63.15
CA SER G 14 20.84 -55.87 -63.88
C SER G 14 19.45 -55.93 -63.24
N VAL G 15 18.49 -56.39 -64.03
CA VAL G 15 17.12 -56.54 -63.54
C VAL G 15 17.09 -57.61 -62.46
N GLY G 16 16.54 -57.24 -61.30
CA GLY G 16 16.46 -58.13 -60.15
C GLY G 16 17.52 -57.89 -59.09
N ASP G 17 18.58 -57.16 -59.41
CA ASP G 17 19.64 -56.94 -58.43
C ASP G 17 19.27 -55.79 -57.48
N ARG G 18 19.94 -55.79 -56.33
CA ARG G 18 19.75 -54.74 -55.34
C ARG G 18 20.67 -53.57 -55.64
N VAL G 19 20.11 -52.37 -55.63
CA VAL G 19 20.88 -51.14 -55.78
C VAL G 19 20.67 -50.29 -54.54
N THR G 20 21.70 -49.54 -54.16
CA THR G 20 21.63 -48.68 -52.98
C THR G 20 22.20 -47.32 -53.35
N VAL G 21 21.39 -46.27 -53.19
CA VAL G 21 21.83 -44.89 -53.35
C VAL G 21 21.95 -44.28 -51.96
N THR G 22 23.04 -43.55 -51.73
CA THR G 22 23.30 -42.91 -50.45
C THR G 22 23.29 -41.40 -50.60
N CYS G 23 22.81 -40.73 -49.57
CA CYS G 23 22.74 -39.27 -49.50
C CYS G 23 23.49 -38.80 -48.27
N ARG G 24 24.23 -37.71 -48.41
CA ARG G 24 25.01 -37.11 -47.33
C ARG G 24 24.64 -35.64 -47.19
N ALA G 25 24.49 -35.19 -45.95
CA ALA G 25 24.23 -33.79 -45.64
C ALA G 25 25.45 -33.17 -44.99
N SER G 26 25.70 -31.90 -45.31
CA SER G 26 26.84 -31.19 -44.71
C SER G 26 26.76 -31.19 -43.19
N GLN G 27 25.58 -30.98 -42.63
CA GLN G 27 25.34 -31.06 -41.20
C GLN G 27 24.10 -31.91 -40.96
N SER G 28 23.82 -32.17 -39.69
CA SER G 28 22.73 -33.07 -39.35
C SER G 28 21.39 -32.49 -39.79
N ILE G 29 20.59 -33.31 -40.47
CA ILE G 29 19.22 -32.97 -40.83
C ILE G 29 18.21 -33.81 -40.04
N ARG G 30 18.69 -34.60 -39.09
CA ARG G 30 17.81 -35.34 -38.18
C ARG G 30 17.02 -36.36 -39.00
N SER G 31 15.69 -36.32 -38.98
CA SER G 31 14.91 -37.30 -39.71
C SER G 31 14.22 -36.69 -40.91
N TYR G 32 14.62 -35.48 -41.31
CA TYR G 32 13.89 -34.69 -42.29
C TYR G 32 14.56 -34.85 -43.66
N LEU G 33 14.43 -36.06 -44.18
CA LEU G 33 15.06 -36.48 -45.42
C LEU G 33 14.03 -37.21 -46.26
N ASN G 34 13.83 -36.75 -47.49
CA ASN G 34 12.89 -37.37 -48.42
C ASN G 34 13.64 -37.88 -49.65
N TRP G 35 13.01 -38.81 -50.36
CA TRP G 35 13.56 -39.38 -51.58
C TRP G 35 12.55 -39.22 -52.71
N TYR G 36 13.05 -38.89 -53.90
CA TYR G 36 12.21 -38.69 -55.06
C TYR G 36 12.73 -39.50 -56.24
N GLN G 37 11.82 -39.92 -57.10
CA GLN G 37 12.13 -40.58 -58.36
C GLN G 37 11.59 -39.72 -59.50
N GLN G 38 12.44 -39.43 -60.47
CA GLN G 38 12.04 -38.65 -61.64
C GLN G 38 12.39 -39.42 -62.90
N LYS G 39 11.37 -39.85 -63.64
CA LYS G 39 11.58 -40.50 -64.92
C LYS G 39 11.75 -39.45 -66.02
N PRO G 40 12.30 -39.86 -67.16
CA PRO G 40 12.61 -38.88 -68.21
C PRO G 40 11.37 -38.10 -68.61
N GLY G 41 11.51 -36.77 -68.65
CA GLY G 41 10.43 -35.91 -69.10
C GLY G 41 9.19 -35.96 -68.23
N LYS G 42 9.34 -36.27 -66.95
CA LYS G 42 8.23 -36.32 -66.03
C LYS G 42 8.56 -35.50 -64.79
N ALA G 43 7.55 -35.29 -63.95
CA ALA G 43 7.78 -34.62 -62.70
C ALA G 43 8.24 -35.61 -61.63
N PRO G 44 9.08 -35.17 -60.70
CA PRO G 44 9.53 -36.06 -59.64
C PRO G 44 8.35 -36.64 -58.87
N LYS G 45 8.56 -37.83 -58.32
CA LYS G 45 7.55 -38.52 -57.52
C LYS G 45 8.14 -38.83 -56.15
N LEU G 46 7.36 -38.59 -55.12
CA LEU G 46 7.82 -38.83 -53.75
C LEU G 46 7.80 -40.34 -53.47
N LEU G 47 8.96 -40.88 -53.10
CA LEU G 47 9.08 -42.29 -52.73
C LEU G 47 9.07 -42.50 -51.22
N ILE G 48 9.93 -41.79 -50.50
CA ILE G 48 10.15 -42.00 -49.08
C ILE G 48 10.12 -40.64 -48.39
N TYR G 49 9.37 -40.55 -47.30
CA TYR G 49 9.37 -39.36 -46.46
C TYR G 49 9.72 -39.77 -45.04
N ALA G 50 10.24 -38.81 -44.28
CA ALA G 50 10.68 -39.05 -42.90
C ALA G 50 11.77 -40.12 -42.85
N ALA G 51 12.59 -40.18 -43.89
CA ALA G 51 13.76 -41.06 -43.93
C ALA G 51 13.40 -42.52 -44.21
N SER G 52 12.35 -43.05 -43.59
CA SER G 52 12.10 -44.48 -43.60
C SER G 52 10.67 -44.88 -43.95
N SER G 53 9.78 -43.93 -44.14
CA SER G 53 8.37 -44.24 -44.39
C SER G 53 8.08 -44.21 -45.88
N LEU G 54 7.42 -45.26 -46.36
CA LEU G 54 7.16 -45.39 -47.78
C LEU G 54 5.86 -44.67 -48.15
N GLN G 55 5.91 -43.92 -49.25
CA GLN G 55 4.73 -43.22 -49.72
C GLN G 55 3.72 -44.19 -50.30
N SER G 56 2.45 -43.81 -50.26
CA SER G 56 1.39 -44.66 -50.79
C SER G 56 1.58 -44.88 -52.28
N GLY G 57 1.29 -46.09 -52.73
CA GLY G 57 1.40 -46.44 -54.13
C GLY G 57 2.81 -46.74 -54.61
N VAL G 58 3.81 -46.62 -53.75
CA VAL G 58 5.19 -46.92 -54.12
C VAL G 58 5.44 -48.40 -53.89
N PRO G 59 5.98 -49.13 -54.87
CA PRO G 59 6.22 -50.56 -54.67
C PRO G 59 7.08 -50.82 -53.45
N SER G 60 6.91 -52.00 -52.86
CA SER G 60 7.61 -52.37 -51.63
C SER G 60 9.11 -52.60 -51.83
N ARG G 61 9.58 -52.71 -53.08
CA ARG G 61 11.01 -52.91 -53.29
C ARG G 61 11.82 -51.67 -52.95
N PHE G 62 11.18 -50.51 -52.79
CA PHE G 62 11.87 -49.30 -52.38
C PHE G 62 11.85 -49.20 -50.86
N SER G 63 12.99 -48.81 -50.28
CA SER G 63 13.09 -48.66 -48.85
C SER G 63 14.10 -47.56 -48.53
N GLY G 64 13.94 -46.96 -47.35
CA GLY G 64 14.81 -45.88 -46.91
C GLY G 64 15.28 -46.02 -45.47
N SER G 65 16.53 -45.64 -45.20
CA SER G 65 17.10 -45.70 -43.87
C SER G 65 18.01 -44.51 -43.65
N GLY G 66 18.44 -44.34 -42.39
CA GLY G 66 19.39 -43.31 -42.07
C GLY G 66 18.90 -42.30 -41.06
N SER G 67 19.83 -41.55 -40.49
CA SER G 67 19.51 -40.47 -39.57
C SER G 67 20.70 -39.53 -39.53
N GLY G 68 20.46 -38.30 -39.08
CA GLY G 68 21.53 -37.33 -38.95
C GLY G 68 22.11 -36.88 -40.28
N THR G 69 23.29 -37.40 -40.63
CA THR G 69 23.99 -36.97 -41.82
C THR G 69 24.00 -38.00 -42.94
N ASP G 70 23.77 -39.27 -42.63
CA ASP G 70 23.95 -40.37 -43.59
C ASP G 70 22.65 -41.10 -43.81
N PHE G 71 22.20 -41.15 -45.07
CA PHE G 71 20.95 -41.80 -45.46
C PHE G 71 21.19 -42.64 -46.71
N THR G 72 20.40 -43.70 -46.86
CA THR G 72 20.51 -44.60 -48.01
C THR G 72 19.13 -44.91 -48.57
N LEU G 73 19.04 -44.97 -49.90
CA LEU G 73 17.85 -45.42 -50.60
C LEU G 73 18.15 -46.77 -51.24
N THR G 74 17.34 -47.77 -50.94
CA THR G 74 17.56 -49.13 -51.40
C THR G 74 16.40 -49.58 -52.28
N ILE G 75 16.74 -50.26 -53.38
CA ILE G 75 15.78 -50.90 -54.26
C ILE G 75 16.07 -52.41 -54.25
N SER G 76 15.14 -53.19 -53.71
CA SER G 76 15.39 -54.60 -53.47
C SER G 76 15.64 -55.36 -54.77
N SER G 77 14.75 -55.23 -55.75
CA SER G 77 14.87 -55.93 -57.03
C SER G 77 14.61 -54.95 -58.16
N LEU G 78 15.68 -54.47 -58.78
CA LEU G 78 15.57 -53.43 -59.78
C LEU G 78 14.81 -53.92 -61.01
N GLN G 79 13.85 -53.12 -61.45
CA GLN G 79 13.02 -53.41 -62.59
C GLN G 79 13.26 -52.40 -63.71
N PRO G 80 13.00 -52.77 -64.96
CA PRO G 80 13.21 -51.81 -66.06
C PRO G 80 12.42 -50.52 -65.90
N GLU G 81 11.28 -50.55 -65.24
CA GLU G 81 10.52 -49.33 -65.01
C GLU G 81 11.19 -48.41 -64.00
N ASP G 82 12.14 -48.93 -63.21
CA ASP G 82 12.81 -48.14 -62.19
C ASP G 82 13.91 -47.24 -62.75
N PHE G 83 14.13 -47.26 -64.05
CA PHE G 83 15.10 -46.35 -64.65
C PHE G 83 14.67 -44.91 -64.41
N ALA G 84 15.56 -44.12 -63.81
CA ALA G 84 15.24 -42.75 -63.46
C ALA G 84 16.41 -42.12 -62.72
N THR G 85 16.24 -40.85 -62.33
CA THR G 85 17.17 -40.17 -61.45
C THR G 85 16.53 -40.05 -60.07
N TYR G 86 17.25 -40.47 -59.04
CA TYR G 86 16.74 -40.48 -57.68
C TYR G 86 17.39 -39.36 -56.88
N TYR G 87 16.57 -38.53 -56.26
CA TYR G 87 17.03 -37.35 -55.53
C TYR G 87 16.74 -37.49 -54.05
N CYS G 88 17.60 -36.91 -53.22
CA CYS G 88 17.28 -36.70 -51.81
C CYS G 88 17.13 -35.22 -51.56
N GLN G 89 16.44 -34.89 -50.47
CA GLN G 89 16.21 -33.50 -50.11
C GLN G 89 15.96 -33.42 -48.61
N GLN G 90 16.52 -32.40 -47.98
CA GLN G 90 16.33 -32.14 -46.56
C GLN G 90 15.31 -31.03 -46.37
N SER G 91 14.64 -31.07 -45.21
CA SER G 91 13.72 -30.01 -44.82
C SER G 91 13.96 -29.55 -43.39
N TYR G 92 15.12 -29.88 -42.82
CA TYR G 92 15.42 -29.46 -41.47
C TYR G 92 15.52 -27.94 -41.37
N THR G 93 16.08 -27.30 -42.40
CA THR G 93 16.11 -25.84 -42.49
C THR G 93 14.88 -25.39 -43.27
N THR G 94 13.81 -25.10 -42.53
CA THR G 94 12.56 -24.73 -43.18
C THR G 94 12.68 -23.54 -44.11
N PRO G 95 13.51 -22.52 -43.84
CA PRO G 95 13.63 -21.40 -44.79
C PRO G 95 14.50 -21.69 -45.99
N ALA G 96 15.14 -22.86 -46.06
CA ALA G 96 16.06 -23.15 -47.18
C ALA G 96 16.02 -24.65 -47.44
N ILE G 97 15.18 -25.06 -48.38
CA ILE G 97 15.10 -26.44 -48.80
C ILE G 97 16.16 -26.68 -49.86
N THR G 98 16.89 -27.79 -49.74
CA THR G 98 17.96 -28.12 -50.67
C THR G 98 17.82 -29.57 -51.12
N PHE G 99 18.13 -29.82 -52.39
CA PHE G 99 18.12 -31.15 -52.97
C PHE G 99 19.54 -31.64 -53.21
N GLY G 100 19.68 -32.96 -53.29
CA GLY G 100 20.93 -33.55 -53.74
C GLY G 100 21.10 -33.43 -55.24
N GLN G 101 22.31 -33.74 -55.71
CA GLN G 101 22.60 -33.58 -57.13
C GLN G 101 21.91 -34.64 -57.98
N GLY G 102 21.45 -35.73 -57.39
CA GLY G 102 20.75 -36.78 -58.09
C GLY G 102 21.65 -37.94 -58.45
N THR G 103 21.05 -39.12 -58.57
CA THR G 103 21.78 -40.34 -58.93
C THR G 103 21.05 -41.01 -60.10
N ARG G 104 21.75 -41.19 -61.20
CA ARG G 104 21.17 -41.85 -62.37
C ARG G 104 21.29 -43.36 -62.19
N VAL G 105 20.16 -44.06 -62.31
CA VAL G 105 20.08 -45.51 -62.18
C VAL G 105 19.73 -46.08 -63.54
N GLN G 106 20.68 -46.76 -64.16
CA GLN G 106 20.48 -47.35 -65.47
C GLN G 106 20.33 -48.86 -65.35
N ILE G 107 19.81 -49.47 -66.42
CA ILE G 107 19.51 -50.89 -66.44
C ILE G 107 20.53 -51.58 -67.34
N LYS G 108 21.26 -52.53 -66.77
CA LYS G 108 22.15 -53.39 -67.54
C LYS G 108 21.36 -54.60 -68.01
N ARG G 109 21.41 -54.87 -69.31
CA ARG G 109 20.66 -55.96 -69.92
C ARG G 109 21.56 -56.64 -70.95
N THR G 110 20.97 -57.59 -71.70
CA THR G 110 21.72 -58.31 -72.71
C THR G 110 21.96 -57.42 -73.93
N VAL G 111 22.99 -57.78 -74.69
CA VAL G 111 23.29 -57.05 -75.92
C VAL G 111 22.12 -57.19 -76.88
N ALA G 112 21.82 -56.11 -77.59
CA ALA G 112 20.75 -56.12 -78.58
C ALA G 112 21.24 -55.33 -79.80
N ALA G 113 21.15 -55.95 -80.97
CA ALA G 113 21.58 -55.29 -82.18
C ALA G 113 20.56 -54.25 -82.62
N PRO G 114 21.01 -53.15 -83.22
CA PRO G 114 20.08 -52.14 -83.71
C PRO G 114 19.57 -52.47 -85.10
N SER G 115 18.28 -52.24 -85.32
CA SER G 115 17.70 -52.27 -86.65
C SER G 115 17.93 -50.89 -87.29
N VAL G 116 18.56 -50.87 -88.46
CA VAL G 116 18.98 -49.63 -89.10
C VAL G 116 18.02 -49.27 -90.23
N PHE G 117 17.68 -47.98 -90.31
CA PHE G 117 16.85 -47.44 -91.37
C PHE G 117 17.42 -46.09 -91.77
N ILE G 118 17.53 -45.85 -93.07
CA ILE G 118 18.00 -44.58 -93.59
C ILE G 118 16.84 -43.87 -94.28
N PHE G 119 16.76 -42.56 -94.10
CA PHE G 119 15.69 -41.75 -94.68
C PHE G 119 16.29 -40.66 -95.55
N PRO G 120 16.05 -40.67 -96.85
CA PRO G 120 16.54 -39.58 -97.71
C PRO G 120 15.81 -38.28 -97.40
N PRO G 121 16.34 -37.14 -97.86
CA PRO G 121 15.64 -35.87 -97.62
C PRO G 121 14.26 -35.87 -98.28
N SER G 122 13.30 -35.28 -97.58
CA SER G 122 11.96 -35.13 -98.15
C SER G 122 11.98 -34.19 -99.34
N ASP G 123 10.95 -34.31 -100.18
CA ASP G 123 10.81 -33.39 -101.30
C ASP G 123 10.38 -32.01 -100.82
N GLU G 124 9.63 -31.93 -99.71
CA GLU G 124 9.28 -30.64 -99.15
C GLU G 124 10.52 -29.86 -98.72
N GLN G 125 11.46 -30.53 -98.06
CA GLN G 125 12.65 -29.84 -97.55
C GLN G 125 13.55 -29.38 -98.68
N LEU G 126 13.72 -30.21 -99.72
CA LEU G 126 14.59 -29.84 -100.82
C LEU G 126 14.14 -28.55 -101.49
N LYS G 127 12.84 -28.27 -101.51
CA LYS G 127 12.34 -27.02 -102.06
C LYS G 127 12.80 -25.82 -101.24
N SER G 128 13.21 -26.03 -99.99
CA SER G 128 13.63 -24.94 -99.11
C SER G 128 15.12 -24.63 -99.19
N GLY G 129 15.87 -25.37 -100.00
CA GLY G 129 17.29 -25.10 -100.16
C GLY G 129 18.22 -25.87 -99.25
N THR G 130 17.71 -26.85 -98.50
CA THR G 130 18.54 -27.66 -97.63
C THR G 130 18.10 -29.11 -97.71
N ALA G 131 19.02 -30.01 -97.39
CA ALA G 131 18.78 -31.45 -97.45
C ALA G 131 19.28 -32.10 -96.17
N SER G 132 18.40 -32.87 -95.53
CA SER G 132 18.73 -33.56 -94.28
C SER G 132 18.55 -35.05 -94.49
N VAL G 133 19.61 -35.82 -94.26
CA VAL G 133 19.56 -37.27 -94.33
C VAL G 133 19.60 -37.81 -92.90
N VAL G 134 18.63 -38.65 -92.55
CA VAL G 134 18.48 -39.17 -91.20
C VAL G 134 18.71 -40.67 -91.23
N CYS G 135 19.54 -41.15 -90.30
CA CYS G 135 19.83 -42.56 -90.14
C CYS G 135 19.39 -42.99 -88.74
N LEU G 136 18.55 -44.01 -88.66
CA LEU G 136 17.91 -44.41 -87.41
C LEU G 136 18.51 -45.71 -86.89
N LEU G 137 18.91 -45.70 -85.62
CA LEU G 137 19.29 -46.89 -84.87
C LEU G 137 18.28 -47.10 -83.75
N ASN G 138 17.53 -48.20 -83.82
CA ASN G 138 16.40 -48.43 -82.92
C ASN G 138 16.62 -49.69 -82.08
N ASN G 139 16.31 -49.57 -80.79
CA ASN G 139 16.27 -50.69 -79.83
C ASN G 139 17.57 -51.49 -79.84
N PHE G 140 18.63 -50.85 -79.35
CA PHE G 140 19.93 -51.47 -79.24
C PHE G 140 20.52 -51.25 -77.86
N TYR G 141 21.40 -52.16 -77.46
CA TYR G 141 22.12 -52.09 -76.19
C TYR G 141 23.42 -52.86 -76.39
N PRO G 142 24.55 -52.37 -75.86
CA PRO G 142 24.68 -51.17 -75.04
C PRO G 142 24.54 -49.88 -75.84
N ARG G 143 24.68 -48.74 -75.16
CA ARG G 143 24.49 -47.45 -75.82
C ARG G 143 25.63 -47.10 -76.76
N GLU G 144 26.82 -47.66 -76.55
CA GLU G 144 27.96 -47.32 -77.39
C GLU G 144 27.69 -47.78 -78.83
N ALA G 145 27.86 -46.87 -79.78
CA ALA G 145 27.64 -47.15 -81.18
C ALA G 145 28.46 -46.17 -82.02
N LYS G 146 28.85 -46.61 -83.21
CA LYS G 146 29.60 -45.77 -84.14
C LYS G 146 28.82 -45.65 -85.44
N VAL G 147 28.49 -44.41 -85.82
CA VAL G 147 27.73 -44.14 -87.04
C VAL G 147 28.61 -43.30 -87.95
N GLN G 148 28.82 -43.78 -89.18
CA GLN G 148 29.66 -43.12 -90.17
C GLN G 148 28.86 -42.85 -91.43
N TRP G 149 28.86 -41.61 -91.89
CA TRP G 149 28.19 -41.23 -93.12
C TRP G 149 29.17 -41.31 -94.28
N LYS G 150 28.74 -41.93 -95.37
CA LYS G 150 29.53 -42.03 -96.60
C LYS G 150 28.72 -41.42 -97.74
N VAL G 151 29.29 -40.44 -98.41
CA VAL G 151 28.67 -39.82 -99.58
C VAL G 151 29.54 -40.18 -100.77
N ASP G 152 29.05 -41.09 -101.60
CA ASP G 152 29.81 -41.59 -102.75
C ASP G 152 31.17 -42.14 -102.29
N ASN G 153 31.14 -42.96 -101.25
CA ASN G 153 32.31 -43.61 -100.67
C ASN G 153 33.22 -42.64 -99.93
N ALA G 154 32.82 -41.38 -99.80
CA ALA G 154 33.62 -40.37 -99.12
C ALA G 154 33.13 -40.20 -97.69
N LEU G 155 34.03 -40.37 -96.73
CA LEU G 155 33.68 -40.23 -95.33
C LEU G 155 33.33 -38.77 -95.01
N GLN G 156 32.24 -38.59 -94.28
CA GLN G 156 31.76 -37.27 -93.89
C GLN G 156 32.22 -36.95 -92.47
N SER G 157 32.60 -35.69 -92.26
CA SER G 157 32.99 -35.22 -90.93
C SER G 157 32.51 -33.78 -90.76
N GLY G 158 31.80 -33.52 -89.67
CA GLY G 158 31.38 -32.18 -89.31
C GLY G 158 29.99 -31.79 -89.74
N ASN G 159 29.30 -32.64 -90.52
CA ASN G 159 27.97 -32.31 -91.01
C ASN G 159 26.90 -33.25 -90.48
N SER G 160 27.17 -33.92 -89.35
CA SER G 160 26.21 -34.81 -88.73
C SER G 160 26.07 -34.45 -87.25
N GLN G 161 24.88 -34.67 -86.71
CA GLN G 161 24.59 -34.46 -85.31
C GLN G 161 23.79 -35.65 -84.80
N GLU G 162 24.12 -36.10 -83.58
CA GLU G 162 23.55 -37.30 -83.02
C GLU G 162 22.64 -36.98 -81.84
N SER G 163 21.59 -37.78 -81.70
CA SER G 163 20.65 -37.65 -80.60
C SER G 163 20.30 -39.06 -80.14
N VAL G 164 20.27 -39.27 -78.83
CA VAL G 164 20.01 -40.58 -78.25
C VAL G 164 18.86 -40.46 -77.26
N THR G 165 17.95 -41.43 -77.29
CA THR G 165 16.86 -41.45 -76.34
C THR G 165 17.34 -41.98 -75.00
N GLU G 166 16.50 -41.77 -73.98
CA GLU G 166 16.74 -42.37 -72.68
C GLU G 166 16.40 -43.87 -72.73
N GLN G 167 16.87 -44.60 -71.72
CA GLN G 167 16.61 -46.03 -71.66
C GLN G 167 15.10 -46.29 -71.61
N ASP G 168 14.63 -47.13 -72.52
CA ASP G 168 13.21 -47.46 -72.58
C ASP G 168 12.76 -48.11 -71.29
N SER G 169 11.57 -47.73 -70.82
CA SER G 169 11.05 -48.22 -69.55
C SER G 169 10.63 -49.68 -69.60
N LYS G 170 10.42 -50.24 -70.79
CA LYS G 170 9.95 -51.62 -70.94
C LYS G 170 11.09 -52.59 -71.24
N ASP G 171 11.82 -52.37 -72.34
CA ASP G 171 12.91 -53.25 -72.74
C ASP G 171 14.29 -52.65 -72.48
N SER G 172 14.35 -51.46 -71.88
CA SER G 172 15.61 -50.85 -71.43
C SER G 172 16.68 -50.86 -72.52
N THR G 173 16.28 -50.53 -73.74
CA THR G 173 17.22 -50.35 -74.85
C THR G 173 17.34 -48.86 -75.19
N TYR G 174 18.25 -48.56 -76.09
CA TYR G 174 18.44 -47.21 -76.58
C TYR G 174 18.09 -47.14 -78.06
N SER G 175 17.85 -45.92 -78.54
CA SER G 175 17.69 -45.65 -79.96
C SER G 175 18.45 -44.38 -80.27
N LEU G 176 19.08 -44.33 -81.45
CA LEU G 176 19.94 -43.22 -81.81
C LEU G 176 19.51 -42.63 -83.15
N SER G 177 19.66 -41.30 -83.26
CA SER G 177 19.40 -40.57 -84.49
C SER G 177 20.66 -39.85 -84.93
N SER G 178 20.94 -39.90 -86.23
CA SER G 178 22.07 -39.20 -86.83
C SER G 178 21.56 -38.47 -88.06
N THR G 179 21.71 -37.15 -88.07
CA THR G 179 21.19 -36.30 -89.15
C THR G 179 22.36 -35.69 -89.91
N LEU G 180 22.44 -35.99 -91.21
CA LEU G 180 23.43 -35.39 -92.08
C LEU G 180 22.81 -34.18 -92.76
N THR G 181 23.39 -33.00 -92.51
CA THR G 181 22.90 -31.75 -93.09
C THR G 181 23.82 -31.36 -94.25
N LEU G 182 23.24 -31.30 -95.44
CA LEU G 182 23.95 -30.91 -96.65
C LEU G 182 23.19 -29.79 -97.34
N SER G 183 23.91 -28.98 -98.10
CA SER G 183 23.23 -28.04 -98.97
C SER G 183 22.54 -28.80 -100.09
N LYS G 184 21.50 -28.18 -100.66
CA LYS G 184 20.82 -28.84 -101.78
C LYS G 184 21.75 -29.01 -102.97
N ALA G 185 22.66 -28.07 -103.18
CA ALA G 185 23.59 -28.19 -104.31
C ALA G 185 24.51 -29.39 -104.14
N ASP G 186 25.05 -29.57 -102.93
CA ASP G 186 25.95 -30.70 -102.69
C ASP G 186 25.19 -32.03 -102.66
N TYR G 187 23.93 -32.03 -102.23
CA TYR G 187 23.16 -33.27 -102.21
C TYR G 187 22.90 -33.78 -103.62
N GLU G 188 22.70 -32.88 -104.58
CA GLU G 188 22.44 -33.26 -105.97
C GLU G 188 23.73 -33.46 -106.77
N LYS G 189 24.88 -33.48 -106.11
CA LYS G 189 26.16 -33.73 -106.77
C LYS G 189 26.72 -35.11 -106.48
N HIS G 190 25.97 -35.98 -105.79
CA HIS G 190 26.43 -37.32 -105.49
C HIS G 190 25.28 -38.30 -105.58
N LYS G 191 25.62 -39.57 -105.82
CA LYS G 191 24.61 -40.60 -106.01
C LYS G 191 24.33 -41.37 -104.72
N VAL G 192 25.30 -42.17 -104.27
CA VAL G 192 25.09 -43.08 -103.15
C VAL G 192 25.25 -42.33 -101.82
N TYR G 193 24.31 -42.58 -100.90
CA TYR G 193 24.35 -42.02 -99.55
C TYR G 193 24.21 -43.18 -98.57
N ALA G 194 25.27 -43.47 -97.83
CA ALA G 194 25.31 -44.64 -96.97
C ALA G 194 25.47 -44.24 -95.51
N CYS G 195 24.86 -45.04 -94.64
CA CYS G 195 24.99 -44.88 -93.19
C CYS G 195 25.56 -46.17 -92.63
N GLU G 196 26.80 -46.12 -92.17
CA GLU G 196 27.48 -47.29 -91.61
C GLU G 196 27.30 -47.31 -90.09
N VAL G 197 26.86 -48.45 -89.58
CA VAL G 197 26.59 -48.62 -88.15
C VAL G 197 27.47 -49.75 -87.61
N THR G 198 28.22 -49.47 -86.56
CA THR G 198 29.04 -50.46 -85.88
C THR G 198 28.57 -50.60 -84.45
N HIS G 199 28.16 -51.81 -84.07
CA HIS G 199 27.65 -52.08 -82.74
C HIS G 199 28.05 -53.48 -82.32
N GLN G 200 28.17 -53.68 -81.01
CA GLN G 200 28.58 -54.98 -80.48
C GLN G 200 27.60 -56.09 -80.84
N GLY G 201 26.31 -55.75 -81.00
CA GLY G 201 25.32 -56.75 -81.35
C GLY G 201 25.35 -57.18 -82.81
N LEU G 202 26.09 -56.46 -83.66
CA LEU G 202 26.13 -56.75 -85.08
C LEU G 202 27.36 -57.58 -85.41
N SER G 203 27.13 -58.71 -86.10
CA SER G 203 28.25 -59.54 -86.54
C SER G 203 29.20 -58.78 -87.46
N SER G 204 28.73 -57.71 -88.10
CA SER G 204 29.56 -56.92 -89.00
C SER G 204 28.89 -55.57 -89.20
N PRO G 205 29.66 -54.51 -89.44
CA PRO G 205 29.04 -53.18 -89.63
C PRO G 205 27.97 -53.22 -90.70
N VAL G 206 26.79 -52.73 -90.33
CA VAL G 206 25.65 -52.68 -91.24
C VAL G 206 25.64 -51.32 -91.93
N THR G 207 25.46 -51.32 -93.24
CA THR G 207 25.49 -50.09 -94.04
C THR G 207 24.22 -50.05 -94.90
N LYS G 208 23.25 -49.24 -94.48
CA LYS G 208 22.08 -48.95 -95.30
C LYS G 208 22.40 -47.77 -96.20
N SER G 209 21.91 -47.81 -97.43
CA SER G 209 22.24 -46.77 -98.38
C SER G 209 21.12 -46.59 -99.39
N PHE G 210 21.08 -45.40 -99.99
CA PHE G 210 20.23 -45.09 -101.13
C PHE G 210 21.07 -44.29 -102.11
N ASN G 211 20.77 -44.44 -103.40
CA ASN G 211 21.59 -43.82 -104.44
C ASN G 211 20.69 -43.01 -105.35
N ARG G 212 20.32 -41.81 -104.90
CA ARG G 212 19.58 -40.86 -105.72
C ARG G 212 19.88 -39.46 -105.21
N GLY G 213 19.78 -38.49 -106.10
CA GLY G 213 20.02 -37.11 -105.74
C GLY G 213 21.37 -36.58 -106.19
N VAL H 1 -7.09 -36.84 -58.52
CA VAL H 1 -7.87 -35.69 -58.11
C VAL H 1 -6.97 -34.48 -57.92
N VAL H 2 -6.05 -34.56 -56.96
CA VAL H 2 -5.13 -33.45 -56.70
C VAL H 2 -4.33 -33.16 -57.97
N GLN H 3 -4.47 -31.94 -58.49
CA GLN H 3 -3.86 -31.56 -59.75
C GLN H 3 -3.28 -30.16 -59.65
N LEU H 4 -2.12 -29.96 -60.30
CA LEU H 4 -1.50 -28.65 -60.43
C LEU H 4 -1.14 -28.43 -61.88
N VAL H 5 -1.42 -27.23 -62.40
CA VAL H 5 -1.20 -26.90 -63.80
C VAL H 5 -0.46 -25.57 -63.87
N GLU H 6 0.79 -25.60 -64.34
CA GLU H 6 1.58 -24.39 -64.52
C GLU H 6 1.24 -23.73 -65.85
N SER H 7 1.21 -22.40 -65.85
CA SER H 7 0.93 -21.62 -67.05
C SER H 7 1.93 -20.48 -67.15
N GLY H 8 1.96 -19.84 -68.32
CA GLY H 8 2.94 -18.81 -68.54
C GLY H 8 4.33 -19.39 -68.70
N GLY H 9 5.28 -18.58 -69.14
CA GLY H 9 6.62 -19.07 -69.38
C GLY H 9 6.89 -19.37 -70.84
N GLY H 10 8.11 -19.10 -71.28
CA GLY H 10 8.52 -19.29 -72.66
C GLY H 10 9.84 -18.61 -72.91
N LEU H 11 9.92 -17.80 -73.96
CA LEU H 11 11.14 -17.11 -74.32
C LEU H 11 11.08 -15.67 -73.80
N VAL H 12 12.09 -15.28 -73.03
CA VAL H 12 12.22 -13.91 -72.54
C VAL H 12 13.68 -13.53 -72.58
N LYS H 13 13.94 -12.25 -72.85
CA LYS H 13 15.29 -11.79 -73.06
C LYS H 13 16.06 -11.68 -71.74
N PRO H 14 17.38 -11.73 -71.79
CA PRO H 14 18.17 -11.50 -70.58
C PRO H 14 17.87 -10.13 -70.01
N GLY H 15 17.79 -10.07 -68.68
CA GLY H 15 17.37 -8.86 -68.00
C GLY H 15 15.88 -8.58 -68.07
N GLY H 16 15.07 -9.55 -68.49
CA GLY H 16 13.64 -9.39 -68.56
C GLY H 16 12.94 -10.00 -67.36
N SER H 17 11.62 -9.81 -67.33
CA SER H 17 10.77 -10.31 -66.26
C SER H 17 9.70 -11.23 -66.83
N LEU H 18 9.24 -12.16 -66.00
CA LEU H 18 8.21 -13.11 -66.41
C LEU H 18 7.45 -13.57 -65.18
N ARG H 19 6.17 -13.86 -65.36
CA ARG H 19 5.31 -14.30 -64.26
C ARG H 19 4.70 -15.66 -64.58
N LEU H 20 4.90 -16.61 -63.69
CA LEU H 20 4.40 -17.98 -63.84
C LEU H 20 3.23 -18.20 -62.89
N SER H 21 2.20 -18.85 -63.42
CA SER H 21 1.03 -19.22 -62.63
C SER H 21 0.91 -20.73 -62.53
N CYS H 22 0.16 -21.17 -61.52
CA CYS H 22 -0.03 -22.59 -61.24
C CYS H 22 -1.44 -22.75 -60.68
N ALA H 23 -2.34 -23.32 -61.49
CA ALA H 23 -3.72 -23.53 -61.08
C ALA H 23 -3.82 -24.81 -60.25
N ALA H 24 -4.48 -24.70 -59.10
CA ALA H 24 -4.67 -25.80 -58.17
C ALA H 24 -6.11 -26.29 -58.22
N SER H 25 -6.28 -27.59 -58.00
CA SER H 25 -7.59 -28.21 -58.02
C SER H 25 -7.52 -29.52 -57.25
N GLY H 26 -8.67 -29.95 -56.73
CA GLY H 26 -8.77 -31.20 -56.02
C GLY H 26 -8.31 -31.18 -54.59
N PHE H 27 -7.95 -30.01 -54.05
CA PHE H 27 -7.52 -29.93 -52.67
C PHE H 27 -7.75 -28.51 -52.18
N THR H 28 -7.79 -28.37 -50.86
CA THR H 28 -8.02 -27.06 -50.24
C THR H 28 -6.77 -26.22 -50.40
N PHE H 29 -6.79 -25.32 -51.39
CA PHE H 29 -5.60 -24.51 -51.67
C PHE H 29 -5.21 -23.64 -50.48
N SER H 30 -6.20 -23.16 -49.72
CA SER H 30 -5.90 -22.23 -48.62
C SER H 30 -5.25 -22.92 -47.43
N TYR H 31 -5.37 -24.24 -47.32
CA TYR H 31 -4.82 -24.99 -46.19
C TYR H 31 -3.44 -25.56 -46.47
N ALA H 32 -2.85 -25.24 -47.62
CA ALA H 32 -1.67 -25.95 -48.08
C ALA H 32 -0.52 -24.99 -48.38
N TRP H 33 0.68 -25.41 -48.02
CA TRP H 33 1.88 -24.71 -48.43
C TRP H 33 2.14 -24.95 -49.92
N MET H 34 2.65 -23.91 -50.59
CA MET H 34 2.94 -23.97 -52.00
C MET H 34 4.39 -23.58 -52.23
N SER H 35 5.06 -24.29 -53.12
CA SER H 35 6.48 -24.11 -53.36
C SER H 35 6.78 -24.25 -54.85
N TRP H 36 7.87 -23.62 -55.27
CA TRP H 36 8.37 -23.72 -56.63
C TRP H 36 9.71 -24.45 -56.63
N VAL H 37 9.89 -25.35 -57.58
CA VAL H 37 11.13 -26.09 -57.77
C VAL H 37 11.43 -26.12 -59.27
N ARG H 38 12.65 -25.75 -59.64
CA ARG H 38 13.04 -25.68 -61.04
C ARG H 38 14.18 -26.66 -61.33
N GLN H 39 14.36 -26.97 -62.61
CA GLN H 39 15.37 -27.93 -63.04
C GLN H 39 15.97 -27.46 -64.36
N ALA H 40 17.23 -27.06 -64.33
CA ALA H 40 17.93 -26.68 -65.55
C ALA H 40 18.04 -27.88 -66.49
N PRO H 41 18.16 -27.62 -67.79
CA PRO H 41 18.27 -28.72 -68.77
C PRO H 41 19.41 -29.66 -68.41
N GLY H 42 19.07 -30.93 -68.20
CA GLY H 42 20.05 -31.93 -67.86
C GLY H 42 20.61 -31.85 -66.45
N LYS H 43 20.14 -30.91 -65.63
CA LYS H 43 20.67 -30.70 -64.29
C LYS H 43 19.67 -31.21 -63.24
N GLY H 44 20.05 -31.05 -61.96
CA GLY H 44 19.23 -31.54 -60.87
C GLY H 44 18.11 -30.59 -60.48
N LEU H 45 17.31 -31.03 -59.53
CA LEU H 45 16.23 -30.20 -59.01
C LEU H 45 16.78 -29.13 -58.09
N GLU H 46 16.26 -27.91 -58.21
CA GLU H 46 16.65 -26.79 -57.37
C GLU H 46 15.42 -26.14 -56.77
N TRP H 47 15.39 -26.05 -55.44
CA TRP H 47 14.30 -25.37 -54.75
C TRP H 47 14.36 -23.88 -55.01
N VAL H 48 13.24 -23.30 -55.44
CA VAL H 48 13.18 -21.87 -55.72
C VAL H 48 12.68 -21.08 -54.53
N GLY H 49 11.57 -21.51 -53.95
CA GLY H 49 10.99 -20.81 -52.82
C GLY H 49 9.67 -21.44 -52.43
N ARG H 50 9.01 -20.80 -51.47
CA ARG H 50 7.76 -21.34 -50.93
C ARG H 50 7.04 -20.25 -50.14
N ILE H 51 5.72 -20.27 -50.20
CA ILE H 51 4.86 -19.40 -49.40
C ILE H 51 3.96 -20.28 -48.55
N LYS H 52 3.95 -20.04 -47.25
CA LYS H 52 3.17 -20.88 -46.34
C LYS H 52 1.68 -20.55 -46.45
N ARG H 53 0.87 -21.41 -45.84
CA ARG H 53 -0.55 -21.13 -45.71
C ARG H 53 -0.76 -19.88 -44.86
N LYS H 54 -1.89 -19.21 -45.09
CA LYS H 54 -2.15 -17.97 -44.35
C LYS H 54 -2.23 -18.24 -42.85
N SER H 55 -2.80 -19.37 -42.44
CA SER H 55 -2.89 -19.70 -41.03
C SER H 55 -1.53 -19.91 -40.39
N ASP H 56 -0.50 -20.22 -41.18
CA ASP H 56 0.86 -20.33 -40.68
C ASP H 56 1.67 -19.07 -40.89
N GLY H 57 1.04 -18.00 -41.36
CA GLY H 57 1.68 -16.71 -41.57
C GLY H 57 1.73 -16.27 -43.02
N GLY H 58 1.55 -17.20 -43.96
CA GLY H 58 1.65 -16.84 -45.37
C GLY H 58 2.97 -16.21 -45.74
N THR H 59 4.04 -16.50 -45.00
CA THR H 59 5.33 -15.86 -45.22
C THR H 59 6.06 -16.54 -46.37
N THR H 60 6.98 -15.79 -46.97
CA THR H 60 7.74 -16.24 -48.12
C THR H 60 9.18 -16.54 -47.73
N ASP H 61 9.75 -17.57 -48.35
CA ASP H 61 11.15 -17.90 -48.22
C ASP H 61 11.69 -18.20 -49.62
N TYR H 62 12.91 -17.73 -49.89
CA TYR H 62 13.50 -17.85 -51.21
C TYR H 62 14.90 -18.43 -51.12
N ALA H 63 15.36 -19.01 -52.23
CA ALA H 63 16.70 -19.54 -52.31
C ALA H 63 17.68 -18.43 -52.72
N ALA H 64 18.90 -18.52 -52.22
CA ALA H 64 19.89 -17.48 -52.46
C ALA H 64 20.01 -17.13 -53.94
N PRO H 65 20.14 -18.07 -54.87
CA PRO H 65 20.35 -17.71 -56.28
C PRO H 65 19.25 -16.85 -56.85
N VAL H 66 18.08 -16.80 -56.23
CA VAL H 66 16.96 -16.01 -56.74
C VAL H 66 16.49 -14.96 -55.75
N LYS H 67 17.14 -14.81 -54.60
CA LYS H 67 16.69 -13.84 -53.61
C LYS H 67 16.82 -12.43 -54.14
N GLY H 68 15.78 -11.62 -53.91
CA GLY H 68 15.77 -10.23 -54.31
C GLY H 68 15.21 -9.97 -55.69
N ARG H 69 15.07 -11.01 -56.52
CA ARG H 69 14.52 -10.86 -57.86
C ARG H 69 13.21 -11.61 -58.08
N PHE H 70 12.99 -12.72 -57.39
CA PHE H 70 11.78 -13.51 -57.53
C PHE H 70 10.82 -13.19 -56.37
N THR H 71 9.53 -13.10 -56.69
CA THR H 71 8.51 -12.84 -55.69
C THR H 71 7.39 -13.86 -55.84
N ILE H 72 7.17 -14.63 -54.78
CA ILE H 72 6.10 -15.63 -54.75
C ILE H 72 4.90 -15.02 -54.01
N SER H 73 3.78 -14.91 -54.70
CA SER H 73 2.54 -14.39 -54.13
C SER H 73 1.45 -15.45 -54.25
N ARG H 74 0.43 -15.31 -53.40
CA ARG H 74 -0.65 -16.28 -53.30
C ARG H 74 -2.00 -15.59 -53.44
N ASP H 75 -2.93 -16.25 -54.14
CA ASP H 75 -4.30 -15.77 -54.33
C ASP H 75 -5.25 -16.93 -54.04
N ASP H 76 -5.53 -17.16 -52.75
CA ASP H 76 -6.45 -18.24 -52.38
C ASP H 76 -7.83 -18.06 -52.97
N SER H 77 -8.21 -16.83 -53.33
CA SER H 77 -9.55 -16.62 -53.90
C SER H 77 -9.70 -17.34 -55.23
N LYS H 78 -8.63 -17.41 -56.01
CA LYS H 78 -8.64 -18.07 -57.32
C LYS H 78 -7.93 -19.41 -57.29
N ASN H 79 -7.47 -19.88 -56.13
CA ASN H 79 -6.74 -21.13 -56.02
C ASN H 79 -5.55 -21.15 -56.98
N THR H 80 -4.77 -20.07 -56.95
CA THR H 80 -3.67 -19.86 -57.86
C THR H 80 -2.41 -19.51 -57.10
N LEU H 81 -1.29 -20.08 -57.54
CA LEU H 81 0.03 -19.76 -57.02
C LEU H 81 0.80 -19.00 -58.10
N TYR H 82 1.50 -17.95 -57.68
CA TYR H 82 2.21 -17.07 -58.61
C TYR H 82 3.71 -17.09 -58.33
N LEU H 83 4.49 -16.84 -59.37
CA LEU H 83 5.94 -16.67 -59.24
C LEU H 83 6.36 -15.58 -60.22
N GLN H 84 6.63 -14.39 -59.69
CA GLN H 84 7.05 -13.26 -60.51
C GLN H 84 8.57 -13.20 -60.54
N MET H 85 9.14 -13.32 -61.72
CA MET H 85 10.59 -13.30 -61.91
C MET H 85 11.01 -11.96 -62.49
N SER H 86 12.19 -11.50 -62.09
CA SER H 86 12.73 -10.24 -62.58
C SER H 86 14.24 -10.36 -62.72
N SER H 87 14.80 -9.55 -63.61
CA SER H 87 16.23 -9.57 -63.91
C SER H 87 16.71 -10.98 -64.22
N LEU H 88 16.01 -11.63 -65.14
CA LEU H 88 16.30 -13.02 -65.47
C LEU H 88 17.64 -13.14 -66.17
N LYS H 89 18.41 -14.15 -65.77
CA LYS H 89 19.70 -14.46 -66.37
C LYS H 89 19.61 -15.80 -67.09
N THR H 90 20.65 -16.08 -67.89
CA THR H 90 20.65 -17.32 -68.67
C THR H 90 20.59 -18.54 -67.77
N GLU H 91 21.20 -18.47 -66.58
CA GLU H 91 21.16 -19.59 -65.64
C GLU H 91 19.78 -19.79 -65.01
N ASP H 92 18.83 -18.91 -65.28
CA ASP H 92 17.45 -19.11 -64.86
C ASP H 92 16.65 -19.95 -65.85
N THR H 93 17.27 -20.32 -66.97
CA THR H 93 16.62 -21.20 -67.94
C THR H 93 16.41 -22.57 -67.33
N ALA H 94 15.16 -22.98 -67.19
CA ALA H 94 14.87 -24.27 -66.56
C ALA H 94 13.38 -24.55 -66.69
N VAL H 95 13.00 -25.76 -66.32
CA VAL H 95 11.61 -26.16 -66.22
C VAL H 95 11.14 -25.90 -64.80
N TYR H 96 10.09 -25.11 -64.66
CA TYR H 96 9.62 -24.65 -63.35
C TYR H 96 8.39 -25.43 -62.93
N TYR H 97 8.50 -26.14 -61.82
CA TYR H 97 7.39 -26.90 -61.26
C TYR H 97 6.79 -26.16 -60.08
N CYS H 98 5.48 -26.29 -59.92
CA CYS H 98 4.82 -25.90 -58.69
C CYS H 98 4.46 -27.17 -57.92
N THR H 99 4.54 -27.09 -56.60
CA THR H 99 4.40 -28.27 -55.76
C THR H 99 3.77 -27.88 -54.43
N THR H 100 3.20 -28.88 -53.76
CA THR H 100 2.74 -28.74 -52.39
C THR H 100 3.05 -30.04 -51.66
N ASP H 101 3.06 -29.97 -50.32
CA ASP H 101 3.65 -31.01 -49.50
C ASP H 101 2.59 -31.97 -48.96
N LEU H 102 3.05 -32.92 -48.13
CA LEU H 102 2.23 -34.02 -47.62
C LEU H 102 1.61 -33.61 -46.29
N CYS H 103 0.58 -32.76 -46.39
CA CYS H 103 -0.05 -32.18 -45.20
C CYS H 103 -1.50 -31.82 -45.50
N ARG H 104 -2.26 -32.78 -46.02
CA ARG H 104 -3.69 -32.61 -46.26
C ARG H 104 -4.52 -33.58 -45.42
N SER H 105 -3.93 -34.15 -44.37
CA SER H 105 -4.63 -35.06 -43.47
C SER H 105 -4.12 -34.79 -42.06
N THR H 106 -4.39 -35.71 -41.14
CA THR H 106 -3.94 -35.53 -39.77
C THR H 106 -2.42 -35.66 -39.66
N SER H 107 -1.81 -36.55 -40.45
CA SER H 107 -0.36 -36.63 -40.49
C SER H 107 0.18 -35.57 -41.45
N CYS H 108 1.10 -34.74 -40.95
CA CYS H 108 1.55 -33.54 -41.64
C CYS H 108 3.08 -33.59 -41.72
N GLU H 109 3.60 -33.66 -42.94
CA GLU H 109 5.04 -33.65 -43.18
C GLU H 109 5.34 -32.56 -44.22
N HIS H 110 5.55 -31.34 -43.73
CA HIS H 110 5.78 -30.21 -44.62
C HIS H 110 7.06 -30.40 -45.42
N ASP H 111 7.07 -29.84 -46.62
CA ASP H 111 8.21 -29.89 -47.53
C ASP H 111 8.51 -31.30 -48.03
N ALA H 112 7.57 -32.23 -47.84
CA ALA H 112 7.61 -33.53 -48.52
C ALA H 112 6.64 -33.43 -49.70
N PHE H 113 7.20 -33.24 -50.89
CA PHE H 113 6.42 -32.90 -52.07
C PHE H 113 5.82 -34.16 -52.68
N ASP H 114 4.50 -34.31 -52.55
CA ASP H 114 3.78 -35.44 -53.11
C ASP H 114 3.02 -35.11 -54.39
N ILE H 115 2.58 -33.86 -54.55
CA ILE H 115 1.78 -33.45 -55.70
C ILE H 115 2.61 -32.45 -56.51
N TRP H 116 2.90 -32.80 -57.76
CA TRP H 116 3.67 -31.96 -58.64
C TRP H 116 2.86 -31.63 -59.89
N GLY H 117 3.23 -30.51 -60.52
CA GLY H 117 2.66 -30.13 -61.79
C GLY H 117 3.47 -30.67 -62.96
N GLN H 118 3.01 -30.33 -64.16
CA GLN H 118 3.69 -30.78 -65.36
C GLN H 118 4.97 -30.00 -65.62
N GLY H 119 5.06 -28.78 -65.10
CA GLY H 119 6.24 -27.96 -65.29
C GLY H 119 6.20 -27.19 -66.59
N THR H 120 6.57 -25.91 -66.55
CA THR H 120 6.60 -25.07 -67.72
C THR H 120 8.03 -24.65 -68.02
N MET H 121 8.31 -24.41 -69.30
CA MET H 121 9.64 -24.10 -69.77
C MET H 121 9.84 -22.60 -69.86
N VAL H 122 10.89 -22.11 -69.21
CA VAL H 122 11.30 -20.71 -69.28
C VAL H 122 12.70 -20.66 -69.84
N THR H 123 12.85 -20.06 -71.02
CA THR H 123 14.14 -19.94 -71.69
C THR H 123 14.53 -18.47 -71.72
N VAL H 124 15.67 -18.14 -71.13
CA VAL H 124 16.20 -16.78 -71.14
C VAL H 124 17.27 -16.73 -72.23
N SER H 125 16.94 -16.08 -73.34
CA SER H 125 17.84 -15.99 -74.47
C SER H 125 17.53 -14.72 -75.26
N SER H 126 18.53 -14.25 -75.99
CA SER H 126 18.37 -13.09 -76.86
C SER H 126 17.82 -13.44 -78.23
N ALA H 127 17.87 -14.72 -78.62
CA ALA H 127 17.34 -15.12 -79.90
C ALA H 127 15.82 -14.97 -79.93
N SER H 128 15.28 -14.96 -81.15
CA SER H 128 13.86 -14.74 -81.37
C SER H 128 13.14 -16.06 -81.57
N THR H 129 11.82 -16.02 -81.36
CA THR H 129 11.00 -17.22 -81.53
C THR H 129 10.82 -17.52 -83.00
N LYS H 130 10.90 -18.80 -83.35
CA LYS H 130 10.76 -19.27 -84.71
C LYS H 130 10.01 -20.59 -84.71
N GLY H 131 9.03 -20.71 -85.60
CA GLY H 131 8.27 -21.92 -85.74
C GLY H 131 9.02 -22.97 -86.53
N PRO H 132 8.72 -24.23 -86.27
CA PRO H 132 9.44 -25.33 -86.93
C PRO H 132 8.84 -25.72 -88.28
N SER H 133 9.65 -26.43 -89.06
CA SER H 133 9.21 -27.09 -90.29
C SER H 133 9.05 -28.58 -90.02
N VAL H 134 8.06 -29.19 -90.65
CA VAL H 134 7.77 -30.61 -90.47
C VAL H 134 7.90 -31.31 -91.82
N PHE H 135 8.84 -32.26 -91.89
CA PHE H 135 9.10 -33.00 -93.11
C PHE H 135 8.90 -34.49 -92.86
N PRO H 136 8.19 -35.19 -93.74
CA PRO H 136 7.96 -36.63 -93.50
C PRO H 136 9.23 -37.44 -93.70
N LEU H 137 9.41 -38.44 -92.85
CA LEU H 137 10.47 -39.43 -93.02
C LEU H 137 9.79 -40.68 -93.58
N ALA H 138 9.64 -40.72 -94.89
CA ALA H 138 8.83 -41.76 -95.52
C ALA H 138 9.46 -43.13 -95.32
N PRO H 139 8.65 -44.16 -95.07
CA PRO H 139 9.20 -45.52 -94.98
C PRO H 139 9.55 -46.06 -96.37
N SER H 140 10.41 -47.07 -96.38
CA SER H 140 10.84 -47.71 -97.62
C SER H 140 11.25 -49.15 -97.37
N GLY H 146 7.04 -58.31 -95.18
CA GLY H 146 6.66 -59.02 -93.97
C GLY H 146 7.65 -58.82 -92.85
N GLY H 147 8.20 -57.61 -92.74
CA GLY H 147 9.15 -57.28 -91.70
C GLY H 147 8.73 -56.08 -90.88
N THR H 148 9.70 -55.23 -90.52
CA THR H 148 9.45 -54.04 -89.72
C THR H 148 9.83 -52.81 -90.53
N ALA H 149 8.88 -51.89 -90.68
CA ALA H 149 9.13 -50.61 -91.34
C ALA H 149 9.27 -49.50 -90.31
N ALA H 150 9.99 -48.45 -90.68
CA ALA H 150 10.16 -47.28 -89.82
C ALA H 150 9.74 -46.04 -90.59
N LEU H 151 9.14 -45.08 -89.88
CA LEU H 151 8.71 -43.84 -90.52
C LEU H 151 8.63 -42.76 -89.44
N GLY H 152 8.65 -41.51 -89.85
CA GLY H 152 8.54 -40.46 -88.85
C GLY H 152 8.40 -39.11 -89.51
N CYS H 153 8.58 -38.06 -88.74
CA CYS H 153 8.67 -36.74 -89.34
C CYS H 153 9.71 -35.90 -88.57
N LEU H 154 10.37 -35.03 -89.31
CA LEU H 154 11.52 -34.25 -88.89
C LEU H 154 11.07 -32.82 -88.61
N VAL H 155 11.23 -32.38 -87.36
CA VAL H 155 10.87 -31.05 -86.92
C VAL H 155 12.17 -30.25 -86.84
N LYS H 156 12.30 -29.25 -87.70
CA LYS H 156 13.59 -28.60 -87.93
C LYS H 156 13.45 -27.09 -87.83
N ASP H 157 14.50 -26.45 -87.32
CA ASP H 157 14.65 -24.99 -87.32
C ASP H 157 13.55 -24.33 -86.48
N TYR H 158 13.58 -24.62 -85.18
CA TYR H 158 12.62 -24.02 -84.26
C TYR H 158 13.34 -23.50 -83.02
N PHE H 159 12.77 -22.45 -82.45
CA PHE H 159 13.28 -21.85 -81.23
C PHE H 159 12.14 -21.12 -80.55
N PRO H 160 12.01 -21.19 -79.22
CA PRO H 160 12.90 -22.00 -78.37
C PRO H 160 12.35 -23.41 -78.17
N GLU H 161 12.82 -24.07 -77.12
CA GLU H 161 12.21 -25.31 -76.69
C GLU H 161 10.92 -25.02 -75.91
N PRO H 162 10.00 -25.99 -75.83
CA PRO H 162 10.10 -27.30 -76.47
C PRO H 162 9.08 -27.49 -77.60
N VAL H 163 9.13 -28.65 -78.24
CA VAL H 163 8.08 -29.09 -79.15
C VAL H 163 7.57 -30.43 -78.67
N THR H 164 6.29 -30.68 -78.91
CA THR H 164 5.65 -31.93 -78.55
C THR H 164 5.20 -32.62 -79.82
N VAL H 165 5.46 -33.93 -79.91
CA VAL H 165 5.06 -34.73 -81.06
C VAL H 165 4.24 -35.91 -80.58
N SER H 166 3.10 -36.12 -81.21
CA SER H 166 2.30 -37.32 -81.01
C SER H 166 2.02 -37.96 -82.36
N TRP H 167 1.54 -39.19 -82.33
CA TRP H 167 1.21 -39.94 -83.54
C TRP H 167 -0.24 -40.38 -83.48
N ASN H 168 -1.00 -40.06 -84.53
CA ASN H 168 -2.44 -40.33 -84.55
C ASN H 168 -3.14 -39.71 -83.34
N SER H 169 -2.64 -38.55 -82.91
CA SER H 169 -3.17 -37.83 -81.75
C SER H 169 -3.41 -38.76 -80.57
N GLY H 170 -2.38 -39.52 -80.20
CA GLY H 170 -2.39 -40.36 -79.03
C GLY H 170 -2.79 -41.80 -79.25
N ALA H 171 -3.19 -42.16 -80.48
CA ALA H 171 -3.62 -43.53 -80.76
C ALA H 171 -2.46 -44.47 -81.01
N LEU H 172 -1.23 -43.96 -81.09
CA LEU H 172 -0.05 -44.78 -81.36
C LEU H 172 1.05 -44.37 -80.40
N THR H 173 1.44 -45.28 -79.52
CA THR H 173 2.49 -45.03 -78.55
C THR H 173 3.60 -46.06 -78.59
N SER H 174 3.26 -47.33 -78.76
CA SER H 174 4.30 -48.35 -78.84
C SER H 174 5.18 -48.11 -80.06
N GLY H 175 6.49 -48.31 -79.89
CA GLY H 175 7.44 -48.12 -80.96
C GLY H 175 7.79 -46.68 -81.27
N VAL H 176 7.13 -45.72 -80.66
CA VAL H 176 7.42 -44.31 -80.92
C VAL H 176 8.68 -43.91 -80.18
N HIS H 177 9.54 -43.16 -80.86
CA HIS H 177 10.74 -42.60 -80.25
C HIS H 177 10.86 -41.15 -80.67
N THR H 178 10.66 -40.23 -79.73
CA THR H 178 10.85 -38.81 -79.96
C THR H 178 12.21 -38.41 -79.40
N PHE H 179 13.17 -38.18 -80.30
CA PHE H 179 14.54 -37.92 -79.87
C PHE H 179 14.65 -36.55 -79.18
N PRO H 180 15.60 -36.41 -78.26
CA PRO H 180 15.86 -35.09 -77.67
C PRO H 180 16.27 -34.10 -78.75
N ALA H 181 15.99 -32.82 -78.48
CA ALA H 181 16.33 -31.78 -79.43
C ALA H 181 17.83 -31.54 -79.44
N VAL H 182 18.41 -31.42 -80.63
CA VAL H 182 19.82 -31.08 -80.81
C VAL H 182 19.89 -29.65 -81.33
N LEU H 183 20.82 -28.87 -80.77
CA LEU H 183 21.01 -27.50 -81.18
C LEU H 183 21.97 -27.44 -82.35
N GLN H 184 21.52 -26.89 -83.47
CA GLN H 184 22.29 -26.86 -84.70
C GLN H 184 23.29 -25.71 -84.68
N SER H 185 24.08 -25.61 -85.76
CA SER H 185 24.98 -24.48 -85.92
C SER H 185 24.20 -23.16 -86.00
N SER H 186 22.97 -23.23 -86.51
CA SER H 186 22.15 -22.03 -86.69
C SER H 186 21.69 -21.42 -85.38
N GLY H 187 21.88 -22.09 -84.25
CA GLY H 187 21.23 -21.70 -83.02
C GLY H 187 19.80 -22.15 -82.91
N LEU H 188 19.27 -22.81 -83.93
CA LEU H 188 17.92 -23.35 -83.92
C LEU H 188 17.95 -24.83 -83.57
N TYR H 189 16.88 -25.28 -82.91
CA TYR H 189 16.76 -26.67 -82.54
C TYR H 189 16.21 -27.49 -83.69
N SER H 190 16.35 -28.81 -83.57
CA SER H 190 15.75 -29.74 -84.50
C SER H 190 15.78 -31.12 -83.87
N LEU H 191 14.70 -31.87 -84.05
CA LEU H 191 14.62 -33.23 -83.55
C LEU H 191 13.84 -34.08 -84.54
N SER H 192 13.80 -35.37 -84.27
CA SER H 192 13.02 -36.31 -85.07
C SER H 192 12.17 -37.17 -84.16
N SER H 193 11.01 -37.54 -84.66
CA SER H 193 10.13 -38.50 -84.01
C SER H 193 9.85 -39.61 -84.99
N VAL H 194 10.15 -40.85 -84.60
CA VAL H 194 10.00 -41.99 -85.46
C VAL H 194 9.17 -43.05 -84.74
N VAL H 195 8.71 -44.04 -85.50
CA VAL H 195 7.92 -45.14 -84.98
C VAL H 195 8.11 -46.33 -85.90
N THR H 196 8.32 -47.51 -85.30
CA THR H 196 8.45 -48.75 -86.06
C THR H 196 7.10 -49.45 -86.10
N VAL H 197 6.66 -49.81 -87.30
CA VAL H 197 5.40 -50.52 -87.47
C VAL H 197 5.66 -51.72 -88.36
N PRO H 198 4.79 -52.74 -88.29
CA PRO H 198 4.90 -53.87 -89.22
C PRO H 198 4.69 -53.39 -90.65
N SER H 199 5.59 -53.81 -91.54
CA SER H 199 5.42 -53.50 -92.95
C SER H 199 4.05 -53.93 -93.48
N SER H 200 3.40 -54.89 -92.82
CA SER H 200 2.07 -55.30 -93.24
C SER H 200 1.04 -54.20 -93.07
N SER H 201 1.28 -53.23 -92.18
CA SER H 201 0.29 -52.22 -91.85
C SER H 201 0.31 -51.02 -92.78
N LEU H 202 1.34 -50.87 -93.62
CA LEU H 202 1.38 -49.75 -94.55
C LEU H 202 0.22 -49.84 -95.53
N GLY H 203 -0.51 -48.75 -95.69
CA GLY H 203 -1.72 -48.76 -96.50
C GLY H 203 -2.96 -49.13 -95.73
N THR H 204 -2.88 -50.21 -94.94
CA THR H 204 -3.98 -50.56 -94.05
C THR H 204 -4.17 -49.52 -92.95
N GLN H 205 -3.07 -49.00 -92.40
CA GLN H 205 -3.10 -48.06 -91.28
C GLN H 205 -2.51 -46.72 -91.72
N THR H 206 -3.19 -45.63 -91.38
CA THR H 206 -2.71 -44.29 -91.66
C THR H 206 -1.90 -43.77 -90.47
N TYR H 207 -0.79 -43.10 -90.77
CA TYR H 207 0.11 -42.57 -89.76
C TYR H 207 0.24 -41.06 -89.96
N ILE H 208 -0.13 -40.31 -88.94
CA ILE H 208 -0.06 -38.85 -88.97
C ILE H 208 0.75 -38.41 -87.77
N CYS H 209 1.62 -37.43 -87.96
CA CYS H 209 2.41 -36.93 -86.85
C CYS H 209 1.91 -35.54 -86.49
N ASN H 210 1.71 -35.33 -85.21
CA ASN H 210 1.15 -34.10 -84.66
C ASN H 210 2.27 -33.32 -83.99
N VAL H 211 2.58 -32.14 -84.53
CA VAL H 211 3.63 -31.27 -84.01
C VAL H 211 2.97 -30.01 -83.48
N ASN H 212 3.32 -29.64 -82.26
CA ASN H 212 2.84 -28.43 -81.61
C ASN H 212 4.03 -27.68 -81.03
N HIS H 213 4.15 -26.39 -81.36
CA HIS H 213 5.19 -25.50 -80.85
C HIS H 213 4.48 -24.26 -80.31
N LYS H 214 3.92 -24.37 -79.11
CA LYS H 214 3.17 -23.25 -78.55
C LYS H 214 3.98 -21.96 -78.49
N PRO H 215 5.27 -21.96 -78.12
CA PRO H 215 6.02 -20.71 -78.08
C PRO H 215 5.90 -19.86 -79.34
N SER H 216 5.66 -20.47 -80.49
CA SER H 216 5.43 -19.73 -81.73
C SER H 216 4.00 -19.90 -82.24
N ASN H 217 3.13 -20.54 -81.47
CA ASN H 217 1.75 -20.78 -81.89
C ASN H 217 1.72 -21.52 -83.23
N THR H 218 2.47 -22.62 -83.30
CA THR H 218 2.57 -23.45 -84.48
C THR H 218 2.02 -24.83 -84.18
N LYS H 219 1.09 -25.29 -85.02
CA LYS H 219 0.53 -26.63 -84.91
C LYS H 219 0.37 -27.18 -86.31
N VAL H 220 0.98 -28.33 -86.58
CA VAL H 220 0.94 -28.96 -87.89
C VAL H 220 0.68 -30.45 -87.72
N ASP H 221 -0.15 -31.00 -88.60
CA ASP H 221 -0.40 -32.43 -88.69
C ASP H 221 0.03 -32.89 -90.07
N LYS H 222 0.96 -33.85 -90.12
CA LYS H 222 1.51 -34.33 -91.37
C LYS H 222 1.36 -35.85 -91.44
N LYS H 223 0.82 -36.33 -92.54
CA LYS H 223 0.71 -37.77 -92.79
C LYS H 223 1.98 -38.25 -93.50
N VAL H 224 2.54 -39.34 -93.01
CA VAL H 224 3.76 -39.93 -93.57
C VAL H 224 3.34 -41.07 -94.48
N GLU H 225 3.46 -40.86 -95.79
CA GLU H 225 3.08 -41.84 -96.79
C GLU H 225 4.31 -42.49 -97.40
N PRO H 226 4.21 -43.76 -97.81
CA PRO H 226 5.25 -44.36 -98.65
C PRO H 226 5.26 -43.70 -100.03
N LYS H 227 6.41 -43.11 -100.38
CA LYS H 227 6.54 -42.41 -101.67
C LYS H 227 6.30 -43.33 -102.87
N VAL I 1 -22.32 11.49 57.67
CA VAL I 1 -21.38 10.38 57.83
C VAL I 1 -19.95 10.89 57.69
N VAL I 2 -19.75 11.87 56.80
CA VAL I 2 -18.43 12.42 56.57
C VAL I 2 -18.03 13.28 57.78
N GLN I 3 -16.78 13.13 58.22
CA GLN I 3 -16.34 13.79 59.44
C GLN I 3 -14.87 14.14 59.33
N LEU I 4 -14.49 15.25 59.97
CA LEU I 4 -13.10 15.69 60.06
C LEU I 4 -12.84 16.14 61.49
N VAL I 5 -11.72 15.70 62.05
CA VAL I 5 -11.38 15.97 63.45
C VAL I 5 -9.94 16.46 63.49
N GLU I 6 -9.77 17.74 63.83
CA GLU I 6 -8.42 18.30 63.99
C GLU I 6 -7.82 17.84 65.31
N SER I 7 -6.50 17.69 65.31
CA SER I 7 -5.78 17.34 66.53
C SER I 7 -4.46 18.06 66.55
N GLY I 8 -3.91 18.21 67.75
CA GLY I 8 -2.68 18.94 67.94
C GLY I 8 -2.93 20.40 68.28
N GLY I 9 -1.85 21.15 68.36
CA GLY I 9 -1.95 22.57 68.60
C GLY I 9 -2.20 22.92 70.06
N GLY I 10 -1.78 24.12 70.44
CA GLY I 10 -1.87 24.57 71.82
C GLY I 10 -0.99 25.78 72.05
N LEU I 11 -0.33 25.83 73.20
CA LEU I 11 0.59 26.92 73.49
C LEU I 11 1.94 26.65 72.86
N VAL I 12 2.53 27.67 72.24
CA VAL I 12 3.84 27.54 71.63
C VAL I 12 4.49 28.91 71.60
N LYS I 13 5.78 28.96 71.96
CA LYS I 13 6.49 30.22 71.98
C LYS I 13 6.70 30.75 70.56
N PRO I 14 6.85 32.06 70.41
CA PRO I 14 7.12 32.62 69.09
C PRO I 14 8.36 31.98 68.47
N GLY I 15 8.32 31.82 67.14
CA GLY I 15 9.37 31.15 66.42
C GLY I 15 9.33 29.64 66.51
N GLY I 16 8.51 29.07 67.39
CA GLY I 16 8.43 27.64 67.52
C GLY I 16 7.83 26.97 66.29
N SER I 17 7.37 25.73 66.45
CA SER I 17 6.77 25.00 65.35
C SER I 17 5.74 24.02 65.91
N LEU I 18 4.67 23.83 65.15
CA LEU I 18 3.64 22.85 65.48
C LEU I 18 3.23 22.14 64.20
N ARG I 19 2.67 20.94 64.37
CA ARG I 19 2.14 20.16 63.26
C ARG I 19 0.70 19.78 63.61
N LEU I 20 -0.26 20.36 62.90
CA LEU I 20 -1.65 20.03 63.09
C LEU I 20 -2.03 18.87 62.18
N SER I 21 -2.77 17.91 62.71
CA SER I 21 -3.28 16.80 61.92
C SER I 21 -4.81 16.86 61.97
N CYS I 22 -5.45 16.33 60.96
CA CYS I 22 -6.90 16.20 61.03
C CYS I 22 -7.30 14.91 60.33
N ALA I 23 -8.14 14.15 61.00
CA ALA I 23 -8.52 12.81 60.62
C ALA I 23 -9.82 12.82 59.82
N ALA I 24 -9.83 12.05 58.73
CA ALA I 24 -10.96 11.99 57.83
C ALA I 24 -11.60 10.60 57.91
N SER I 25 -12.93 10.56 57.82
CA SER I 25 -13.66 9.31 57.79
C SER I 25 -15.02 9.57 57.17
N GLY I 26 -15.62 8.50 56.64
CA GLY I 26 -16.93 8.58 56.04
C GLY I 26 -16.95 9.01 54.59
N PHE I 27 -15.79 9.23 53.98
CA PHE I 27 -15.70 9.63 52.58
C PHE I 27 -14.34 9.25 52.05
N THR I 28 -14.23 9.13 50.73
CA THR I 28 -12.98 8.75 50.09
C THR I 28 -12.00 9.91 50.17
N PHE I 29 -11.11 9.88 51.16
CA PHE I 29 -10.15 10.96 51.34
C PHE I 29 -9.28 11.16 50.10
N SER I 30 -8.97 10.08 49.38
CA SER I 30 -8.09 10.18 48.23
C SER I 30 -8.70 10.98 47.08
N TYR I 31 -10.02 11.16 47.06
CA TYR I 31 -10.69 11.84 45.97
C TYR I 31 -11.06 13.28 46.31
N ALA I 32 -10.59 13.81 47.43
CA ALA I 32 -11.06 15.09 47.95
C ALA I 32 -9.93 16.10 48.07
N TRP I 33 -10.22 17.33 47.64
CA TRP I 33 -9.38 18.46 47.97
C TRP I 33 -9.47 18.74 49.47
N MET I 34 -8.32 19.02 50.09
CA MET I 34 -8.25 19.26 51.52
C MET I 34 -7.67 20.65 51.77
N SER I 35 -8.30 21.39 52.67
CA SER I 35 -7.94 22.78 52.91
C SER I 35 -7.81 23.04 54.39
N TRP I 36 -7.11 24.13 54.72
CA TRP I 36 -7.02 24.65 56.08
C TRP I 36 -7.54 26.07 56.08
N VAL I 37 -8.37 26.39 57.08
CA VAL I 37 -8.93 27.74 57.25
C VAL I 37 -8.86 28.09 58.72
N ARG I 38 -8.26 29.23 59.04
CA ARG I 38 -8.06 29.65 60.42
C ARG I 38 -8.93 30.87 60.73
N GLN I 39 -9.12 31.10 62.02
CA GLN I 39 -9.87 32.27 62.49
C GLN I 39 -9.31 32.68 63.85
N ALA I 40 -8.71 33.87 63.90
CA ALA I 40 -8.26 34.42 65.16
C ALA I 40 -9.45 34.81 66.02
N PRO I 41 -9.22 35.05 67.32
CA PRO I 41 -10.34 35.43 68.19
C PRO I 41 -11.10 36.64 67.70
N GLY I 42 -12.36 36.43 67.33
CA GLY I 42 -13.21 37.50 66.84
C GLY I 42 -12.62 38.29 65.69
N LYS I 43 -12.04 37.60 64.71
CA LYS I 43 -11.37 38.28 63.60
C LYS I 43 -11.82 37.84 62.21
N GLY I 44 -12.61 36.78 62.09
CA GLY I 44 -13.07 36.38 60.77
C GLY I 44 -12.20 35.28 60.16
N LEU I 45 -12.77 34.62 59.16
CA LEU I 45 -12.15 33.46 58.54
C LEU I 45 -11.09 33.86 57.53
N GLU I 46 -9.98 33.14 57.52
CA GLU I 46 -8.90 33.38 56.58
C GLU I 46 -8.46 32.06 55.97
N TRP I 47 -8.38 32.02 54.65
CA TRP I 47 -7.88 30.83 53.95
C TRP I 47 -6.39 30.70 54.17
N VAL I 48 -5.96 29.50 54.54
CA VAL I 48 -4.55 29.21 54.82
C VAL I 48 -3.88 28.51 53.65
N GLY I 49 -4.48 27.43 53.16
CA GLY I 49 -3.91 26.72 52.03
C GLY I 49 -4.76 25.53 51.65
N ARG I 50 -4.26 24.76 50.69
CA ARG I 50 -5.02 23.63 50.17
C ARG I 50 -4.09 22.72 49.39
N ILE I 51 -4.36 21.42 49.47
CA ILE I 51 -3.68 20.41 48.67
C ILE I 51 -4.73 19.65 47.88
N LYS I 52 -4.55 19.60 46.56
CA LYS I 52 -5.49 18.89 45.71
C LYS I 52 -5.31 17.39 45.84
N ARG I 53 -6.24 16.64 45.26
CA ARG I 53 -6.14 15.19 45.29
C ARG I 53 -5.07 14.73 44.31
N LYS I 54 -4.66 13.46 44.47
CA LYS I 54 -3.60 12.92 43.63
C LYS I 54 -3.94 13.02 42.15
N SER I 55 -5.20 12.78 41.79
CA SER I 55 -5.56 12.73 40.38
C SER I 55 -5.37 14.08 39.69
N ASP I 56 -5.43 15.18 40.42
CA ASP I 56 -5.23 16.49 39.80
C ASP I 56 -3.87 17.08 40.11
N GLY I 57 -2.88 16.25 40.47
CA GLY I 57 -1.51 16.68 40.66
C GLY I 57 -1.04 16.71 42.11
N GLY I 58 -1.97 16.78 43.07
CA GLY I 58 -1.57 16.86 44.46
C GLY I 58 -0.73 18.07 44.81
N THR I 59 -0.87 19.16 44.05
CA THR I 59 -0.10 20.36 44.29
C THR I 59 -0.73 21.21 45.40
N THR I 60 0.12 21.97 46.09
CA THR I 60 -0.32 22.81 47.20
C THR I 60 -0.32 24.27 46.78
N ASP I 61 -1.18 25.06 47.43
CA ASP I 61 -1.22 26.50 47.29
C ASP I 61 -1.42 27.10 48.67
N TYR I 62 -0.66 28.14 48.98
CA TYR I 62 -0.67 28.75 50.30
C TYR I 62 -1.01 30.23 50.20
N ALA I 63 -1.73 30.73 51.21
CA ALA I 63 -2.00 32.15 51.30
C ALA I 63 -0.72 32.93 51.55
N ALA I 64 -0.73 34.20 51.13
CA ALA I 64 0.46 35.03 51.23
C ALA I 64 0.99 35.17 52.66
N PRO I 65 0.16 35.40 53.68
CA PRO I 65 0.70 35.62 55.04
C PRO I 65 1.43 34.43 55.61
N VAL I 66 1.32 33.25 55.00
CA VAL I 66 1.93 32.03 55.52
C VAL I 66 2.83 31.35 54.51
N LYS I 67 2.96 31.90 53.30
CA LYS I 67 3.81 31.27 52.28
C LYS I 67 5.25 31.22 52.76
N GLY I 68 5.86 30.03 52.64
CA GLY I 68 7.24 29.82 53.06
C GLY I 68 7.39 29.36 54.50
N ARG I 69 6.37 29.51 55.33
CA ARG I 69 6.40 29.11 56.73
C ARG I 69 5.55 27.89 57.03
N PHE I 70 4.41 27.75 56.35
CA PHE I 70 3.51 26.62 56.56
C PHE I 70 3.67 25.61 55.42
N THR I 71 3.61 24.33 55.77
CA THR I 71 3.72 23.26 54.79
C THR I 71 2.53 22.33 54.94
N ILE I 72 1.79 22.13 53.85
CA ILE I 72 0.61 21.28 53.83
C ILE I 72 0.98 19.98 53.12
N SER I 73 0.68 18.85 53.77
CA SER I 73 0.91 17.53 53.20
C SER I 73 -0.27 16.65 53.52
N ARG I 74 -0.43 15.60 52.72
CA ARG I 74 -1.50 14.63 52.93
C ARG I 74 -0.92 13.23 52.94
N ASP I 75 -1.62 12.35 53.66
CA ASP I 75 -1.24 10.93 53.78
C ASP I 75 -2.49 10.10 53.52
N ASP I 76 -2.79 9.88 52.25
CA ASP I 76 -3.99 9.11 51.89
C ASP I 76 -3.99 7.72 52.53
N SER I 77 -2.81 7.20 52.88
CA SER I 77 -2.75 5.89 53.54
C SER I 77 -3.53 5.90 54.84
N LYS I 78 -3.49 7.01 55.58
CA LYS I 78 -4.12 7.09 56.90
C LYS I 78 -5.27 8.09 56.96
N ASN I 79 -5.71 8.61 55.81
CA ASN I 79 -6.82 9.55 55.75
C ASN I 79 -6.60 10.73 56.70
N THR I 80 -5.43 11.33 56.59
CA THR I 80 -5.05 12.41 57.50
C THR I 80 -4.41 13.53 56.71
N LEU I 81 -4.82 14.75 57.02
CA LEU I 81 -4.23 15.96 56.46
C LEU I 81 -3.33 16.60 57.51
N TYR I 82 -2.23 17.20 57.06
CA TYR I 82 -1.25 17.78 57.96
C TYR I 82 -0.99 19.24 57.61
N LEU I 83 -0.75 20.05 58.64
CA LEU I 83 -0.27 21.43 58.47
C LEU I 83 0.96 21.62 59.35
N GLN I 84 2.13 21.78 58.72
CA GLN I 84 3.38 21.99 59.44
C GLN I 84 3.66 23.49 59.51
N MET I 85 3.52 24.06 60.72
CA MET I 85 3.72 25.48 60.95
C MET I 85 5.10 25.73 61.53
N SER I 86 5.79 26.74 61.02
CA SER I 86 7.12 27.09 61.48
C SER I 86 7.25 28.61 61.52
N SER I 87 8.21 29.09 62.31
CA SER I 87 8.40 30.52 62.51
C SER I 87 7.09 31.16 62.99
N LEU I 88 6.46 30.51 63.96
CA LEU I 88 5.15 30.94 64.41
C LEU I 88 5.21 32.33 65.03
N LYS I 89 4.27 33.18 64.65
CA LYS I 89 4.13 34.53 65.19
C LYS I 89 2.86 34.60 66.02
N THR I 90 2.78 35.64 66.87
CA THR I 90 1.58 35.84 67.66
C THR I 90 0.37 36.17 66.80
N GLU I 91 0.60 36.65 65.57
CA GLU I 91 -0.49 36.84 64.62
C GLU I 91 -1.07 35.52 64.11
N ASP I 92 -0.32 34.42 64.25
CA ASP I 92 -0.83 33.11 63.87
C ASP I 92 -1.75 32.50 64.91
N THR I 93 -1.95 33.17 66.05
CA THR I 93 -2.84 32.68 67.10
C THR I 93 -4.26 32.66 66.57
N ALA I 94 -4.83 31.46 66.41
CA ALA I 94 -6.19 31.35 65.89
C ALA I 94 -6.66 29.91 66.07
N VAL I 95 -7.92 29.69 65.74
CA VAL I 95 -8.50 28.35 65.63
C VAL I 95 -8.33 27.88 64.20
N TYR I 96 -7.75 26.70 64.03
CA TYR I 96 -7.44 26.16 62.71
C TYR I 96 -8.43 25.05 62.37
N TYR I 97 -9.17 25.24 61.29
CA TYR I 97 -10.16 24.28 60.82
C TYR I 97 -9.61 23.54 59.61
N CYS I 98 -9.89 22.24 59.50
CA CYS I 98 -9.64 21.54 58.26
C CYS I 98 -10.98 21.23 57.60
N THR I 99 -11.00 21.22 56.28
CA THR I 99 -12.24 21.26 55.52
C THR I 99 -12.01 20.67 54.14
N THR I 100 -13.09 20.16 53.54
CA THR I 100 -13.07 19.67 52.17
C THR I 100 -14.28 20.26 51.44
N ASP I 101 -14.34 20.03 50.13
CA ASP I 101 -15.25 20.77 49.26
C ASP I 101 -16.39 19.89 48.75
N LEU I 102 -17.19 20.44 47.84
CA LEU I 102 -18.44 19.81 47.40
C LEU I 102 -18.22 19.17 46.03
N CYS I 103 -17.51 18.04 46.04
CA CYS I 103 -17.19 17.34 44.80
C CYS I 103 -17.36 15.83 44.94
N ARG I 104 -17.98 15.36 46.02
CA ARG I 104 -18.17 13.93 46.26
C ARG I 104 -19.40 13.38 45.55
N SER I 105 -19.73 13.93 44.39
CA SER I 105 -20.84 13.45 43.58
C SER I 105 -20.57 13.83 42.12
N THR I 106 -21.61 13.82 41.29
CA THR I 106 -21.44 14.11 39.87
C THR I 106 -21.24 15.60 39.64
N SER I 107 -21.89 16.43 40.44
CA SER I 107 -21.69 17.88 40.37
C SER I 107 -20.48 18.26 41.22
N CYS I 108 -19.47 18.87 40.59
CA CYS I 108 -18.23 19.23 41.27
C CYS I 108 -18.18 20.74 41.46
N GLU I 109 -17.96 21.15 42.71
CA GLU I 109 -17.81 22.57 43.07
C GLU I 109 -16.65 22.66 44.05
N HIS I 110 -15.43 22.70 43.51
CA HIS I 110 -14.24 22.78 44.35
C HIS I 110 -14.25 24.08 45.13
N ASP I 111 -13.62 24.06 46.30
CA ASP I 111 -13.46 25.22 47.18
C ASP I 111 -14.78 25.72 47.72
N ALA I 112 -15.87 24.95 47.59
CA ALA I 112 -17.10 25.21 48.33
C ALA I 112 -17.06 24.24 49.51
N PHE I 113 -16.76 24.79 50.69
CA PHE I 113 -16.45 23.98 51.88
C PHE I 113 -17.74 23.62 52.60
N ASP I 114 -18.19 22.38 52.42
CA ASP I 114 -19.40 21.92 53.06
C ASP I 114 -19.13 21.08 54.31
N ILE I 115 -17.93 20.54 54.44
CA ILE I 115 -17.55 19.72 55.60
C ILE I 115 -16.42 20.42 56.33
N TRP I 116 -16.62 20.67 57.62
CA TRP I 116 -15.64 21.34 58.46
C TRP I 116 -15.37 20.52 59.71
N GLY I 117 -14.16 20.64 60.24
CA GLY I 117 -13.83 20.06 61.52
C GLY I 117 -14.24 20.98 62.68
N GLN I 118 -13.98 20.49 63.90
CA GLN I 118 -14.30 21.28 65.08
C GLN I 118 -13.26 22.36 65.35
N GLY I 119 -12.07 22.26 64.76
CA GLY I 119 -11.03 23.25 64.95
C GLY I 119 -10.26 23.10 66.24
N THR I 120 -8.93 23.23 66.18
CA THR I 120 -8.07 23.20 67.36
C THR I 120 -7.44 24.56 67.56
N MET I 121 -7.45 25.05 68.80
CA MET I 121 -6.91 26.36 69.12
C MET I 121 -5.39 26.29 69.20
N VAL I 122 -4.72 27.23 68.54
CA VAL I 122 -3.27 27.36 68.60
C VAL I 122 -2.95 28.74 69.15
N THR I 123 -2.30 28.78 70.30
CA THR I 123 -1.92 30.03 70.96
C THR I 123 -0.42 30.23 70.84
N VAL I 124 0.00 31.43 70.44
CA VAL I 124 1.40 31.79 70.30
C VAL I 124 1.68 33.00 71.19
N SER I 125 2.43 32.78 72.27
CA SER I 125 2.78 33.84 73.20
C SER I 125 3.90 33.34 74.11
N SER I 126 4.53 34.29 74.81
CA SER I 126 5.64 33.97 75.72
C SER I 126 5.17 33.47 77.08
N ALA I 127 3.91 33.71 77.44
CA ALA I 127 3.42 33.27 78.73
C ALA I 127 3.45 31.74 78.83
N SER I 128 3.31 31.24 80.05
CA SER I 128 3.39 29.81 80.32
C SER I 128 2.01 29.27 80.74
N THR I 129 1.93 27.96 80.83
CA THR I 129 0.68 27.29 81.15
C THR I 129 0.39 27.40 82.65
N LYS I 130 -0.90 27.44 82.99
CA LYS I 130 -1.33 27.47 84.38
C LYS I 130 -2.72 26.86 84.48
N GLY I 131 -2.88 25.91 85.39
CA GLY I 131 -4.14 25.26 85.59
C GLY I 131 -5.13 26.13 86.33
N PRO I 132 -6.41 25.94 86.07
CA PRO I 132 -7.44 26.79 86.69
C PRO I 132 -7.80 26.34 88.10
N SER I 133 -8.32 27.28 88.87
CA SER I 133 -8.87 27.02 90.19
C SER I 133 -10.38 27.17 90.13
N VAL I 134 -11.10 26.14 90.59
CA VAL I 134 -12.56 26.09 90.51
C VAL I 134 -13.13 26.40 91.89
N PHE I 135 -14.01 27.42 91.95
CA PHE I 135 -14.74 27.78 93.16
C PHE I 135 -16.23 27.73 92.90
N PRO I 136 -17.03 27.28 93.87
CA PRO I 136 -18.48 27.20 93.65
C PRO I 136 -19.17 28.52 93.87
N LEU I 137 -20.20 28.79 93.05
CA LEU I 137 -21.06 29.95 93.24
C LEU I 137 -22.36 29.45 93.87
N ALA I 138 -22.30 29.23 95.17
CA ALA I 138 -23.39 28.57 95.88
C ALA I 138 -24.68 29.39 95.74
N PRO I 139 -25.81 28.73 95.48
CA PRO I 139 -27.09 29.44 95.37
C PRO I 139 -27.60 29.88 96.74
N SER I 140 -28.63 30.73 96.70
CA SER I 140 -29.24 31.24 97.92
C SER I 140 -30.00 30.14 98.67
N GLY I 147 -38.59 31.47 93.62
CA GLY I 147 -39.09 30.73 92.49
C GLY I 147 -38.00 30.08 91.63
N THR I 148 -37.00 30.87 91.25
CA THR I 148 -35.90 30.39 90.43
C THR I 148 -34.58 30.81 91.06
N ALA I 149 -33.70 29.85 91.32
CA ALA I 149 -32.40 30.10 91.92
C ALA I 149 -31.29 29.91 90.91
N ALA I 150 -30.16 30.56 91.16
CA ALA I 150 -29.01 30.52 90.27
C ALA I 150 -27.80 29.96 91.01
N LEU I 151 -27.13 29.00 90.38
CA LEU I 151 -25.89 28.45 90.90
C LEU I 151 -24.92 28.26 89.75
N GLY I 152 -23.63 28.27 90.07
CA GLY I 152 -22.63 28.14 89.03
C GLY I 152 -21.26 27.85 89.59
N CYS I 153 -20.27 27.88 88.70
CA CYS I 153 -18.87 27.63 89.04
C CYS I 153 -18.00 28.72 88.42
N LEU I 154 -16.94 29.08 89.12
CA LEU I 154 -16.01 30.12 88.68
C LEU I 154 -14.65 29.50 88.37
N VAL I 155 -14.28 29.52 87.09
CA VAL I 155 -12.96 29.04 86.64
C VAL I 155 -12.02 30.24 86.67
N LYS I 156 -11.16 30.29 87.70
CA LYS I 156 -10.51 31.55 88.09
C LYS I 156 -9.30 31.89 87.22
N ASP I 157 -8.18 31.21 87.44
CA ASP I 157 -6.91 31.61 86.84
C ASP I 157 -6.36 30.47 85.98
N TYR I 158 -6.32 30.68 84.67
CA TYR I 158 -5.79 29.68 83.75
C TYR I 158 -5.20 30.36 82.53
N PHE I 159 -4.33 29.63 81.84
CA PHE I 159 -3.74 30.05 80.57
C PHE I 159 -3.04 28.87 79.93
N PRO I 160 -3.18 28.67 78.62
CA PRO I 160 -3.97 29.52 77.73
C PRO I 160 -5.41 29.05 77.58
N GLU I 161 -6.11 29.55 76.57
CA GLU I 161 -7.42 29.02 76.23
C GLU I 161 -7.26 27.69 75.48
N PRO I 162 -8.32 26.87 75.45
CA PRO I 162 -9.61 27.09 76.09
C PRO I 162 -9.86 26.15 77.26
N VAL I 163 -11.02 26.27 77.90
CA VAL I 163 -11.43 25.36 78.96
C VAL I 163 -12.82 24.81 78.63
N THR I 164 -13.05 23.57 79.05
CA THR I 164 -14.32 22.88 78.85
C THR I 164 -15.06 22.80 80.18
N VAL I 165 -16.33 23.23 80.17
CA VAL I 165 -17.18 23.15 81.35
C VAL I 165 -18.53 22.58 80.94
N SER I 166 -19.02 21.61 81.68
CA SER I 166 -20.34 21.03 81.48
C SER I 166 -21.02 20.90 82.84
N TRP I 167 -22.23 20.36 82.85
CA TRP I 167 -23.02 20.24 84.07
C TRP I 167 -23.60 18.84 84.16
N ASN I 168 -23.16 18.08 85.16
CA ASN I 168 -23.61 16.70 85.36
C ASN I 168 -23.35 15.85 84.12
N SER I 169 -22.19 16.07 83.49
CA SER I 169 -21.75 15.25 82.36
C SER I 169 -22.74 15.31 81.20
N GLY I 170 -23.30 16.49 80.95
CA GLY I 170 -24.22 16.68 79.85
C GLY I 170 -25.68 16.48 80.16
N ALA I 171 -26.01 16.07 81.39
CA ALA I 171 -27.42 15.89 81.75
C ALA I 171 -28.13 17.23 81.93
N LEU I 172 -27.40 18.28 82.31
CA LEU I 172 -27.96 19.61 82.53
C LEU I 172 -27.41 20.55 81.47
N THR I 173 -28.29 21.04 80.59
CA THR I 173 -27.89 21.98 79.55
C THR I 173 -28.87 23.14 79.47
N SER I 174 -30.12 22.91 79.84
CA SER I 174 -31.11 23.97 79.81
C SER I 174 -30.76 25.04 80.84
N GLY I 175 -30.66 26.28 80.38
CA GLY I 175 -30.33 27.39 81.26
C GLY I 175 -28.87 27.54 81.58
N VAL I 176 -27.99 26.75 80.95
CA VAL I 176 -26.56 26.85 81.19
C VAL I 176 -25.99 28.02 80.40
N HIS I 177 -25.26 28.89 81.07
CA HIS I 177 -24.63 30.05 80.44
C HIS I 177 -23.14 30.02 80.79
N THR I 178 -22.31 29.65 79.82
CA THR I 178 -20.86 29.66 79.99
C THR I 178 -20.30 30.92 79.33
N PHE I 179 -19.88 31.87 80.16
CA PHE I 179 -19.50 33.17 79.64
C PHE I 179 -18.15 33.10 78.92
N PRO I 180 -17.94 33.96 77.93
CA PRO I 180 -16.62 34.03 77.31
C PRO I 180 -15.57 34.44 78.33
N ALA I 181 -14.34 33.98 78.10
CA ALA I 181 -13.26 34.23 79.04
C ALA I 181 -12.81 35.68 78.98
N VAL I 182 -12.72 36.30 80.15
CA VAL I 182 -12.12 37.63 80.31
C VAL I 182 -10.64 37.46 80.59
N LEU I 183 -9.82 38.36 80.04
CA LEU I 183 -8.38 38.36 80.31
C LEU I 183 -8.11 39.32 81.47
N GLN I 184 -7.71 38.76 82.61
CA GLN I 184 -7.49 39.56 83.81
C GLN I 184 -6.27 40.45 83.64
N SER I 185 -6.09 41.39 84.58
CA SER I 185 -4.87 42.16 84.62
C SER I 185 -3.66 41.31 85.00
N SER I 186 -3.90 40.13 85.55
CA SER I 186 -2.84 39.17 85.84
C SER I 186 -2.23 38.58 84.57
N GLY I 187 -2.93 38.68 83.43
CA GLY I 187 -2.50 38.05 82.22
C GLY I 187 -3.11 36.68 81.97
N LEU I 188 -3.95 36.19 82.88
CA LEU I 188 -4.61 34.91 82.73
C LEU I 188 -6.11 35.10 82.65
N TYR I 189 -6.78 34.11 82.06
CA TYR I 189 -8.20 34.21 81.77
C TYR I 189 -9.04 33.77 82.96
N SER I 190 -10.33 34.10 82.89
CA SER I 190 -11.30 33.69 83.89
C SER I 190 -12.69 33.77 83.27
N LEU I 191 -13.51 32.76 83.54
CA LEU I 191 -14.90 32.77 83.11
C LEU I 191 -15.77 32.19 84.21
N SER I 192 -17.08 32.16 83.96
CA SER I 192 -18.03 31.60 84.90
C SER I 192 -19.12 30.86 84.11
N SER I 193 -19.60 29.76 84.68
CA SER I 193 -20.68 28.99 84.11
C SER I 193 -21.81 28.94 85.13
N VAL I 194 -22.95 29.50 84.76
CA VAL I 194 -24.10 29.57 85.65
C VAL I 194 -25.26 28.82 85.01
N VAL I 195 -26.19 28.41 85.86
CA VAL I 195 -27.40 27.71 85.42
C VAL I 195 -28.53 28.06 86.38
N THR I 196 -29.68 28.42 85.82
CA THR I 196 -30.87 28.67 86.63
C THR I 196 -31.65 27.38 86.79
N VAL I 197 -32.13 27.14 88.02
CA VAL I 197 -32.92 25.95 88.32
C VAL I 197 -34.04 26.34 89.28
N PRO I 198 -35.13 25.58 89.23
CA PRO I 198 -36.20 25.77 90.22
C PRO I 198 -35.65 25.61 91.63
N SER I 199 -36.02 26.54 92.51
CA SER I 199 -35.50 26.49 93.87
C SER I 199 -35.88 25.19 94.58
N SER I 200 -36.96 24.55 94.18
CA SER I 200 -37.32 23.24 94.70
C SER I 200 -36.40 22.14 94.17
N SER I 201 -35.56 22.44 93.18
CA SER I 201 -34.65 21.45 92.62
C SER I 201 -33.42 21.22 93.49
N LEU I 202 -33.10 22.16 94.39
CA LEU I 202 -31.88 22.05 95.17
C LEU I 202 -31.95 20.90 96.18
N GLY I 203 -33.14 20.60 96.70
CA GLY I 203 -33.29 19.51 97.64
C GLY I 203 -33.27 18.14 97.00
N THR I 204 -33.86 18.02 95.81
CA THR I 204 -33.97 16.73 95.14
C THR I 204 -32.82 16.45 94.19
N GLN I 205 -32.34 17.46 93.47
CA GLN I 205 -31.29 17.30 92.48
C GLN I 205 -29.98 17.88 92.97
N THR I 206 -28.88 17.24 92.59
CA THR I 206 -27.53 17.72 92.89
C THR I 206 -26.87 18.20 91.61
N TYR I 207 -26.22 19.35 91.67
CA TYR I 207 -25.60 19.98 90.51
C TYR I 207 -24.10 20.07 90.75
N ILE I 208 -23.31 19.51 89.82
CA ILE I 208 -21.86 19.59 89.87
C ILE I 208 -21.35 19.95 88.48
N CYS I 209 -20.33 20.81 88.44
CA CYS I 209 -19.76 21.27 87.18
C CYS I 209 -18.51 20.48 86.84
N ASN I 210 -18.38 20.10 85.57
CA ASN I 210 -17.26 19.33 85.06
C ASN I 210 -16.36 20.26 84.27
N VAL I 211 -15.28 20.72 84.90
CA VAL I 211 -14.32 21.65 84.30
C VAL I 211 -13.12 20.86 83.81
N ASN I 212 -12.70 21.13 82.58
CA ASN I 212 -11.56 20.46 81.98
C ASN I 212 -10.71 21.48 81.23
N HIS I 213 -9.42 21.49 81.53
CA HIS I 213 -8.45 22.39 80.87
C HIS I 213 -7.36 21.49 80.26
N LYS I 214 -7.53 21.14 78.99
CA LYS I 214 -6.61 20.22 78.36
C LYS I 214 -5.17 20.74 78.30
N PRO I 215 -4.91 22.00 77.96
CA PRO I 215 -3.52 22.48 77.95
C PRO I 215 -2.78 22.25 79.26
N SER I 216 -3.49 22.33 80.39
CA SER I 216 -2.92 22.10 81.71
C SER I 216 -3.18 20.69 82.23
N ASN I 217 -3.91 19.87 81.48
CA ASN I 217 -4.21 18.49 81.88
C ASN I 217 -4.90 18.45 83.25
N THR I 218 -5.90 19.32 83.42
CA THR I 218 -6.63 19.43 84.67
C THR I 218 -8.10 19.13 84.42
N LYS I 219 -8.64 18.19 85.19
CA LYS I 219 -10.07 17.86 85.15
C LYS I 219 -10.61 17.96 86.58
N VAL I 220 -11.65 18.75 86.76
CA VAL I 220 -12.22 19.03 88.08
C VAL I 220 -13.73 18.86 88.01
N ASP I 221 -14.29 18.15 88.99
CA ASP I 221 -15.74 18.01 89.15
C ASP I 221 -16.09 18.57 90.52
N LYS I 222 -16.62 19.79 90.55
CA LYS I 222 -16.94 20.48 91.79
C LYS I 222 -18.44 20.45 92.04
N LYS I 223 -18.83 20.18 93.28
CA LYS I 223 -20.23 20.10 93.67
C LYS I 223 -20.66 21.45 94.24
N VAL I 224 -21.69 22.04 93.65
CA VAL I 224 -22.24 23.31 94.11
C VAL I 224 -23.39 22.99 95.06
N GLU I 225 -23.13 23.09 96.36
CA GLU I 225 -24.11 22.75 97.37
C GLU I 225 -24.85 24.00 97.86
N PRO I 226 -26.17 23.91 98.09
CA PRO I 226 -26.94 25.03 98.64
C PRO I 226 -26.41 25.49 99.99
N ASP J 1 -4.68 39.29 43.59
CA ASP J 1 -5.40 38.90 44.80
C ASP J 1 -6.75 39.58 44.89
N ILE J 2 -7.81 38.79 44.75
CA ILE J 2 -9.17 39.32 44.85
C ILE J 2 -9.51 39.51 46.32
N GLN J 3 -10.01 40.70 46.66
CA GLN J 3 -10.44 41.01 48.01
C GLN J 3 -11.97 41.05 48.04
N MET J 4 -12.55 40.47 49.09
CA MET J 4 -13.99 40.41 49.26
C MET J 4 -14.43 41.39 50.34
N THR J 5 -15.51 42.12 50.05
CA THR J 5 -16.05 43.14 50.94
C THR J 5 -17.52 42.87 51.19
N GLN J 6 -17.92 42.98 52.46
CA GLN J 6 -19.28 42.69 52.88
C GLN J 6 -19.90 43.93 53.54
N SER J 7 -21.21 44.08 53.40
CA SER J 7 -21.93 45.17 54.00
C SER J 7 -23.35 44.70 54.26
N PRO J 8 -23.98 45.11 55.37
CA PRO J 8 -23.31 45.92 56.40
C PRO J 8 -22.38 45.09 57.28
N SER J 9 -21.66 45.76 58.19
CA SER J 9 -20.78 45.05 59.12
C SER J 9 -21.58 44.32 60.19
N SER J 10 -22.68 44.92 60.64
CA SER J 10 -23.56 44.32 61.62
C SER J 10 -24.96 44.87 61.39
N LEU J 11 -25.96 44.06 61.72
CA LEU J 11 -27.34 44.48 61.58
C LEU J 11 -28.17 43.76 62.63
N SER J 12 -29.35 44.31 62.90
CA SER J 12 -30.27 43.78 63.90
C SER J 12 -31.69 43.90 63.36
N ALA J 13 -32.36 42.77 63.21
CA ALA J 13 -33.70 42.74 62.63
C ALA J 13 -34.61 41.92 63.53
N SER J 14 -35.91 42.20 63.42
CA SER J 14 -36.90 41.45 64.18
C SER J 14 -37.14 40.09 63.54
N VAL J 15 -37.80 39.22 64.29
CA VAL J 15 -38.09 37.87 63.79
C VAL J 15 -39.18 37.93 62.73
N GLY J 16 -38.90 37.31 61.58
CA GLY J 16 -39.82 37.31 60.46
C GLY J 16 -39.58 38.39 59.43
N ASP J 17 -38.58 39.24 59.63
CA ASP J 17 -38.22 40.27 58.66
C ASP J 17 -37.23 39.72 57.65
N ARG J 18 -37.14 40.40 56.51
CA ARG J 18 -36.19 40.02 55.48
C ARG J 18 -34.89 40.78 55.70
N VAL J 19 -33.78 40.06 55.60
CA VAL J 19 -32.44 40.61 55.80
C VAL J 19 -31.65 40.41 54.52
N THR J 20 -30.84 41.40 54.17
CA THR J 20 -30.01 41.34 52.97
C THR J 20 -28.56 41.66 53.36
N VAL J 21 -27.64 40.85 52.86
CA VAL J 21 -26.22 41.05 53.05
C VAL J 21 -25.56 41.06 51.68
N THR J 22 -24.76 42.10 51.41
CA THR J 22 -24.12 42.23 50.12
C THR J 22 -22.64 41.86 50.21
N CYS J 23 -22.09 41.51 49.06
CA CYS J 23 -20.71 41.05 48.92
C CYS J 23 -20.13 41.68 47.67
N ARG J 24 -18.93 42.24 47.79
CA ARG J 24 -18.26 42.92 46.69
C ARG J 24 -16.87 42.35 46.51
N ALA J 25 -16.46 42.18 45.26
CA ALA J 25 -15.12 41.72 44.93
C ALA J 25 -14.36 42.82 44.20
N SER J 26 -13.06 42.90 44.47
CA SER J 26 -12.23 43.90 43.82
C SER J 26 -12.18 43.71 42.31
N GLN J 27 -12.51 42.50 41.83
CA GLN J 27 -12.57 42.21 40.41
C GLN J 27 -13.58 41.10 40.20
N SER J 28 -14.06 40.97 38.97
CA SER J 28 -15.09 39.98 38.67
C SER J 28 -14.63 38.57 39.03
N ILE J 29 -15.48 37.86 39.77
CA ILE J 29 -15.25 36.46 40.10
C ILE J 29 -16.23 35.55 39.38
N ARG J 30 -16.95 36.08 38.38
CA ARG J 30 -17.90 35.28 37.59
C ARG J 30 -18.97 34.77 38.54
N SER J 31 -19.14 33.45 38.69
CA SER J 31 -20.17 32.87 39.54
C SER J 31 -19.57 32.05 40.68
N TYR J 32 -18.29 32.24 40.99
CA TYR J 32 -17.61 31.42 41.98
C TYR J 32 -17.62 32.14 43.33
N LEU J 33 -18.81 32.16 43.92
CA LEU J 33 -19.06 32.86 45.18
C LEU J 33 -19.90 31.97 46.08
N ASN J 34 -19.47 31.83 47.34
CA ASN J 34 -20.15 30.98 48.30
C ASN J 34 -20.46 31.78 49.56
N TRP J 35 -21.52 31.37 50.25
CA TRP J 35 -21.97 32.00 51.49
C TRP J 35 -21.93 31.00 52.62
N TYR J 36 -21.45 31.45 53.78
CA TYR J 36 -21.27 30.60 54.95
C TYR J 36 -21.95 31.22 56.17
N GLN J 37 -22.43 30.34 57.05
CA GLN J 37 -22.99 30.73 58.33
C GLN J 37 -22.13 30.16 59.45
N GLN J 38 -21.71 31.01 60.39
CA GLN J 38 -20.90 30.57 61.52
C GLN J 38 -21.56 31.06 62.80
N LYS J 39 -22.21 30.13 63.50
CA LYS J 39 -22.76 30.45 64.80
C LYS J 39 -21.65 30.50 65.84
N PRO J 40 -21.85 31.23 66.93
CA PRO J 40 -20.80 31.34 67.95
C PRO J 40 -20.40 29.97 68.49
N GLY J 41 -19.10 29.73 68.54
CA GLY J 41 -18.58 28.49 69.09
C GLY J 41 -18.67 27.29 68.16
N LYS J 42 -19.07 27.49 66.91
CA LYS J 42 -19.24 26.38 65.97
C LYS J 42 -18.40 26.64 64.72
N ALA J 43 -18.33 25.63 63.86
CA ALA J 43 -17.62 25.80 62.61
C ALA J 43 -18.55 26.39 61.55
N PRO J 44 -17.98 27.07 60.56
CA PRO J 44 -18.81 27.61 59.48
C PRO J 44 -19.63 26.52 58.81
N LYS J 45 -20.83 26.91 58.38
CA LYS J 45 -21.74 26.03 57.65
C LYS J 45 -22.00 26.64 56.28
N LEU J 46 -21.87 25.82 55.23
CA LEU J 46 -22.09 26.28 53.87
C LEU J 46 -23.58 26.43 53.61
N LEU J 47 -23.99 27.63 53.17
CA LEU J 47 -25.39 27.94 52.90
C LEU J 47 -25.70 27.99 51.40
N ILE J 48 -24.89 28.72 50.65
CA ILE J 48 -25.09 28.94 49.23
C ILE J 48 -23.77 28.69 48.51
N TYR J 49 -23.82 27.95 47.41
CA TYR J 49 -22.68 27.73 46.54
C TYR J 49 -23.09 28.09 45.12
N ALA J 50 -22.10 28.48 44.31
CA ALA J 50 -22.36 28.86 42.93
C ALA J 50 -23.32 30.05 42.85
N ALA J 51 -23.15 31.00 43.77
CA ALA J 51 -23.94 32.23 43.75
C ALA J 51 -25.38 32.02 44.17
N SER J 52 -26.08 31.06 43.54
CA SER J 52 -27.52 30.93 43.74
C SER J 52 -27.97 29.55 44.21
N SER J 53 -27.10 28.56 44.26
CA SER J 53 -27.51 27.22 44.61
C SER J 53 -27.56 27.08 46.13
N LEU J 54 -28.64 26.45 46.62
CA LEU J 54 -28.83 26.25 48.04
C LEU J 54 -28.30 24.88 48.44
N GLN J 55 -27.46 24.86 49.48
CA GLN J 55 -26.94 23.61 49.99
C GLN J 55 -28.06 22.76 50.58
N SER J 56 -27.98 21.45 50.35
CA SER J 56 -28.98 20.53 50.88
C SER J 56 -29.06 20.65 52.40
N GLY J 57 -30.28 20.61 52.92
CA GLY J 57 -30.53 20.71 54.34
C GLY J 57 -30.62 22.12 54.87
N VAL J 58 -30.23 23.12 54.07
CA VAL J 58 -30.32 24.52 54.49
C VAL J 58 -31.76 25.00 54.31
N PRO J 59 -32.33 25.70 55.29
CA PRO J 59 -33.72 26.15 55.15
C PRO J 59 -33.92 27.01 53.91
N SER J 60 -35.11 26.90 53.33
CA SER J 60 -35.43 27.65 52.11
C SER J 60 -35.46 29.15 52.33
N ARG J 61 -35.44 29.62 53.58
CA ARG J 61 -35.40 31.06 53.84
C ARG J 61 -34.15 31.70 53.26
N PHE J 62 -33.06 30.95 53.16
CA PHE J 62 -31.82 31.49 52.65
C PHE J 62 -31.81 31.43 51.13
N SER J 63 -31.37 32.53 50.51
CA SER J 63 -31.18 32.56 49.06
C SER J 63 -30.03 33.49 48.75
N GLY J 64 -29.47 33.32 47.57
CA GLY J 64 -28.37 34.16 47.11
C GLY J 64 -28.52 34.47 45.63
N SER J 65 -28.05 35.65 45.26
CA SER J 65 -28.07 36.08 43.87
C SER J 65 -26.87 36.97 43.60
N GLY J 66 -26.56 37.15 42.32
CA GLY J 66 -25.46 38.00 41.91
C GLY J 66 -24.58 37.40 40.84
N SER J 67 -23.64 38.21 40.33
CA SER J 67 -22.69 37.77 39.31
C SER J 67 -21.60 38.83 39.22
N GLY J 68 -20.45 38.42 38.68
CA GLY J 68 -19.35 39.34 38.49
C GLY J 68 -18.71 39.83 39.77
N THR J 69 -19.03 41.07 40.17
CA THR J 69 -18.42 41.69 41.35
C THR J 69 -19.39 41.95 42.49
N ASP J 70 -20.68 41.72 42.29
CA ASP J 70 -21.68 42.08 43.28
C ASP J 70 -22.62 40.92 43.54
N PHE J 71 -22.83 40.61 44.81
CA PHE J 71 -23.64 39.47 45.22
C PHE J 71 -24.44 39.86 46.46
N THR J 72 -25.45 39.05 46.74
CA THR J 72 -26.35 39.35 47.85
C THR J 72 -26.81 38.06 48.49
N LEU J 73 -26.80 38.03 49.82
CA LEU J 73 -27.41 36.96 50.60
C LEU J 73 -28.70 37.48 51.22
N THR J 74 -29.77 36.73 51.06
CA THR J 74 -31.08 37.13 51.56
C THR J 74 -31.63 36.08 52.51
N ILE J 75 -32.21 36.55 53.62
CA ILE J 75 -32.95 35.70 54.55
C ILE J 75 -34.38 36.20 54.56
N SER J 76 -35.30 35.41 54.03
CA SER J 76 -36.65 35.88 53.79
C SER J 76 -37.40 36.17 55.09
N SER J 77 -37.17 35.36 56.13
CA SER J 77 -37.89 35.55 57.41
C SER J 77 -36.95 35.18 58.55
N LEU J 78 -36.24 36.18 59.08
CA LEU J 78 -35.21 35.97 60.08
C LEU J 78 -35.77 35.20 61.29
N GLN J 79 -35.06 34.15 61.69
CA GLN J 79 -35.40 33.33 62.83
C GLN J 79 -34.36 33.49 63.94
N PRO J 80 -34.74 33.22 65.20
CA PRO J 80 -33.78 33.40 66.30
C PRO J 80 -32.57 32.51 66.20
N GLU J 81 -32.68 31.33 65.56
CA GLU J 81 -31.53 30.47 65.36
C GLU J 81 -30.58 30.97 64.29
N ASP J 82 -30.97 32.01 63.56
CA ASP J 82 -30.15 32.58 62.49
C ASP J 82 -29.15 33.61 62.99
N PHE J 83 -29.04 33.80 64.30
CA PHE J 83 -27.99 34.64 64.82
C PHE J 83 -26.64 34.02 64.50
N ALA J 84 -25.79 34.77 63.81
CA ALA J 84 -24.49 34.29 63.39
C ALA J 84 -23.75 35.34 62.59
N THR J 85 -22.51 35.06 62.24
CA THR J 85 -21.77 35.88 61.30
C THR J 85 -21.77 35.18 59.94
N TYR J 86 -22.09 35.92 58.89
CA TYR J 86 -22.20 35.36 57.55
C TYR J 86 -21.05 35.85 56.69
N TYR J 87 -20.37 34.93 56.02
CA TYR J 87 -19.21 35.22 55.19
C TYR J 87 -19.47 34.82 53.75
N CYS J 88 -19.03 35.66 52.82
CA CYS J 88 -18.95 35.29 51.42
C CYS J 88 -17.49 34.98 51.08
N GLN J 89 -17.30 34.09 50.12
CA GLN J 89 -15.98 33.61 49.73
C GLN J 89 -15.94 33.36 48.24
N GLN J 90 -14.85 33.80 47.60
CA GLN J 90 -14.66 33.64 46.17
C GLN J 90 -13.68 32.52 45.88
N SER J 91 -13.94 31.79 44.79
CA SER J 91 -13.02 30.74 44.35
C SER J 91 -12.67 30.90 42.87
N TYR J 92 -12.76 32.12 42.34
CA TYR J 92 -12.39 32.35 40.94
C TYR J 92 -10.88 32.19 40.74
N THR J 93 -10.08 32.65 41.70
CA THR J 93 -8.63 32.42 41.69
C THR J 93 -8.36 31.15 42.49
N THR J 94 -8.24 30.02 41.80
CA THR J 94 -8.03 28.76 42.48
C THR J 94 -6.83 28.76 43.42
N PRO J 95 -5.68 29.33 43.06
CA PRO J 95 -4.53 29.29 43.98
C PRO J 95 -4.59 30.29 45.13
N ALA J 96 -5.63 31.12 45.22
CA ALA J 96 -5.69 32.13 46.29
C ALA J 96 -7.17 32.37 46.65
N ILE J 97 -7.66 31.59 47.60
CA ILE J 97 -9.04 31.72 48.06
C ILE J 97 -9.09 32.79 49.14
N THR J 98 -10.12 33.64 49.08
CA THR J 98 -10.26 34.73 50.02
C THR J 98 -11.70 34.81 50.50
N PHE J 99 -11.87 35.19 51.76
CA PHE J 99 -13.16 35.36 52.39
C PHE J 99 -13.46 36.84 52.58
N GLY J 100 -14.73 37.14 52.85
CA GLY J 100 -15.11 38.47 53.27
C GLY J 100 -14.95 38.63 54.77
N GLN J 101 -14.94 39.90 55.21
CA GLN J 101 -14.73 40.18 56.63
C GLN J 101 -15.87 39.66 57.50
N GLY J 102 -17.05 39.44 56.94
CA GLY J 102 -18.17 38.89 57.67
C GLY J 102 -19.16 39.95 58.11
N THR J 103 -20.41 39.52 58.31
CA THR J 103 -21.49 40.39 58.74
C THR J 103 -22.19 39.74 59.93
N ARG J 104 -22.23 40.46 61.05
CA ARG J 104 -22.92 39.97 62.24
C ARG J 104 -24.41 40.25 62.13
N VAL J 105 -25.22 39.20 62.20
CA VAL J 105 -26.68 39.29 62.13
C VAL J 105 -27.22 39.02 63.52
N GLN J 106 -27.96 39.99 64.07
CA GLN J 106 -28.48 39.92 65.42
C GLN J 106 -30.00 40.05 65.39
N ILE J 107 -30.63 39.64 66.49
CA ILE J 107 -32.08 39.51 66.58
C ILE J 107 -32.63 40.62 67.44
N LYS J 108 -33.56 41.39 66.89
CA LYS J 108 -34.33 42.36 67.65
C LYS J 108 -35.54 41.65 68.26
N ARG J 109 -35.79 41.90 69.55
CA ARG J 109 -36.91 41.26 70.23
C ARG J 109 -37.44 42.24 71.27
N THR J 110 -38.49 41.82 71.98
CA THR J 110 -39.07 42.68 73.00
C THR J 110 -38.15 42.79 74.21
N VAL J 111 -38.28 43.90 74.91
CA VAL J 111 -37.52 44.10 76.14
C VAL J 111 -37.76 42.95 77.10
N ALA J 112 -36.71 42.52 77.77
CA ALA J 112 -36.75 41.44 78.74
C ALA J 112 -35.98 41.87 79.98
N ALA J 113 -36.67 41.94 81.12
CA ALA J 113 -36.02 42.34 82.35
C ALA J 113 -35.01 41.27 82.78
N PRO J 114 -33.88 41.66 83.35
CA PRO J 114 -32.91 40.67 83.82
C PRO J 114 -33.27 40.16 85.20
N SER J 115 -32.95 38.89 85.43
CA SER J 115 -33.04 38.26 86.75
C SER J 115 -31.65 38.30 87.37
N VAL J 116 -31.44 39.23 88.31
CA VAL J 116 -30.12 39.54 88.84
C VAL J 116 -29.89 38.74 90.12
N PHE J 117 -28.76 38.04 90.17
CA PHE J 117 -28.32 37.34 91.36
C PHE J 117 -26.91 37.82 91.72
N ILE J 118 -26.62 37.81 93.02
CA ILE J 118 -25.32 38.22 93.54
C ILE J 118 -24.74 37.05 94.32
N PHE J 119 -23.46 36.76 94.07
CA PHE J 119 -22.78 35.63 94.70
C PHE J 119 -21.66 36.13 95.58
N PRO J 120 -21.66 35.85 96.88
CA PRO J 120 -20.53 36.22 97.73
C PRO J 120 -19.31 35.37 97.39
N PRO J 121 -18.12 35.78 97.83
CA PRO J 121 -16.91 35.03 97.47
C PRO J 121 -16.90 33.65 98.12
N SER J 122 -16.25 32.72 97.43
CA SER J 122 -16.03 31.38 97.98
C SER J 122 -15.28 31.46 99.30
N ASP J 123 -15.52 30.46 100.16
CA ASP J 123 -14.72 30.34 101.38
C ASP J 123 -13.32 29.82 101.06
N GLU J 124 -13.20 28.95 100.06
CA GLU J 124 -11.89 28.47 99.65
C GLU J 124 -11.08 29.57 98.98
N GLN J 125 -11.74 30.45 98.22
CA GLN J 125 -11.03 31.57 97.61
C GLN J 125 -10.55 32.55 98.67
N LEU J 126 -11.35 32.78 99.71
CA LEU J 126 -10.91 33.62 100.81
C LEU J 126 -9.68 33.03 101.50
N LYS J 127 -9.56 31.71 101.50
CA LYS J 127 -8.36 31.08 102.04
C LYS J 127 -7.15 31.36 101.17
N SER J 128 -7.35 31.40 99.85
CA SER J 128 -6.23 31.61 98.93
C SER J 128 -5.75 33.06 98.92
N GLY J 129 -6.56 33.99 99.44
CA GLY J 129 -6.18 35.39 99.53
C GLY J 129 -6.97 36.33 98.64
N THR J 130 -7.75 35.81 97.70
CA THR J 130 -8.53 36.63 96.79
C THR J 130 -10.02 36.50 97.10
N ALA J 131 -10.80 37.41 96.51
CA ALA J 131 -12.24 37.43 96.71
C ALA J 131 -12.91 37.85 95.42
N SER J 132 -13.85 37.04 94.94
CA SER J 132 -14.58 37.31 93.71
C SER J 132 -16.07 37.26 94.01
N VAL J 133 -16.78 38.33 93.65
CA VAL J 133 -18.23 38.39 93.76
C VAL J 133 -18.79 38.48 92.35
N VAL J 134 -19.58 37.48 91.97
CA VAL J 134 -20.17 37.39 90.64
C VAL J 134 -21.60 37.90 90.71
N CYS J 135 -21.98 38.76 89.77
N CYS J 135 -21.97 38.77 89.78
CA CYS J 135 -23.33 39.29 89.66
CA CYS J 135 -23.34 39.28 89.67
C CYS J 135 -23.90 38.86 88.31
C CYS J 135 -23.90 38.85 88.32
N LEU J 136 -24.98 38.07 88.35
CA LEU J 136 -25.56 37.50 87.15
C LEU J 136 -26.65 38.40 86.58
N LEU J 137 -26.53 38.71 85.30
CA LEU J 137 -27.58 39.39 84.53
C LEU J 137 -28.10 38.35 83.54
N ASN J 138 -29.27 37.80 83.82
CA ASN J 138 -29.78 36.63 83.12
C ASN J 138 -30.95 36.98 82.20
N ASN J 139 -30.85 36.57 80.94
CA ASN J 139 -31.96 36.58 80.00
C ASN J 139 -32.58 37.98 79.90
N PHE J 140 -31.80 38.90 79.34
CA PHE J 140 -32.23 40.28 79.18
C PHE J 140 -31.91 40.74 77.76
N TYR J 141 -32.72 41.68 77.27
CA TYR J 141 -32.54 42.36 76.00
C TYR J 141 -33.21 43.71 76.15
N PRO J 142 -32.59 44.79 75.63
CA PRO J 142 -31.35 44.80 74.86
C PRO J 142 -30.14 44.44 75.70
N ARG J 143 -28.96 44.44 75.07
CA ARG J 143 -27.73 44.13 75.79
C ARG J 143 -27.27 45.30 76.66
N GLU J 144 -27.61 46.52 76.26
CA GLU J 144 -27.23 47.70 77.03
C GLU J 144 -27.70 47.57 78.47
N ALA J 145 -26.74 47.54 79.41
CA ALA J 145 -27.05 47.45 80.82
C ALA J 145 -25.97 48.19 81.59
N LYS J 146 -26.33 48.64 82.80
CA LYS J 146 -25.39 49.33 83.68
C LYS J 146 -25.30 48.57 84.99
N VAL J 147 -24.10 48.10 85.31
CA VAL J 147 -23.83 47.35 86.53
C VAL J 147 -22.88 48.20 87.38
N GLN J 148 -23.40 48.70 88.50
CA GLN J 148 -22.65 49.53 89.43
C GLN J 148 -22.40 48.74 90.71
N TRP J 149 -21.13 48.57 91.07
CA TRP J 149 -20.80 47.96 92.35
C TRP J 149 -20.72 49.04 93.41
N LYS J 150 -21.30 48.77 94.59
CA LYS J 150 -21.31 49.73 95.70
C LYS J 150 -21.10 48.94 96.98
N VAL J 151 -19.84 48.83 97.39
CA VAL J 151 -19.48 48.21 98.66
C VAL J 151 -19.80 49.18 99.78
N ASP J 152 -20.53 48.72 100.80
CA ASP J 152 -21.23 49.62 101.69
C ASP J 152 -22.03 50.58 100.83
N ASN J 153 -21.78 51.88 100.90
CA ASN J 153 -22.53 52.84 100.09
C ASN J 153 -21.66 53.60 99.10
N ALA J 154 -20.41 53.19 98.90
CA ALA J 154 -19.50 53.87 97.99
C ALA J 154 -19.44 53.14 96.66
N LEU J 155 -19.58 53.90 95.58
CA LEU J 155 -19.49 53.31 94.24
C LEU J 155 -18.04 52.96 93.92
N GLN J 156 -17.83 51.75 93.40
CA GLN J 156 -16.50 51.31 93.03
C GLN J 156 -16.19 51.68 91.59
N SER J 157 -14.91 51.57 91.22
CA SER J 157 -14.46 52.11 89.94
C SER J 157 -13.74 51.08 89.08
N GLY J 158 -12.61 50.56 89.56
CA GLY J 158 -11.76 49.76 88.69
C GLY J 158 -11.44 48.36 89.17
N ASN J 159 -12.38 47.71 89.84
CA ASN J 159 -12.19 46.33 90.27
C ASN J 159 -13.21 45.38 89.66
N SER J 160 -13.99 45.85 88.68
CA SER J 160 -15.06 45.06 88.08
C SER J 160 -14.68 44.66 86.66
N GLN J 161 -14.99 43.42 86.30
CA GLN J 161 -14.77 42.88 84.96
C GLN J 161 -16.05 42.24 84.47
N GLU J 162 -16.50 42.64 83.28
CA GLU J 162 -17.75 42.17 82.71
C GLU J 162 -17.48 41.24 81.54
N SER J 163 -18.36 40.25 81.38
CA SER J 163 -18.38 39.38 80.21
C SER J 163 -19.83 39.03 79.92
N VAL J 164 -20.19 39.07 78.64
CA VAL J 164 -21.56 38.84 78.19
C VAL J 164 -21.55 37.66 77.22
N THR J 165 -22.53 36.77 77.39
CA THR J 165 -22.69 35.64 76.49
C THR J 165 -23.26 36.11 75.15
N GLU J 166 -23.11 35.26 74.13
CA GLU J 166 -23.72 35.54 72.85
C GLU J 166 -25.24 35.49 72.96
N GLN J 167 -25.92 36.04 71.96
CA GLN J 167 -27.37 35.97 71.94
C GLN J 167 -27.81 34.52 71.89
N ASP J 168 -28.75 34.16 72.76
CA ASP J 168 -29.25 32.79 72.81
C ASP J 168 -30.01 32.46 71.54
N SER J 169 -29.84 31.22 71.07
CA SER J 169 -30.42 30.80 69.79
C SER J 169 -31.93 30.60 69.86
N LYS J 170 -32.51 30.49 71.07
CA LYS J 170 -33.93 30.23 71.24
C LYS J 170 -34.73 31.47 71.64
N ASP J 171 -34.34 32.16 72.73
CA ASP J 171 -35.07 33.33 73.21
C ASP J 171 -34.41 34.65 72.82
N SER J 172 -33.25 34.62 72.16
CA SER J 172 -32.62 35.83 71.63
C SER J 172 -32.27 36.84 72.73
N THR J 173 -31.93 36.34 73.91
CA THR J 173 -31.55 37.21 75.03
C THR J 173 -30.06 37.08 75.31
N TYR J 174 -29.52 38.11 75.94
CA TYR J 174 -28.14 38.14 76.40
C TYR J 174 -28.07 37.78 77.88
N SER J 175 -26.86 37.47 78.33
CA SER J 175 -26.59 37.26 79.74
C SER J 175 -25.23 37.83 80.06
N LEU J 176 -25.14 38.58 81.17
CA LEU J 176 -23.94 39.31 81.52
C LEU J 176 -23.50 38.93 82.92
N SER J 177 -22.18 38.92 83.13
CA SER J 177 -21.59 38.70 84.44
C SER J 177 -20.58 39.80 84.71
N SER J 178 -20.60 40.32 85.93
CA SER J 178 -19.66 41.35 86.37
C SER J 178 -18.99 40.83 87.63
N THR J 179 -17.66 40.74 87.60
CA THR J 179 -16.89 40.18 88.69
C THR J 179 -16.08 41.29 89.37
N LEU J 180 -16.30 41.45 90.67
CA LEU J 180 -15.54 42.39 91.48
C LEU J 180 -14.42 41.64 92.17
N THR J 181 -13.18 42.03 91.90
CA THR J 181 -12.00 41.34 92.42
C THR J 181 -11.35 42.21 93.49
N LEU J 182 -11.21 41.66 94.69
CA LEU J 182 -10.58 42.36 95.80
C LEU J 182 -9.79 41.35 96.63
N SER J 183 -8.90 41.88 97.46
CA SER J 183 -8.10 41.04 98.34
C SER J 183 -8.88 40.68 99.59
N LYS J 184 -8.44 39.59 100.24
CA LYS J 184 -9.18 39.08 101.39
C LYS J 184 -9.36 40.14 102.46
N ALA J 185 -8.34 40.96 102.69
CA ALA J 185 -8.41 41.97 103.74
C ALA J 185 -9.45 43.03 103.43
N ASP J 186 -9.46 43.54 102.18
CA ASP J 186 -10.46 44.55 101.82
C ASP J 186 -11.87 43.98 101.89
N TYR J 187 -12.05 42.72 101.54
CA TYR J 187 -13.36 42.09 101.66
C TYR J 187 -13.74 41.90 103.12
N GLU J 188 -12.77 41.51 103.96
CA GLU J 188 -13.04 41.35 105.39
C GLU J 188 -13.29 42.67 106.10
N LYS J 189 -12.79 43.78 105.53
CA LYS J 189 -12.92 45.08 106.20
C LYS J 189 -14.34 45.62 106.14
N HIS J 190 -15.00 45.52 104.97
CA HIS J 190 -16.33 46.09 104.79
C HIS J 190 -17.39 45.01 104.97
N LYS J 191 -18.66 45.44 104.90
CA LYS J 191 -19.78 44.56 105.25
C LYS J 191 -20.71 44.27 104.07
N VAL J 192 -21.52 45.24 103.68
CA VAL J 192 -22.56 45.03 102.69
C VAL J 192 -22.03 45.31 101.29
N TYR J 193 -22.26 44.36 100.38
CA TYR J 193 -21.82 44.47 98.98
C TYR J 193 -23.05 44.39 98.09
N ALA J 194 -23.28 45.44 97.30
CA ALA J 194 -24.48 45.57 96.50
C ALA J 194 -24.14 45.61 95.02
N CYS J 195 -24.93 44.92 94.23
N CYS J 195 -24.94 44.93 94.22
CA CYS J 195 -24.84 44.94 92.76
CA CYS J 195 -24.84 44.94 92.76
C CYS J 195 -26.07 45.68 92.24
C CYS J 195 -26.06 45.67 92.23
N GLU J 196 -25.87 46.93 91.83
CA GLU J 196 -26.96 47.76 91.34
C GLU J 196 -27.03 47.64 89.82
N VAL J 197 -28.17 47.20 89.31
CA VAL J 197 -28.41 47.02 87.88
C VAL J 197 -29.57 47.93 87.48
N THR J 198 -29.38 48.71 86.42
CA THR J 198 -30.45 49.48 85.81
C THR J 198 -30.58 49.06 84.35
N HIS J 199 -31.80 48.82 83.90
CA HIS J 199 -32.03 48.28 82.58
C HIS J 199 -33.39 48.74 82.06
N GLN J 200 -33.54 48.74 80.74
CA GLN J 200 -34.79 49.20 80.14
C GLN J 200 -35.98 48.36 80.61
N GLY J 201 -35.78 47.07 80.87
CA GLY J 201 -36.83 46.21 81.36
C GLY J 201 -37.10 46.32 82.85
N LEU J 202 -36.31 47.11 83.57
CA LEU J 202 -36.44 47.28 85.01
C LEU J 202 -37.18 48.58 85.28
N SER J 203 -38.29 48.49 86.01
CA SER J 203 -39.02 49.69 86.40
C SER J 203 -38.15 50.61 87.24
N SER J 204 -37.24 50.04 88.03
CA SER J 204 -36.36 50.79 88.89
C SER J 204 -34.98 50.16 88.84
N PRO J 205 -33.94 50.92 89.20
CA PRO J 205 -32.63 50.30 89.43
C PRO J 205 -32.70 49.25 90.52
N VAL J 206 -32.60 47.98 90.14
CA VAL J 206 -32.68 46.87 91.08
C VAL J 206 -31.30 46.62 91.66
N THR J 207 -31.23 46.49 92.99
CA THR J 207 -29.96 46.34 93.70
C THR J 207 -30.02 45.09 94.58
N LYS J 208 -29.22 44.09 94.25
CA LYS J 208 -29.09 42.89 95.07
C LYS J 208 -27.85 43.02 95.94
N SER J 209 -27.99 42.67 97.22
CA SER J 209 -26.92 42.88 98.19
C SER J 209 -26.72 41.63 99.04
N PHE J 210 -25.56 41.58 99.69
CA PHE J 210 -25.27 40.57 100.69
C PHE J 210 -24.39 41.20 101.77
N ASN J 211 -24.54 40.73 103.00
CA ASN J 211 -23.88 41.32 104.15
C ASN J 211 -22.86 40.35 104.72
N ARG J 212 -21.59 40.77 104.76
CA ARG J 212 -20.53 40.01 105.39
C ARG J 212 -19.18 40.70 105.20
#